data_5B2T
#
_entry.id   5B2T
#
_cell.length_a   176.967
_cell.length_b   69.448
_cell.length_c   188.199
_cell.angle_alpha   90.000
_cell.angle_beta   109.670
_cell.angle_gamma   90.000
#
_symmetry.space_group_name_H-M   'C 1 2 1'
#
loop_
_entity.id
_entity.type
_entity.pdbx_description
1 polymer 'Guide RNA'
2 polymer 'CRISPR-associated endonuclease Cas9'
3 polymer 'Target DNA'
4 polymer "Non-target DNA, DNA (5'-D(*TP*GP*CP*GP*AP*TP*TP*G)-3')"
5 non-polymer 'POTASSIUM ION'
6 non-polymer 'MAGNESIUM ION'
7 non-polymer 1,2-ETHANEDIOL
8 non-polymer 'ACETATE ION'
9 water water
#
loop_
_entity_poly.entity_id
_entity_poly.type
_entity_poly.pdbx_seq_one_letter_code
_entity_poly.pdbx_strand_id
1 'polyribonucleotide'
;GGAAAUUAGGUGCGCUUGGCGUUUUAGAGCUAGAAAUAGCAAGUUAAAAUAAGGCUAGUCCGUUAUCAACUUGAAAAAGU
G
;
A
2 'polypeptide(L)'
;GSGHMDKKYSIGLAIGTNSVGWAVITDEYKVPSKKFKVLGNTDRHSIKKNLIGALLFDSGETAEATRLKRTARRRYTRRK
NRILYLQEIFSNEMAKVDDSFFHRLEESFLVEEDKKHERHPIFGNIVDEVAYHEKYPTIYHLRKKLVDSTDKADLRLIYL
ALAHMIKFRGHFLIEGDLNPDNSDVDKLFIQLVQTYNQLFEENPINASGVDAKAILSARLSKSRRLENLIAQLPGEKKNG
LFGNLIALSLGLTPNFKSNFDLAEDAKLQLSKDTYDDDLDNLLAQIGDQYADLFLAAKNLSDAILLSDILRVNTEITKAP
LSASMIKRYDEHHQDLTLLKALVRQQLPEKYKEIFFDQSKNGYAGYIDGGASQEEFYKFIKPILEKMDGTEELLVKLNRE
DLLRKQRTFDNGSIPHQIHLGELHAILRRQEDFYPFLKDNREKIEKILTFRIPYYVGPLARGNSRFAWMTRKSEETITPW
NFEEVVDKGASAQSFIERMTNFDKNLPNEKVLPKHSLLYEYFTVYNELTKVKYVTEGMRKPAFLSGEQKKAIVDLLFKTN
RKVTVKQLKEDYFKKIEEFDSVEISGVEDRFNASLGTYHDLLKIIKDKDFLDNEENEDILEDIVLTLTLFEDREMIEERL
KTYAHLFDDKVMKQLKRRRYTGWGRLSRKLINGIRDKQSGKTILDFLKSDGFANRNFMQLIHDDSLTFKEDIQKAQVSGQ
GDSLHEHIANLAGSPAIKKGILQTVKVVDELVKVMGRHKPENIVIEMARENQTTQKGQKNSRERMKRIEEGIKELGSQIL
KEHPVENTQLQNEKLYLYYLQNGRDMYVDQELDINRLSDYDVDAIVPQSFLKDDSIDNKVLTRSDKNRGKSDNVPSEEVV
KKMKNYWRQLLNAKLITQRKFDNLTKAERGGLSELDKAGFIKRQLVETRQITKHVAQILDSRMNTKYDENDKLIREVKVI
TLKSKLVSDFRKDFQFYKVREINNYHHAHDAYLNAVVGTALIKKYPKLESEFVYGDYKVYDVRKMIAKSEQEIGKATAKY
FFYSNIMNFFKTEITLANGEIRKRPLIETNGETGEIVWDKGRDFATVRKVLSMPQVNIVKKTEVQTGGFSKESILPKRNS
DKLIARKKDWDPKKYGGFVSPTVAYSVLVVAKVEKGKSKKLKSVKELLGITIMERSSFEKNPIDFLEAKGYKEVKKDLII
KLPKYSLFELENGRKRMLASARELQKGNELALPSKYVNFLYLASHYEKLKGSPEDNEQKQLFVEQHKHYLDEIIEQISEF
SKRVILADANLDKVLSAYNKHRDKPIREQAENIIHLFTLTNLGAPAAFKYFDTTIDRKEYRSTKEVLDATLIHQSITGLY
ETRIDLSQLGGD
;
B
3 'polydeoxyribonucleotide'
;(DC)(DA)(DA)(DT)(DC)(DG)(DC)(DA)(DG)(DC)(DC)(DA)(DA)(DG)(DC)(DG)(DC)(DA)(DC)(DC)
(DT)(DA)(DA)(DT)(DT)(DT)(DC)(DC)
;
C
4 'polydeoxyribonucleotide' (DT)(DG)(DC)(DG)(DA)(DT)(DT)(DG) D
#
loop_
_chem_comp.id
_chem_comp.type
_chem_comp.name
_chem_comp.formula
A RNA linking ADENOSINE-5'-MONOPHOSPHATE 'C10 H14 N5 O7 P'
ACT non-polymer 'ACETATE ION' 'C2 H3 O2 -1'
C RNA linking CYTIDINE-5'-MONOPHOSPHATE 'C9 H14 N3 O8 P'
DA DNA linking 2'-DEOXYADENOSINE-5'-MONOPHOSPHATE 'C10 H14 N5 O6 P'
DC DNA linking 2'-DEOXYCYTIDINE-5'-MONOPHOSPHATE 'C9 H14 N3 O7 P'
DG DNA linking 2'-DEOXYGUANOSINE-5'-MONOPHOSPHATE 'C10 H14 N5 O7 P'
DT DNA linking THYMIDINE-5'-MONOPHOSPHATE 'C10 H15 N2 O8 P'
EDO non-polymer 1,2-ETHANEDIOL 'C2 H6 O2'
G RNA linking GUANOSINE-5'-MONOPHOSPHATE 'C10 H14 N5 O8 P'
K non-polymer 'POTASSIUM ION' 'K 1'
MG non-polymer 'MAGNESIUM ION' 'Mg 2'
U RNA linking URIDINE-5'-MONOPHOSPHATE 'C9 H13 N2 O9 P'
#
# COMPACT_ATOMS: atom_id res chain seq x y z
N LYS B 7 -23.66 8.72 42.34
CA LYS B 7 -23.27 9.06 40.97
C LYS B 7 -22.82 7.84 40.19
N LYS B 8 -23.64 7.44 39.22
CA LYS B 8 -23.28 6.47 38.21
C LYS B 8 -23.15 7.19 36.87
N TYR B 9 -22.27 6.70 36.01
CA TYR B 9 -22.00 7.40 34.77
C TYR B 9 -21.57 6.40 33.70
N SER B 10 -21.63 6.85 32.46
CA SER B 10 -21.15 6.08 31.31
C SER B 10 -20.26 6.97 30.45
N ILE B 11 -19.41 6.35 29.65
CA ILE B 11 -18.46 7.04 28.79
C ILE B 11 -18.82 6.77 27.34
N GLY B 12 -18.87 7.82 26.54
CA GLY B 12 -19.04 7.71 25.10
C GLY B 12 -17.73 8.04 24.39
N LEU B 13 -17.42 7.27 23.34
CA LEU B 13 -16.15 7.39 22.64
C LEU B 13 -16.37 7.37 21.14
N ALA B 14 -15.68 8.27 20.43
CA ALA B 14 -15.69 8.31 18.97
C ALA B 14 -14.25 8.25 18.49
N ILE B 15 -13.86 7.11 17.93
CA ILE B 15 -12.47 6.82 17.59
C ILE B 15 -12.26 7.08 16.10
N GLY B 16 -11.34 8.00 15.78
CA GLY B 16 -11.02 8.32 14.41
C GLY B 16 -9.52 8.28 14.18
N THR B 17 -9.14 8.54 12.93
CA THR B 17 -7.74 8.53 12.54
C THR B 17 -6.99 9.78 13.02
N ASN B 18 -7.71 10.87 13.28
CA ASN B 18 -7.09 12.11 13.74
C ASN B 18 -7.78 12.68 14.96
N SER B 19 -8.65 11.92 15.62
CA SER B 19 -9.42 12.45 16.73
C SER B 19 -9.93 11.32 17.61
N VAL B 20 -10.13 11.62 18.89
CA VAL B 20 -10.83 10.76 19.83
C VAL B 20 -11.81 11.65 20.58
N GLY B 21 -13.09 11.56 20.20
CA GLY B 21 -14.11 12.25 20.95
C GLY B 21 -14.49 11.49 22.20
N TRP B 22 -14.82 12.24 23.25
CA TRP B 22 -15.16 11.62 24.53
C TRP B 22 -16.20 12.46 25.24
N ALA B 23 -16.98 11.82 26.10
CA ALA B 23 -18.01 12.48 26.87
C ALA B 23 -18.44 11.58 28.01
N VAL B 24 -18.79 12.20 29.14
CA VAL B 24 -19.31 11.51 30.31
C VAL B 24 -20.77 11.91 30.48
N ILE B 25 -21.65 10.94 30.70
CA ILE B 25 -23.06 11.19 30.88
C ILE B 25 -23.54 10.56 32.17
N THR B 26 -24.60 11.13 32.74
CA THR B 26 -25.28 10.54 33.88
C THR B 26 -26.44 9.70 33.37
N ASP B 27 -27.24 9.15 34.31
CA ASP B 27 -28.40 8.38 33.91
C ASP B 27 -29.53 9.26 33.37
N GLU B 28 -29.42 10.57 33.50
CA GLU B 28 -30.34 11.51 32.85
C GLU B 28 -29.82 11.99 31.51
N TYR B 29 -28.81 11.33 30.95
CA TYR B 29 -28.19 11.69 29.68
C TYR B 29 -27.60 13.10 29.68
N LYS B 30 -27.28 13.61 30.87
CA LYS B 30 -26.68 14.93 31.02
C LYS B 30 -25.17 14.82 31.19
N VAL B 31 -24.46 15.82 30.70
CA VAL B 31 -23.01 15.89 30.83
C VAL B 31 -22.68 16.69 32.10
N PRO B 32 -21.92 16.14 33.03
CA PRO B 32 -21.61 16.87 34.26
C PRO B 32 -20.55 17.94 34.02
N SER B 33 -20.56 18.93 34.91
CA SER B 33 -19.52 19.94 34.99
C SER B 33 -18.86 19.85 36.37
N LYS B 34 -17.60 20.28 36.44
CA LYS B 34 -16.82 20.07 37.65
C LYS B 34 -15.71 21.10 37.72
N LYS B 35 -15.38 21.51 38.95
CA LYS B 35 -14.26 22.41 39.18
C LYS B 35 -12.96 21.61 39.26
N PHE B 36 -11.98 22.00 38.46
CA PHE B 36 -10.67 21.37 38.46
C PHE B 36 -9.61 22.36 38.94
N LYS B 37 -8.71 21.88 39.78
CA LYS B 37 -7.62 22.72 40.25
C LYS B 37 -6.70 23.11 39.09
N VAL B 38 -6.24 24.36 39.11
CA VAL B 38 -5.32 24.89 38.11
C VAL B 38 -3.98 25.13 38.79
N LEU B 39 -2.93 24.54 38.23
CA LEU B 39 -1.59 24.70 38.76
C LEU B 39 -0.86 25.84 38.03
N GLY B 40 0.29 26.23 38.59
CA GLY B 40 1.13 27.24 37.99
C GLY B 40 1.30 28.44 38.90
N ASN B 41 1.51 29.61 38.27
CA ASN B 41 1.85 30.83 38.99
C ASN B 41 0.92 31.99 38.64
N THR B 42 -0.29 31.70 38.16
CA THR B 42 -1.21 32.74 37.73
C THR B 42 -2.23 33.05 38.83
N ASP B 43 -3.11 34.00 38.54
CA ASP B 43 -4.17 34.37 39.47
C ASP B 43 -5.19 33.25 39.64
N ARG B 44 -5.37 32.42 38.61
CA ARG B 44 -6.44 31.44 38.62
C ARG B 44 -6.02 30.19 39.39
N HIS B 45 -6.85 29.77 40.34
CA HIS B 45 -6.59 28.59 41.15
C HIS B 45 -7.41 27.39 40.74
N SER B 46 -8.52 27.59 40.01
CA SER B 46 -9.39 26.50 39.60
C SER B 46 -10.21 26.99 38.42
N ILE B 47 -10.94 26.06 37.80
CA ILE B 47 -11.72 26.38 36.61
C ILE B 47 -12.81 25.34 36.44
N LYS B 48 -13.96 25.78 35.94
CA LYS B 48 -15.08 24.89 35.62
C LYS B 48 -14.91 24.33 34.22
N LYS B 49 -15.17 23.03 34.07
CA LYS B 49 -15.08 22.38 32.77
C LYS B 49 -16.20 21.35 32.62
N ASN B 50 -16.82 21.34 31.45
CA ASN B 50 -17.75 20.28 31.10
C ASN B 50 -17.00 19.01 30.76
N LEU B 51 -17.59 17.86 31.11
CA LEU B 51 -16.97 16.57 30.86
C LEU B 51 -17.30 16.07 29.45
N ILE B 52 -16.85 16.85 28.47
CA ILE B 52 -17.04 16.52 27.06
C ILE B 52 -15.95 17.22 26.27
N GLY B 53 -15.38 16.51 25.31
CA GLY B 53 -14.31 17.08 24.51
C GLY B 53 -13.81 16.10 23.47
N ALA B 54 -12.71 16.49 22.83
CA ALA B 54 -12.11 15.66 21.79
C ALA B 54 -10.62 15.93 21.72
N LEU B 55 -9.84 14.85 21.73
CA LEU B 55 -8.39 14.92 21.54
C LEU B 55 -8.08 14.85 20.05
N LEU B 56 -7.26 15.78 19.57
CA LEU B 56 -6.87 15.84 18.16
C LEU B 56 -5.37 15.59 18.03
N PHE B 57 -4.98 14.96 16.92
CA PHE B 57 -3.58 14.62 16.74
C PHE B 57 -3.29 14.40 15.26
N ASP B 58 -2.03 14.66 14.88
CA ASP B 58 -1.58 14.37 13.53
C ASP B 58 -1.56 12.86 13.28
N SER B 59 -1.67 12.50 12.02
CA SER B 59 -1.82 11.10 11.64
C SER B 59 -0.59 10.29 12.01
N GLY B 60 -0.81 9.10 12.57
CA GLY B 60 0.27 8.16 12.73
C GLY B 60 0.70 7.58 11.40
N GLU B 61 2.00 7.35 11.27
CA GLU B 61 2.60 6.95 10.00
C GLU B 61 3.05 5.50 10.04
N THR B 62 2.94 4.83 8.89
CA THR B 62 3.53 3.51 8.74
C THR B 62 5.06 3.62 8.75
N ALA B 63 5.72 2.47 8.83
CA ALA B 63 7.17 2.41 8.81
C ALA B 63 7.75 2.29 7.41
N GLU B 64 6.90 2.32 6.38
CA GLU B 64 7.36 2.02 5.02
C GLU B 64 8.40 3.02 4.54
N ALA B 65 8.12 4.32 4.69
CA ALA B 65 9.08 5.34 4.25
C ALA B 65 10.41 5.19 4.97
N THR B 66 10.36 4.94 6.28
CA THR B 66 11.59 4.69 7.04
C THR B 66 12.32 3.46 6.52
N ARG B 67 11.56 2.45 6.09
CA ARG B 67 12.18 1.22 5.58
C ARG B 67 12.89 1.46 4.25
N LEU B 68 12.26 2.22 3.35
CA LEU B 68 12.86 2.48 2.05
C LEU B 68 14.14 3.30 2.19
N LYS B 69 14.15 4.26 3.11
CA LYS B 69 15.36 5.05 3.33
C LYS B 69 16.45 4.22 4.00
N ARG B 70 16.07 3.27 4.86
CA ARG B 70 17.06 2.39 5.48
C ARG B 70 17.72 1.50 4.43
N THR B 71 16.94 1.00 3.47
CA THR B 71 17.50 0.19 2.39
C THR B 71 18.40 1.03 1.49
N ALA B 72 18.01 2.28 1.21
CA ALA B 72 18.83 3.13 0.36
C ALA B 72 20.18 3.42 1.00
N ARG B 73 20.21 3.62 2.31
CA ARG B 73 21.48 3.87 3.00
C ARG B 73 22.41 2.65 2.90
N ARG B 74 21.86 1.45 3.10
CA ARG B 74 22.67 0.24 2.98
C ARG B 74 23.29 0.12 1.59
N ARG B 75 22.54 0.47 0.55
CA ARG B 75 23.03 0.30 -0.81
C ARG B 75 24.06 1.35 -1.19
N TYR B 76 23.96 2.57 -0.66
CA TYR B 76 25.03 3.53 -0.88
C TYR B 76 26.30 3.13 -0.14
N THR B 77 26.15 2.55 1.07
CA THR B 77 27.30 2.03 1.79
C THR B 77 27.97 0.90 1.01
N ARG B 78 27.18 -0.01 0.46
CA ARG B 78 27.72 -1.17 -0.23
C ARG B 78 28.25 -0.80 -1.62
N ARG B 79 27.63 0.18 -2.29
CA ARG B 79 28.18 0.64 -3.56
C ARG B 79 29.57 1.24 -3.36
N LYS B 80 29.75 2.02 -2.30
CA LYS B 80 31.06 2.58 -2.00
C LYS B 80 32.07 1.49 -1.69
N ASN B 81 31.66 0.45 -0.96
CA ASN B 81 32.58 -0.63 -0.64
C ASN B 81 33.02 -1.39 -1.89
N ARG B 82 32.14 -1.49 -2.90
CA ARG B 82 32.54 -2.13 -4.15
C ARG B 82 33.70 -1.39 -4.79
N ILE B 83 33.65 -0.06 -4.79
CA ILE B 83 34.76 0.73 -5.31
C ILE B 83 35.99 0.58 -4.42
N LEU B 84 35.79 0.55 -3.09
CA LEU B 84 36.90 0.38 -2.18
C LEU B 84 37.57 -0.98 -2.35
N TYR B 85 36.78 -2.03 -2.58
CA TYR B 85 37.34 -3.34 -2.89
C TYR B 85 38.21 -3.26 -4.14
N LEU B 86 37.75 -2.55 -5.17
CA LEU B 86 38.50 -2.48 -6.42
C LEU B 86 39.78 -1.66 -6.27
N GLN B 87 39.71 -0.57 -5.50
CA GLN B 87 40.90 0.27 -5.33
C GLN B 87 41.97 -0.45 -4.52
N GLU B 88 41.56 -1.24 -3.51
CA GLU B 88 42.52 -2.02 -2.74
C GLU B 88 43.26 -3.01 -3.64
N ILE B 89 42.58 -3.56 -4.64
CA ILE B 89 43.25 -4.48 -5.56
C ILE B 89 44.24 -3.74 -6.43
N PHE B 90 43.88 -2.54 -6.90
CA PHE B 90 44.76 -1.73 -7.73
C PHE B 90 45.83 -0.99 -6.94
N SER B 91 45.77 -1.01 -5.61
CA SER B 91 46.50 -0.06 -4.78
C SER B 91 48.01 -0.13 -5.04
N ASN B 92 48.61 -1.32 -4.90
CA ASN B 92 50.06 -1.43 -4.97
C ASN B 92 50.59 -1.05 -6.35
N GLU B 93 49.92 -1.51 -7.40
CA GLU B 93 50.41 -1.24 -8.75
C GLU B 93 50.11 0.19 -9.19
N MET B 94 48.96 0.74 -8.79
CA MET B 94 48.66 2.12 -9.11
C MET B 94 49.65 3.08 -8.45
N ALA B 95 50.20 2.71 -7.30
CA ALA B 95 51.19 3.55 -6.64
C ALA B 95 52.45 3.69 -7.47
N LYS B 96 52.74 2.72 -8.34
CA LYS B 96 53.91 2.80 -9.19
C LYS B 96 53.65 3.64 -10.43
N VAL B 97 52.40 3.74 -10.86
CA VAL B 97 52.03 4.54 -12.03
C VAL B 97 51.74 5.98 -11.64
N ASP B 98 50.95 6.17 -10.59
CA ASP B 98 50.51 7.51 -10.18
C ASP B 98 50.06 7.40 -8.72
N ASP B 99 50.92 7.81 -7.81
CA ASP B 99 50.69 7.61 -6.38
C ASP B 99 49.67 8.58 -5.79
N SER B 100 49.10 9.49 -6.59
CA SER B 100 48.06 10.38 -6.11
C SER B 100 46.80 10.32 -6.97
N PHE B 101 46.67 9.27 -7.79
CA PHE B 101 45.50 9.15 -8.67
C PHE B 101 44.21 8.98 -7.86
N PHE B 102 44.19 8.03 -6.93
CA PHE B 102 43.00 7.82 -6.11
C PHE B 102 42.72 9.03 -5.23
N HIS B 103 43.75 9.77 -4.83
CA HIS B 103 43.55 10.99 -4.05
C HIS B 103 42.76 12.03 -4.86
N ARG B 104 43.15 12.23 -6.13
CA ARG B 104 42.46 13.21 -6.95
C ARG B 104 41.01 12.81 -7.21
N LEU B 105 40.73 11.50 -7.30
CA LEU B 105 39.36 11.05 -7.44
C LEU B 105 38.51 11.40 -6.22
N GLU B 106 39.07 11.19 -5.02
CA GLU B 106 38.29 11.44 -3.81
C GLU B 106 38.01 12.92 -3.60
N GLU B 107 38.95 13.80 -3.99
CA GLU B 107 38.77 15.24 -3.81
C GLU B 107 38.26 15.93 -5.08
N SER B 108 37.72 15.16 -6.04
CA SER B 108 37.22 15.78 -7.26
C SER B 108 36.11 16.78 -6.99
N PHE B 109 35.39 16.62 -5.88
CA PHE B 109 34.27 17.52 -5.58
C PHE B 109 34.76 18.87 -5.06
N LEU B 110 35.95 18.92 -4.46
CA LEU B 110 36.43 20.12 -3.81
C LEU B 110 36.80 21.19 -4.83
N VAL B 111 36.55 22.45 -4.47
CA VAL B 111 36.99 23.56 -5.31
C VAL B 111 38.52 23.57 -5.35
N GLU B 112 39.06 24.24 -6.36
CA GLU B 112 40.50 24.27 -6.54
C GLU B 112 41.21 24.83 -5.31
N GLU B 113 40.60 25.82 -4.64
CA GLU B 113 41.21 26.38 -3.45
C GLU B 113 41.36 25.33 -2.35
N ASP B 114 40.42 24.40 -2.24
CA ASP B 114 40.45 23.37 -1.21
C ASP B 114 41.14 22.09 -1.66
N LYS B 115 41.42 21.93 -2.95
CA LYS B 115 42.11 20.73 -3.41
C LYS B 115 43.54 20.70 -2.88
N LYS B 116 44.04 19.49 -2.62
CA LYS B 116 45.44 19.32 -2.25
C LYS B 116 46.31 18.91 -3.42
N HIS B 117 45.74 18.38 -4.49
CA HIS B 117 46.47 17.95 -5.68
C HIS B 117 45.98 18.75 -6.89
N GLU B 118 46.62 18.51 -8.03
CA GLU B 118 46.25 19.20 -9.26
C GLU B 118 44.80 18.88 -9.62
N ARG B 119 44.14 19.86 -10.25
CA ARG B 119 42.69 19.81 -10.39
C ARG B 119 42.20 18.85 -11.47
N HIS B 120 43.08 18.33 -12.32
CA HIS B 120 42.66 17.41 -13.36
C HIS B 120 42.80 15.98 -12.85
N PRO B 121 41.69 15.26 -12.62
CA PRO B 121 41.78 14.04 -11.81
C PRO B 121 42.52 12.90 -12.49
N ILE B 122 42.31 12.68 -13.79
CA ILE B 122 42.79 11.47 -14.42
C ILE B 122 44.31 11.48 -14.54
N PHE B 123 44.88 12.55 -15.10
CA PHE B 123 46.31 12.58 -15.41
C PHE B 123 47.10 13.63 -14.65
N GLY B 124 46.45 14.61 -14.02
CA GLY B 124 47.17 15.59 -13.24
C GLY B 124 47.77 16.74 -14.02
N ASN B 125 47.45 16.86 -15.31
CA ASN B 125 47.89 18.01 -16.10
C ASN B 125 46.87 18.26 -17.20
N ILE B 126 46.84 19.50 -17.70
CA ILE B 126 45.73 19.92 -18.54
C ILE B 126 45.88 19.37 -19.96
N VAL B 127 47.10 19.27 -20.48
CA VAL B 127 47.26 18.81 -21.86
C VAL B 127 46.85 17.34 -21.99
N ASP B 128 47.23 16.52 -21.03
CA ASP B 128 46.81 15.11 -21.06
C ASP B 128 45.32 14.97 -20.79
N GLU B 129 44.78 15.79 -19.89
CA GLU B 129 43.36 15.70 -19.57
C GLU B 129 42.49 16.13 -20.76
N VAL B 130 42.90 17.20 -21.45
CA VAL B 130 42.14 17.65 -22.62
C VAL B 130 42.18 16.60 -23.72
N ALA B 131 43.35 15.99 -23.94
CA ALA B 131 43.47 14.99 -24.99
C ALA B 131 42.65 13.74 -24.71
N TYR B 132 42.45 13.40 -23.43
CA TYR B 132 41.64 12.23 -23.11
C TYR B 132 40.19 12.43 -23.55
N HIS B 133 39.58 13.55 -23.16
CA HIS B 133 38.19 13.78 -23.54
C HIS B 133 38.02 13.99 -25.04
N GLU B 134 39.04 14.55 -25.70
CA GLU B 134 39.01 14.66 -27.15
C GLU B 134 38.94 13.29 -27.80
N LYS B 135 39.65 12.31 -27.24
CA LYS B 135 39.65 10.99 -27.84
C LYS B 135 38.48 10.14 -27.35
N TYR B 136 38.11 10.27 -26.07
CA TYR B 136 37.02 9.52 -25.46
C TYR B 136 35.98 10.49 -24.90
N PRO B 137 35.11 11.03 -25.75
CA PRO B 137 34.10 11.99 -25.25
C PRO B 137 33.13 11.40 -24.25
N THR B 138 32.92 10.08 -24.26
CA THR B 138 32.12 9.41 -23.25
C THR B 138 32.92 8.25 -22.66
N ILE B 139 32.53 7.83 -21.45
CA ILE B 139 33.18 6.67 -20.84
C ILE B 139 32.97 5.43 -21.67
N TYR B 140 31.90 5.38 -22.48
CA TYR B 140 31.65 4.21 -23.30
C TYR B 140 32.61 4.12 -24.48
N HIS B 141 33.12 5.26 -24.95
CA HIS B 141 34.21 5.22 -25.92
C HIS B 141 35.42 4.50 -25.34
N LEU B 142 35.74 4.76 -24.07
CA LEU B 142 36.87 4.09 -23.44
C LEU B 142 36.56 2.64 -23.16
N ARG B 143 35.33 2.33 -22.74
CA ARG B 143 34.97 0.95 -22.43
C ARG B 143 35.08 0.06 -23.66
N LYS B 144 34.52 0.51 -24.80
CA LYS B 144 34.60 -0.29 -26.01
C LYS B 144 36.03 -0.45 -26.49
N LYS B 145 36.83 0.62 -26.41
CA LYS B 145 38.21 0.54 -26.87
C LYS B 145 39.01 -0.44 -26.03
N LEU B 146 38.82 -0.43 -24.71
CA LEU B 146 39.54 -1.36 -23.86
C LEU B 146 39.07 -2.80 -24.05
N VAL B 147 37.90 -2.99 -24.66
CA VAL B 147 37.41 -4.34 -24.91
C VAL B 147 37.98 -4.90 -26.21
N ASP B 148 38.08 -4.07 -27.24
CA ASP B 148 38.41 -4.51 -28.59
C ASP B 148 39.89 -4.34 -28.96
N SER B 149 40.67 -3.60 -28.18
CA SER B 149 42.04 -3.31 -28.55
C SER B 149 43.01 -4.25 -27.85
N THR B 150 44.09 -4.60 -28.54
CA THR B 150 45.13 -5.46 -28.00
C THR B 150 46.29 -4.69 -27.38
N ASP B 151 46.30 -3.36 -27.50
CA ASP B 151 47.39 -2.57 -26.95
C ASP B 151 47.34 -2.52 -25.43
N LYS B 152 48.52 -2.45 -24.81
CA LYS B 152 48.60 -2.20 -23.38
C LYS B 152 48.03 -0.84 -23.07
N ALA B 153 47.19 -0.77 -22.04
CA ALA B 153 46.45 0.44 -21.70
C ALA B 153 46.96 1.04 -20.40
N ASP B 154 46.80 2.36 -20.29
CA ASP B 154 47.15 3.05 -19.05
C ASP B 154 46.35 2.48 -17.90
N LEU B 155 47.04 2.18 -16.79
CA LEU B 155 46.38 1.55 -15.66
C LEU B 155 45.28 2.43 -15.08
N ARG B 156 45.41 3.75 -15.21
CA ARG B 156 44.39 4.66 -14.69
C ARG B 156 43.11 4.58 -15.53
N LEU B 157 43.25 4.41 -16.85
CA LEU B 157 42.06 4.26 -17.68
C LEU B 157 41.43 2.90 -17.52
N ILE B 158 42.24 1.86 -17.29
CA ILE B 158 41.70 0.54 -16.98
C ILE B 158 40.82 0.61 -15.73
N TYR B 159 41.32 1.28 -14.69
CA TYR B 159 40.54 1.38 -13.46
C TYR B 159 39.21 2.08 -13.68
N LEU B 160 39.23 3.22 -14.39
CA LEU B 160 38.02 4.01 -14.55
C LEU B 160 36.94 3.23 -15.30
N ALA B 161 37.34 2.44 -16.31
CA ALA B 161 36.37 1.64 -17.05
C ALA B 161 35.81 0.52 -16.18
N LEU B 162 36.66 -0.14 -15.38
CA LEU B 162 36.18 -1.20 -14.50
C LEU B 162 35.32 -0.63 -13.37
N ALA B 163 35.72 0.52 -12.82
CA ALA B 163 34.94 1.13 -11.76
C ALA B 163 33.58 1.57 -12.25
N HIS B 164 33.51 2.08 -13.49
CA HIS B 164 32.23 2.52 -14.05
C HIS B 164 31.26 1.35 -14.21
N MET B 165 31.78 0.17 -14.55
CA MET B 165 30.90 -0.99 -14.68
C MET B 165 30.50 -1.54 -13.31
N ILE B 166 31.39 -1.45 -12.33
CA ILE B 166 31.08 -1.96 -10.99
C ILE B 166 30.17 -1.00 -10.24
N LYS B 167 30.35 0.31 -10.42
CA LYS B 167 29.52 1.27 -9.71
C LYS B 167 28.09 1.27 -10.22
N PHE B 168 27.91 1.15 -11.54
CA PHE B 168 26.59 1.12 -12.16
C PHE B 168 26.49 -0.20 -12.92
N ARG B 169 26.09 -1.26 -12.21
CA ARG B 169 26.36 -2.63 -12.66
C ARG B 169 25.18 -3.30 -13.33
N GLY B 170 23.97 -2.73 -13.29
CA GLY B 170 22.83 -3.34 -13.92
C GLY B 170 22.11 -4.33 -13.02
N HIS B 171 20.93 -4.77 -13.48
CA HIS B 171 20.00 -5.49 -12.62
C HIS B 171 20.32 -6.98 -12.56
N PHE B 172 19.60 -7.67 -11.69
CA PHE B 172 19.76 -9.10 -11.43
C PHE B 172 18.45 -9.84 -11.60
N LEU B 173 17.66 -9.44 -12.60
CA LEU B 173 16.35 -10.02 -12.85
C LEU B 173 16.40 -11.23 -13.78
N ILE B 174 17.55 -11.50 -14.40
CA ILE B 174 17.71 -12.66 -15.28
C ILE B 174 18.69 -13.62 -14.63
N GLU B 175 18.31 -14.88 -14.55
CA GLU B 175 19.14 -15.92 -13.96
C GLU B 175 20.06 -16.52 -15.03
N GLY B 176 21.23 -16.95 -14.59
CA GLY B 176 22.17 -17.61 -15.48
C GLY B 176 23.06 -16.64 -16.24
N ASP B 177 23.64 -17.15 -17.32
CA ASP B 177 24.59 -16.39 -18.13
C ASP B 177 23.91 -15.85 -19.37
N LEU B 178 24.35 -14.67 -19.80
CA LEU B 178 23.89 -14.05 -21.03
C LEU B 178 25.06 -13.92 -21.99
N ASN B 179 24.86 -14.38 -23.22
CA ASN B 179 25.86 -14.22 -24.29
C ASN B 179 25.15 -13.68 -25.51
N PRO B 180 25.18 -12.36 -25.73
CA PRO B 180 24.43 -11.78 -26.85
C PRO B 180 25.01 -12.19 -28.19
N ASP B 181 24.10 -12.52 -29.12
CA ASP B 181 24.48 -12.88 -30.49
C ASP B 181 23.44 -12.29 -31.43
N ASN B 182 23.88 -11.35 -32.26
CA ASN B 182 23.00 -10.61 -33.17
C ASN B 182 22.97 -11.19 -34.58
N SER B 183 23.87 -12.12 -34.90
CA SER B 183 24.17 -12.41 -36.30
C SER B 183 23.03 -13.12 -37.02
N ASP B 184 22.33 -14.02 -36.34
CA ASP B 184 21.45 -14.98 -37.01
C ASP B 184 19.96 -14.68 -36.77
N VAL B 185 19.59 -13.41 -36.67
CA VAL B 185 18.17 -13.09 -36.54
C VAL B 185 17.42 -13.45 -37.82
N ASP B 186 18.01 -13.16 -38.98
CA ASP B 186 17.39 -13.52 -40.25
C ASP B 186 17.34 -15.03 -40.44
N LYS B 187 18.43 -15.73 -40.12
CA LYS B 187 18.46 -17.17 -40.33
C LYS B 187 17.52 -17.89 -39.37
N LEU B 188 17.42 -17.42 -38.14
CA LEU B 188 16.54 -18.09 -37.17
C LEU B 188 15.08 -17.88 -37.49
N PHE B 189 14.72 -16.70 -38.02
CA PHE B 189 13.34 -16.48 -38.43
C PHE B 189 12.97 -17.35 -39.63
N ILE B 190 13.89 -17.50 -40.58
CA ILE B 190 13.66 -18.39 -41.71
C ILE B 190 13.55 -19.83 -41.24
N GLN B 191 14.30 -20.21 -40.20
CA GLN B 191 14.20 -21.58 -39.69
C GLN B 191 12.88 -21.81 -38.95
N LEU B 192 12.36 -20.80 -38.27
CA LEU B 192 11.05 -20.92 -37.65
C LEU B 192 9.96 -21.02 -38.71
N VAL B 193 10.07 -20.23 -39.78
CA VAL B 193 9.14 -20.34 -40.90
C VAL B 193 9.25 -21.71 -41.56
N GLN B 194 10.48 -22.19 -41.75
CA GLN B 194 10.68 -23.52 -42.31
C GLN B 194 10.15 -24.61 -41.38
N THR B 195 10.27 -24.40 -40.07
CA THR B 195 9.73 -25.35 -39.12
C THR B 195 8.20 -25.34 -39.15
N TYR B 196 7.61 -24.16 -39.31
CA TYR B 196 6.16 -24.05 -39.33
C TYR B 196 5.57 -24.62 -40.61
N ASN B 197 6.26 -24.43 -41.74
CA ASN B 197 5.71 -24.89 -43.02
C ASN B 197 5.78 -26.42 -43.15
N GLN B 198 6.76 -27.06 -42.51
CA GLN B 198 6.82 -28.51 -42.53
C GLN B 198 5.69 -29.15 -41.72
N LEU B 199 5.08 -28.38 -40.80
CA LEU B 199 3.99 -28.87 -39.99
C LEU B 199 2.62 -28.47 -40.52
N PHE B 200 2.57 -27.56 -41.51
CA PHE B 200 1.32 -27.12 -42.13
C PHE B 200 1.58 -26.90 -43.62
N GLU B 201 1.77 -28.01 -44.36
CA GLU B 201 2.07 -27.91 -45.78
C GLU B 201 0.90 -27.36 -46.57
N GLU B 202 -0.33 -27.52 -46.07
CA GLU B 202 -1.50 -27.04 -46.81
C GLU B 202 -1.53 -25.51 -46.87
N ASN B 203 -1.14 -24.84 -45.80
CA ASN B 203 -1.12 -23.38 -45.74
C ASN B 203 0.24 -22.92 -45.22
N PRO B 204 1.27 -22.95 -46.06
CA PRO B 204 2.59 -22.47 -45.64
C PRO B 204 2.64 -20.95 -45.65
N ILE B 205 3.74 -20.43 -45.10
CA ILE B 205 3.97 -18.99 -45.00
C ILE B 205 5.22 -18.65 -45.79
N ASN B 206 5.12 -17.66 -46.66
CA ASN B 206 6.23 -17.25 -47.52
C ASN B 206 7.06 -16.20 -46.80
N ALA B 207 8.35 -16.49 -46.59
CA ALA B 207 9.26 -15.49 -46.07
C ALA B 207 9.35 -14.30 -47.02
N SER B 208 9.86 -14.52 -48.23
CA SER B 208 9.80 -13.57 -49.32
C SER B 208 10.40 -12.22 -48.94
N GLY B 209 11.66 -12.26 -48.49
CA GLY B 209 12.39 -11.04 -48.21
C GLY B 209 11.78 -10.16 -47.14
N VAL B 210 11.01 -10.73 -46.22
CA VAL B 210 10.51 -9.96 -45.08
C VAL B 210 11.69 -9.71 -44.15
N ASP B 211 12.08 -8.43 -44.01
CA ASP B 211 13.24 -8.05 -43.21
C ASP B 211 12.91 -8.26 -41.73
N ALA B 212 13.03 -9.52 -41.29
CA ALA B 212 12.74 -9.84 -39.90
C ALA B 212 13.74 -9.20 -38.95
N LYS B 213 15.01 -9.07 -39.36
CA LYS B 213 16.01 -8.47 -38.49
C LYS B 213 15.70 -6.99 -38.23
N ALA B 214 15.21 -6.28 -39.25
CA ALA B 214 14.87 -4.88 -39.06
C ALA B 214 13.57 -4.72 -38.28
N ILE B 215 12.58 -5.56 -38.57
CA ILE B 215 11.28 -5.42 -37.91
C ILE B 215 11.38 -5.80 -36.43
N LEU B 216 12.11 -6.87 -36.13
CA LEU B 216 12.16 -7.37 -34.75
C LEU B 216 13.12 -6.56 -33.88
N SER B 217 14.17 -6.00 -34.46
CA SER B 217 15.14 -5.21 -33.69
C SER B 217 14.86 -3.72 -33.73
N ALA B 218 13.70 -3.32 -34.26
CA ALA B 218 13.37 -1.90 -34.33
C ALA B 218 13.01 -1.37 -32.95
N ARG B 219 13.18 -0.06 -32.78
CA ARG B 219 12.95 0.61 -31.49
C ARG B 219 11.47 0.92 -31.33
N LEU B 220 10.68 -0.14 -31.21
CA LEU B 220 9.26 -0.07 -30.92
C LEU B 220 8.92 -1.07 -29.83
N SER B 221 7.67 -1.03 -29.38
CA SER B 221 7.22 -1.96 -28.37
C SER B 221 7.09 -3.37 -28.95
N LYS B 222 7.04 -4.35 -28.05
CA LYS B 222 6.90 -5.74 -28.48
C LYS B 222 5.61 -5.94 -29.27
N SER B 223 4.50 -5.34 -28.81
CA SER B 223 3.24 -5.48 -29.53
C SER B 223 3.27 -4.73 -30.86
N ARG B 224 3.96 -3.60 -30.92
CA ARG B 224 4.03 -2.85 -32.18
C ARG B 224 4.85 -3.60 -33.23
N ARG B 225 6.00 -4.16 -32.83
CA ARG B 225 6.79 -4.94 -33.77
C ARG B 225 6.08 -6.21 -34.18
N LEU B 226 5.23 -6.77 -33.31
CA LEU B 226 4.42 -7.91 -33.70
C LEU B 226 3.44 -7.55 -34.81
N GLU B 227 2.86 -6.36 -34.74
CA GLU B 227 1.94 -5.92 -35.77
C GLU B 227 2.65 -5.68 -37.09
N ASN B 228 3.84 -5.06 -37.04
CA ASN B 228 4.59 -4.78 -38.27
C ASN B 228 5.03 -6.07 -38.96
N LEU B 229 5.33 -7.11 -38.18
CA LEU B 229 5.71 -8.39 -38.77
C LEU B 229 4.51 -9.10 -39.39
N ILE B 230 3.37 -9.10 -38.68
CA ILE B 230 2.18 -9.73 -39.21
C ILE B 230 1.68 -9.00 -40.45
N ALA B 231 1.85 -7.67 -40.50
CA ALA B 231 1.42 -6.91 -41.67
C ALA B 231 2.16 -7.34 -42.94
N GLN B 232 3.42 -7.78 -42.79
CA GLN B 232 4.19 -8.25 -43.94
C GLN B 232 3.76 -9.63 -44.41
N LEU B 233 2.88 -10.30 -43.68
CA LEU B 233 2.40 -11.65 -44.05
C LEU B 233 0.92 -11.59 -44.35
N PRO B 234 0.51 -11.66 -45.61
CA PRO B 234 -0.92 -11.63 -45.93
C PRO B 234 -1.59 -12.93 -45.50
N GLY B 235 -2.81 -12.81 -44.98
CA GLY B 235 -3.58 -13.94 -44.55
C GLY B 235 -3.34 -14.38 -43.12
N GLU B 236 -2.23 -13.97 -42.52
CA GLU B 236 -1.92 -14.32 -41.14
C GLU B 236 -2.49 -13.28 -40.19
N LYS B 237 -3.11 -13.74 -39.11
CA LYS B 237 -3.61 -12.87 -38.07
C LYS B 237 -2.59 -12.76 -36.93
N LYS B 238 -2.65 -11.66 -36.20
CA LYS B 238 -1.74 -11.47 -35.08
C LYS B 238 -1.95 -12.54 -34.00
N ASN B 239 -3.19 -12.98 -33.81
CA ASN B 239 -3.51 -14.02 -32.84
C ASN B 239 -3.51 -15.41 -33.43
N GLY B 240 -3.16 -15.56 -34.71
CA GLY B 240 -3.01 -16.86 -35.30
C GLY B 240 -1.86 -17.63 -34.68
N LEU B 241 -1.73 -18.89 -35.09
CA LEU B 241 -0.70 -19.76 -34.52
C LEU B 241 0.70 -19.18 -34.75
N PHE B 242 0.99 -18.79 -35.99
CA PHE B 242 2.29 -18.19 -36.27
C PHE B 242 2.45 -16.84 -35.58
N GLY B 243 1.36 -16.08 -35.45
CA GLY B 243 1.45 -14.80 -34.77
C GLY B 243 1.76 -14.96 -33.29
N ASN B 244 1.15 -15.96 -32.64
CA ASN B 244 1.44 -16.20 -31.23
C ASN B 244 2.87 -16.70 -31.04
N LEU B 245 3.40 -17.45 -31.99
CA LEU B 245 4.80 -17.87 -31.90
C LEU B 245 5.74 -16.67 -31.98
N ILE B 246 5.43 -15.72 -32.85
CA ILE B 246 6.23 -14.49 -32.91
C ILE B 246 6.09 -13.71 -31.62
N ALA B 247 4.87 -13.63 -31.08
CA ALA B 247 4.68 -12.95 -29.79
C ALA B 247 5.42 -13.66 -28.68
N LEU B 248 5.54 -14.98 -28.75
CA LEU B 248 6.30 -15.71 -27.75
C LEU B 248 7.79 -15.38 -27.83
N SER B 249 8.33 -15.34 -29.05
CA SER B 249 9.75 -15.02 -29.22
C SER B 249 10.06 -13.60 -28.78
N LEU B 250 9.07 -12.71 -28.83
CA LEU B 250 9.27 -11.33 -28.41
C LEU B 250 9.24 -11.16 -26.89
N GLY B 251 8.77 -12.15 -26.15
CA GLY B 251 8.67 -12.06 -24.71
C GLY B 251 7.27 -11.77 -24.18
N LEU B 252 6.25 -11.86 -25.01
CA LEU B 252 4.88 -11.61 -24.60
C LEU B 252 4.29 -12.88 -23.98
N THR B 253 2.99 -12.85 -23.67
CA THR B 253 2.30 -13.98 -23.06
C THR B 253 1.13 -14.37 -23.96
N PRO B 254 1.40 -15.06 -25.07
CA PRO B 254 0.31 -15.50 -25.94
C PRO B 254 -0.47 -16.64 -25.32
N ASN B 255 -1.71 -16.77 -25.74
CA ASN B 255 -2.60 -17.83 -25.30
C ASN B 255 -2.90 -18.73 -26.49
N PHE B 256 -2.40 -19.96 -26.45
CA PHE B 256 -2.60 -20.93 -27.51
C PHE B 256 -3.89 -21.73 -27.34
N LYS B 257 -4.82 -21.25 -26.51
CA LYS B 257 -6.07 -21.98 -26.29
C LYS B 257 -6.91 -22.04 -27.56
N SER B 258 -7.08 -20.90 -28.23
CA SER B 258 -7.90 -20.87 -29.43
C SER B 258 -7.21 -21.52 -30.63
N ASN B 259 -5.87 -21.51 -30.64
CA ASN B 259 -5.14 -22.09 -31.77
C ASN B 259 -5.38 -23.59 -31.91
N PHE B 260 -5.55 -24.28 -30.78
CA PHE B 260 -5.70 -25.74 -30.79
C PHE B 260 -7.07 -26.19 -30.29
N ASP B 261 -8.03 -25.26 -30.20
CA ASP B 261 -9.40 -25.57 -29.79
C ASP B 261 -9.42 -26.25 -28.42
N LEU B 262 -8.58 -25.77 -27.51
CA LEU B 262 -8.49 -26.35 -26.18
C LEU B 262 -9.63 -25.88 -25.29
N ALA B 263 -9.85 -26.61 -24.20
CA ALA B 263 -10.86 -26.28 -23.22
C ALA B 263 -10.31 -25.52 -22.02
N GLU B 264 -9.03 -25.15 -22.07
CA GLU B 264 -8.40 -24.43 -20.97
C GLU B 264 -7.37 -23.46 -21.54
N ASP B 265 -6.96 -22.52 -20.70
CA ASP B 265 -5.94 -21.55 -21.12
C ASP B 265 -4.60 -22.24 -21.31
N ALA B 266 -3.89 -21.84 -22.38
CA ALA B 266 -2.57 -22.38 -22.71
C ALA B 266 -1.59 -21.22 -22.87
N LYS B 267 -1.44 -20.44 -21.80
CA LYS B 267 -0.59 -19.26 -21.84
C LYS B 267 0.86 -19.63 -21.58
N LEU B 268 1.76 -19.02 -22.35
CA LEU B 268 3.18 -19.32 -22.26
C LEU B 268 3.98 -18.03 -22.34
N GLN B 269 5.02 -17.93 -21.51
CA GLN B 269 6.05 -16.91 -21.66
C GLN B 269 7.38 -17.50 -21.26
N LEU B 270 8.40 -17.32 -22.10
CA LEU B 270 9.67 -18.01 -21.93
C LEU B 270 10.41 -17.57 -20.68
N SER B 271 10.12 -16.38 -20.15
CA SER B 271 10.89 -15.86 -19.01
C SER B 271 10.48 -16.48 -17.69
N LYS B 272 9.22 -16.90 -17.55
CA LYS B 272 8.78 -17.49 -16.30
C LYS B 272 9.37 -18.89 -16.13
N ASP B 273 9.73 -19.23 -14.89
CA ASP B 273 10.32 -20.54 -14.61
C ASP B 273 9.32 -21.67 -14.82
N THR B 274 8.02 -21.38 -14.90
CA THR B 274 7.01 -22.38 -15.16
C THR B 274 6.91 -22.78 -16.62
N TYR B 275 7.69 -22.15 -17.51
CA TYR B 275 7.51 -22.37 -18.94
C TYR B 275 7.77 -23.81 -19.32
N ASP B 276 8.82 -24.42 -18.77
CA ASP B 276 9.14 -25.80 -19.13
C ASP B 276 8.00 -26.75 -18.78
N ASP B 277 7.34 -26.53 -17.64
CA ASP B 277 6.19 -27.35 -17.29
C ASP B 277 4.97 -26.99 -18.14
N ASP B 278 4.75 -25.69 -18.38
CA ASP B 278 3.59 -25.27 -19.14
C ASP B 278 3.67 -25.75 -20.59
N LEU B 279 4.88 -25.72 -21.18
CA LEU B 279 5.05 -26.21 -22.54
C LEU B 279 4.77 -27.70 -22.62
N ASP B 280 5.19 -28.46 -21.61
CA ASP B 280 4.90 -29.89 -21.58
C ASP B 280 3.41 -30.15 -21.39
N ASN B 281 2.74 -29.30 -20.60
CA ASN B 281 1.30 -29.43 -20.45
C ASN B 281 0.58 -29.20 -21.78
N LEU B 282 1.06 -28.24 -22.57
CA LEU B 282 0.46 -27.99 -23.87
C LEU B 282 0.77 -29.12 -24.85
N LEU B 283 2.02 -29.59 -24.88
CA LEU B 283 2.39 -30.66 -25.79
C LEU B 283 1.73 -31.99 -25.43
N ALA B 284 1.32 -32.16 -24.17
CA ALA B 284 0.60 -33.38 -23.80
C ALA B 284 -0.78 -33.44 -24.45
N GLN B 285 -1.37 -32.28 -24.75
CA GLN B 285 -2.68 -32.22 -25.39
C GLN B 285 -2.58 -32.23 -26.91
N ILE B 286 -1.64 -31.46 -27.48
CA ILE B 286 -1.60 -31.29 -28.92
C ILE B 286 -0.66 -32.26 -29.62
N GLY B 287 0.26 -32.88 -28.89
CA GLY B 287 1.19 -33.81 -29.51
C GLY B 287 2.60 -33.27 -29.53
N ASP B 288 3.57 -34.18 -29.57
CA ASP B 288 4.98 -33.81 -29.52
C ASP B 288 5.54 -33.41 -30.88
N GLN B 289 4.77 -33.52 -31.96
CA GLN B 289 5.24 -33.03 -33.25
C GLN B 289 5.28 -31.52 -33.33
N TYR B 290 4.70 -30.82 -32.35
CA TYR B 290 4.78 -29.38 -32.24
C TYR B 290 5.96 -28.92 -31.38
N ALA B 291 6.88 -29.83 -31.05
CA ALA B 291 7.99 -29.47 -30.18
C ALA B 291 8.97 -28.53 -30.89
N ASP B 292 9.35 -28.88 -32.13
CA ASP B 292 10.25 -28.02 -32.89
C ASP B 292 9.67 -26.64 -33.16
N LEU B 293 8.34 -26.52 -33.10
CA LEU B 293 7.71 -25.22 -33.33
C LEU B 293 8.05 -24.24 -32.21
N PHE B 294 7.87 -24.66 -30.96
CA PHE B 294 8.23 -23.84 -29.82
C PHE B 294 9.73 -23.85 -29.56
N LEU B 295 10.44 -24.87 -30.03
CA LEU B 295 11.90 -24.88 -29.90
C LEU B 295 12.53 -23.83 -30.81
N ALA B 296 12.08 -23.75 -32.06
CA ALA B 296 12.59 -22.72 -32.96
C ALA B 296 12.14 -21.34 -32.52
N ALA B 297 10.99 -21.23 -31.85
CA ALA B 297 10.58 -19.95 -31.30
C ALA B 297 11.50 -19.50 -30.18
N LYS B 298 12.03 -20.44 -29.40
CA LYS B 298 12.97 -20.09 -28.36
C LYS B 298 14.34 -19.73 -28.93
N ASN B 299 14.75 -20.38 -30.02
CA ASN B 299 16.02 -20.04 -30.66
C ASN B 299 15.99 -18.62 -31.19
N LEU B 300 14.91 -18.23 -31.85
CA LEU B 300 14.79 -16.85 -32.34
C LEU B 300 14.68 -15.87 -31.17
N SER B 301 14.08 -16.29 -30.06
CA SER B 301 13.95 -15.40 -28.91
C SER B 301 15.29 -15.02 -28.32
N ASP B 302 16.29 -15.91 -28.40
CA ASP B 302 17.59 -15.61 -27.84
C ASP B 302 18.35 -14.57 -28.67
N ALA B 303 18.12 -14.55 -29.98
CA ALA B 303 18.81 -13.58 -30.84
C ALA B 303 18.24 -12.18 -30.73
N ILE B 304 16.98 -12.04 -30.34
CA ILE B 304 16.34 -10.74 -30.21
C ILE B 304 16.03 -10.39 -28.76
N LEU B 305 16.59 -11.14 -27.81
CA LEU B 305 16.29 -10.91 -26.40
C LEU B 305 16.73 -9.53 -25.95
N LEU B 306 17.86 -9.05 -26.46
CA LEU B 306 18.45 -7.79 -26.02
C LEU B 306 18.40 -6.72 -27.11
N SER B 307 17.43 -6.81 -28.01
CA SER B 307 17.31 -5.83 -29.08
C SER B 307 16.96 -4.44 -28.58
N ASP B 308 16.45 -4.32 -27.35
CA ASP B 308 16.11 -3.01 -26.83
C ASP B 308 17.35 -2.24 -26.40
N ILE B 309 18.37 -2.93 -25.89
CA ILE B 309 19.51 -2.24 -25.31
C ILE B 309 20.72 -2.35 -26.24
N LEU B 310 20.73 -3.38 -27.07
CA LEU B 310 21.84 -3.71 -27.96
C LEU B 310 21.37 -3.42 -29.39
N ARG B 311 21.78 -2.26 -29.91
CA ARG B 311 21.40 -1.81 -31.23
C ARG B 311 22.56 -1.82 -32.21
N VAL B 312 23.60 -2.60 -31.93
CA VAL B 312 24.76 -2.72 -32.80
C VAL B 312 25.03 -4.20 -33.06
N ASN B 313 25.37 -4.53 -34.30
CA ASN B 313 25.66 -5.92 -34.65
C ASN B 313 26.83 -6.43 -33.83
N THR B 314 26.60 -7.56 -33.14
CA THR B 314 27.56 -8.10 -32.19
C THR B 314 28.74 -8.80 -32.84
N GLU B 315 28.81 -8.85 -34.16
CA GLU B 315 29.92 -9.52 -34.83
C GLU B 315 31.15 -8.62 -34.98
N ILE B 316 30.97 -7.30 -34.91
CA ILE B 316 32.07 -6.36 -35.10
C ILE B 316 32.59 -5.81 -33.79
N THR B 317 31.99 -6.16 -32.66
CA THR B 317 32.45 -5.68 -31.37
C THR B 317 32.01 -6.65 -30.28
N LYS B 318 32.85 -6.79 -29.26
CA LYS B 318 32.50 -7.53 -28.06
C LYS B 318 32.03 -6.61 -26.94
N ALA B 319 31.75 -5.35 -27.26
CA ALA B 319 31.15 -4.40 -26.31
C ALA B 319 29.93 -3.76 -26.97
N PRO B 320 28.89 -4.55 -27.27
CA PRO B 320 27.74 -3.99 -27.99
C PRO B 320 26.95 -2.97 -27.18
N LEU B 321 27.01 -3.01 -25.85
CA LEU B 321 26.33 -2.00 -25.05
C LEU B 321 27.01 -0.64 -25.19
N SER B 322 28.32 -0.58 -24.95
CA SER B 322 29.04 0.67 -25.10
C SER B 322 28.93 1.19 -26.53
N ALA B 323 29.06 0.30 -27.52
CA ALA B 323 28.91 0.69 -28.91
C ALA B 323 27.52 1.25 -29.19
N SER B 324 26.49 0.72 -28.51
CA SER B 324 25.16 1.29 -28.64
C SER B 324 25.11 2.69 -28.04
N MET B 325 25.80 2.90 -26.92
CA MET B 325 25.89 4.26 -26.36
C MET B 325 26.66 5.18 -27.29
N ILE B 326 27.75 4.69 -27.88
CA ILE B 326 28.49 5.48 -28.87
C ILE B 326 27.58 5.82 -30.05
N LYS B 327 26.71 4.89 -30.44
CA LYS B 327 25.75 5.17 -31.49
C LYS B 327 24.80 6.30 -31.09
N ARG B 328 24.35 6.30 -29.83
CA ARG B 328 23.59 7.45 -29.33
C ARG B 328 24.38 8.74 -29.47
N TYR B 329 25.68 8.71 -29.11
CA TYR B 329 26.49 9.92 -29.13
C TYR B 329 26.68 10.43 -30.55
N ASP B 330 27.01 9.54 -31.49
CA ASP B 330 27.25 9.98 -32.86
C ASP B 330 25.99 10.53 -33.50
N GLU B 331 24.87 9.83 -33.35
CA GLU B 331 23.62 10.33 -33.91
C GLU B 331 23.16 11.60 -33.21
N HIS B 332 23.52 11.76 -31.93
CA HIS B 332 23.30 13.04 -31.25
C HIS B 332 24.13 14.14 -31.91
N HIS B 333 25.38 13.86 -32.23
CA HIS B 333 26.23 14.84 -32.88
C HIS B 333 25.73 15.19 -34.28
N GLN B 334 25.35 14.17 -35.05
CA GLN B 334 24.89 14.41 -36.43
C GLN B 334 23.60 15.22 -36.43
N ASP B 335 22.64 14.84 -35.58
CA ASP B 335 21.36 15.53 -35.58
C ASP B 335 21.46 16.92 -34.98
N LEU B 336 22.39 17.14 -34.03
CA LEU B 336 22.57 18.47 -33.48
C LEU B 336 23.18 19.41 -34.52
N THR B 337 24.16 18.93 -35.29
CA THR B 337 24.71 19.74 -36.37
C THR B 337 23.66 20.06 -37.41
N LEU B 338 22.79 19.08 -37.71
CA LEU B 338 21.73 19.32 -38.69
C LEU B 338 20.65 20.25 -38.13
N LEU B 339 20.29 20.07 -36.86
CA LEU B 339 19.27 20.93 -36.26
C LEU B 339 19.75 22.37 -36.16
N LYS B 340 21.03 22.57 -35.86
CA LYS B 340 21.57 23.93 -35.76
C LYS B 340 21.62 24.60 -37.12
N ALA B 341 22.14 23.89 -38.14
CA ALA B 341 22.20 24.48 -39.48
C ALA B 341 20.81 24.76 -40.03
N LEU B 342 19.81 23.98 -39.63
CA LEU B 342 18.45 24.23 -40.07
C LEU B 342 17.89 25.51 -39.47
N VAL B 343 17.98 25.65 -38.15
CA VAL B 343 17.36 26.80 -37.49
C VAL B 343 18.08 28.08 -37.87
N ARG B 344 19.38 28.00 -38.18
CA ARG B 344 20.06 29.19 -38.69
C ARG B 344 19.47 29.66 -40.00
N GLN B 345 18.96 28.74 -40.81
CA GLN B 345 18.47 29.07 -42.15
C GLN B 345 16.99 29.45 -42.16
N GLN B 346 16.16 28.77 -41.36
CA GLN B 346 14.71 28.92 -41.45
C GLN B 346 14.09 29.65 -40.27
N LEU B 347 14.71 29.58 -39.08
CA LEU B 347 14.20 30.29 -37.90
C LEU B 347 15.36 30.94 -37.16
N PRO B 348 16.06 31.88 -37.80
CA PRO B 348 17.25 32.47 -37.15
C PRO B 348 16.92 33.29 -35.92
N GLU B 349 15.66 33.68 -35.74
CA GLU B 349 15.30 34.51 -34.58
C GLU B 349 15.27 33.68 -33.29
N LYS B 350 14.76 32.45 -33.37
CA LYS B 350 14.60 31.60 -32.19
C LYS B 350 15.83 30.75 -31.90
N TYR B 351 16.99 31.07 -32.48
CA TYR B 351 18.20 30.31 -32.19
C TYR B 351 18.67 30.55 -30.76
N LYS B 352 18.63 31.80 -30.31
CA LYS B 352 19.12 32.13 -28.97
C LYS B 352 18.30 31.44 -27.89
N GLU B 353 16.98 31.42 -28.04
CA GLU B 353 16.13 30.79 -27.03
C GLU B 353 16.37 29.29 -26.97
N ILE B 354 16.60 28.65 -28.12
CA ILE B 354 16.69 27.20 -28.17
C ILE B 354 18.03 26.71 -27.64
N PHE B 355 19.11 27.41 -27.96
CA PHE B 355 20.46 26.93 -27.67
C PHE B 355 21.19 27.71 -26.59
N PHE B 356 20.59 28.74 -26.01
CA PHE B 356 21.29 29.53 -25.00
C PHE B 356 20.48 29.66 -23.71
N ASP B 357 19.14 29.63 -23.83
CA ASP B 357 18.27 29.92 -22.69
C ASP B 357 18.06 28.66 -21.87
N GLN B 358 18.69 28.60 -20.69
CA GLN B 358 18.49 27.47 -19.80
C GLN B 358 17.07 27.45 -19.22
N SER B 359 16.46 28.63 -19.06
CA SER B 359 15.13 28.70 -18.46
C SER B 359 14.05 28.14 -19.39
N LYS B 360 14.34 27.96 -20.67
CA LYS B 360 13.42 27.39 -21.62
C LYS B 360 13.73 25.92 -21.84
N ASN B 361 12.74 25.19 -22.37
CA ASN B 361 12.87 23.75 -22.52
C ASN B 361 13.50 23.41 -23.86
N GLY B 362 14.35 24.31 -24.37
CA GLY B 362 15.08 24.07 -25.58
C GLY B 362 16.27 23.16 -25.33
N TYR B 363 17.20 23.17 -26.28
CA TYR B 363 18.40 22.34 -26.12
C TYR B 363 19.24 22.80 -24.94
N ALA B 364 19.24 24.11 -24.65
CA ALA B 364 20.01 24.61 -23.51
C ALA B 364 19.45 24.09 -22.19
N GLY B 365 18.13 24.21 -22.01
CA GLY B 365 17.50 23.64 -20.84
C GLY B 365 17.57 22.13 -20.80
N TYR B 366 17.71 21.47 -21.96
CA TYR B 366 17.84 20.03 -21.99
C TYR B 366 19.23 19.60 -21.49
N ILE B 367 20.26 20.33 -21.86
CA ILE B 367 21.62 19.97 -21.47
C ILE B 367 22.03 20.64 -20.16
N ASP B 368 21.70 21.92 -19.98
CA ASP B 368 22.15 22.68 -18.82
C ASP B 368 21.04 23.00 -17.83
N GLY B 369 19.80 23.13 -18.27
CA GLY B 369 18.69 23.46 -17.40
C GLY B 369 18.05 22.25 -16.78
N GLY B 370 16.78 22.42 -16.39
CA GLY B 370 16.06 21.35 -15.73
C GLY B 370 15.06 20.64 -16.61
N ALA B 371 15.21 20.77 -17.93
CA ALA B 371 14.27 20.15 -18.87
C ALA B 371 14.61 18.67 -19.04
N SER B 372 13.61 17.81 -18.86
CA SER B 372 13.81 16.39 -19.07
C SER B 372 13.79 16.07 -20.55
N GLN B 373 14.05 14.80 -20.88
CA GLN B 373 13.96 14.36 -22.27
C GLN B 373 12.53 14.53 -22.79
N GLU B 374 11.54 14.20 -21.96
CA GLU B 374 10.14 14.34 -22.37
C GLU B 374 9.76 15.81 -22.52
N GLU B 375 10.17 16.66 -21.58
CA GLU B 375 9.87 18.08 -21.69
C GLU B 375 10.58 18.70 -22.88
N PHE B 376 11.77 18.20 -23.23
CA PHE B 376 12.48 18.74 -24.38
C PHE B 376 11.79 18.36 -25.69
N TYR B 377 11.34 17.11 -25.81
CA TYR B 377 10.64 16.70 -27.02
C TYR B 377 9.35 17.48 -27.21
N LYS B 378 8.63 17.72 -26.12
CA LYS B 378 7.37 18.46 -26.22
C LYS B 378 7.62 19.91 -26.65
N PHE B 379 8.72 20.50 -26.20
CA PHE B 379 9.01 21.89 -26.55
C PHE B 379 9.44 22.01 -28.02
N ILE B 380 10.19 21.02 -28.51
CA ILE B 380 10.80 21.12 -29.84
C ILE B 380 9.97 20.48 -30.94
N LYS B 381 8.95 19.67 -30.60
CA LYS B 381 8.15 19.03 -31.63
C LYS B 381 7.41 20.01 -32.52
N PRO B 382 6.72 21.04 -31.99
CA PRO B 382 6.12 22.02 -32.91
C PRO B 382 7.14 22.81 -33.71
N ILE B 383 8.35 22.99 -33.18
CA ILE B 383 9.38 23.67 -33.94
C ILE B 383 9.89 22.80 -35.08
N LEU B 384 9.95 21.48 -34.84
CA LEU B 384 10.39 20.57 -35.90
C LEU B 384 9.34 20.45 -37.00
N GLU B 385 8.06 20.38 -36.63
CA GLU B 385 7.00 20.25 -37.63
C GLU B 385 6.90 21.49 -38.51
N LYS B 386 7.29 22.66 -38.00
CA LYS B 386 7.20 23.88 -38.79
C LYS B 386 8.26 23.92 -39.89
N MET B 387 9.36 23.21 -39.71
CA MET B 387 10.51 23.30 -40.61
C MET B 387 10.51 22.17 -41.63
N ASP B 388 11.33 22.36 -42.66
CA ASP B 388 11.63 21.31 -43.63
C ASP B 388 13.13 21.35 -43.93
N GLY B 389 13.77 20.19 -44.01
CA GLY B 389 13.10 18.92 -43.81
C GLY B 389 13.55 18.20 -42.55
N THR B 390 12.63 18.06 -41.60
CA THR B 390 12.90 17.43 -40.31
C THR B 390 12.22 16.07 -40.18
N GLU B 391 11.98 15.39 -41.31
CA GLU B 391 11.20 14.16 -41.29
C GLU B 391 11.85 13.10 -40.41
N GLU B 392 13.13 12.81 -40.64
CA GLU B 392 13.80 11.80 -39.82
C GLU B 392 13.94 12.24 -38.38
N LEU B 393 14.04 13.55 -38.13
CA LEU B 393 14.07 14.04 -36.76
C LEU B 393 12.72 13.81 -36.08
N LEU B 394 11.62 14.00 -36.82
CA LEU B 394 10.30 13.72 -36.27
C LEU B 394 10.12 12.24 -35.98
N VAL B 395 10.68 11.37 -36.83
CA VAL B 395 10.57 9.94 -36.60
C VAL B 395 11.34 9.55 -35.35
N LYS B 396 12.55 10.09 -35.17
CA LYS B 396 13.32 9.77 -33.97
C LYS B 396 12.67 10.33 -32.71
N LEU B 397 11.97 11.45 -32.82
CA LEU B 397 11.32 12.05 -31.66
C LEU B 397 10.18 11.15 -31.16
N ASN B 398 9.31 10.71 -32.07
CA ASN B 398 8.19 9.87 -31.68
C ASN B 398 8.61 8.47 -31.25
N ARG B 399 9.84 8.06 -31.55
CA ARG B 399 10.40 6.82 -31.04
C ARG B 399 11.27 7.05 -29.82
N GLU B 400 11.33 8.28 -29.32
CA GLU B 400 12.15 8.65 -28.16
C GLU B 400 13.62 8.29 -28.40
N ASP B 401 14.13 8.70 -29.57
CA ASP B 401 15.47 8.36 -30.00
C ASP B 401 16.16 9.55 -30.68
N LEU B 402 15.85 10.76 -30.24
CA LEU B 402 16.40 11.98 -30.84
C LEU B 402 17.24 12.73 -29.81
N LEU B 403 18.47 13.06 -30.18
CA LEU B 403 19.39 13.82 -29.33
C LEU B 403 19.51 13.17 -27.96
N ARG B 404 19.67 11.85 -27.95
CA ARG B 404 19.63 11.08 -26.73
C ARG B 404 20.93 11.21 -25.94
N LYS B 405 20.81 11.23 -24.62
CA LYS B 405 21.95 11.11 -23.74
C LYS B 405 22.27 9.63 -23.52
N GLN B 406 23.33 9.36 -22.78
CA GLN B 406 23.74 7.99 -22.50
C GLN B 406 23.31 7.51 -21.12
N ARG B 407 23.35 8.40 -20.13
CA ARG B 407 22.79 8.12 -18.80
C ARG B 407 21.35 8.63 -18.82
N THR B 408 20.39 7.70 -18.91
CA THR B 408 18.99 8.04 -19.13
C THR B 408 18.10 7.21 -18.20
N PHE B 409 16.86 7.68 -18.08
CA PHE B 409 15.91 7.05 -17.17
C PHE B 409 15.59 5.60 -17.55
N ASP B 410 15.73 5.25 -18.83
CA ASP B 410 15.32 3.94 -19.29
C ASP B 410 16.45 2.90 -19.27
N ASN B 411 17.61 3.24 -18.70
CA ASN B 411 18.72 2.30 -18.65
C ASN B 411 18.51 1.19 -17.64
N GLY B 412 17.40 1.19 -16.90
CA GLY B 412 17.14 0.14 -15.91
C GLY B 412 16.94 -1.24 -16.49
N SER B 413 16.74 -1.36 -17.80
CA SER B 413 16.55 -2.65 -18.43
C SER B 413 17.86 -3.40 -18.66
N ILE B 414 19.00 -2.75 -18.47
CA ILE B 414 20.30 -3.36 -18.78
C ILE B 414 20.65 -4.40 -17.73
N PRO B 415 20.79 -5.67 -18.09
CA PRO B 415 21.16 -6.68 -17.10
C PRO B 415 22.63 -6.59 -16.73
N HIS B 416 22.95 -7.04 -15.52
CA HIS B 416 24.32 -7.01 -15.05
C HIS B 416 25.24 -7.91 -15.86
N GLN B 417 24.69 -8.92 -16.52
CA GLN B 417 25.53 -9.79 -17.36
C GLN B 417 26.15 -9.02 -18.52
N ILE B 418 25.47 -7.97 -18.99
CA ILE B 418 26.01 -7.19 -20.10
C ILE B 418 27.25 -6.41 -19.65
N HIS B 419 27.13 -5.67 -18.54
CA HIS B 419 28.31 -5.01 -17.98
C HIS B 419 29.40 -6.02 -17.64
N LEU B 420 29.01 -7.18 -17.10
CA LEU B 420 29.98 -8.21 -16.76
C LEU B 420 30.75 -8.69 -17.99
N GLY B 421 30.06 -8.79 -19.14
CA GLY B 421 30.73 -9.21 -20.35
C GLY B 421 31.84 -8.25 -20.75
N GLU B 422 31.56 -6.96 -20.73
CA GLU B 422 32.59 -5.97 -21.05
C GLU B 422 33.69 -5.93 -20.00
N LEU B 423 33.32 -6.07 -18.72
CA LEU B 423 34.32 -6.12 -17.66
C LEU B 423 35.25 -7.31 -17.83
N HIS B 424 34.69 -8.48 -18.15
CA HIS B 424 35.50 -9.67 -18.35
C HIS B 424 36.43 -9.51 -19.54
N ALA B 425 35.95 -8.86 -20.61
CA ALA B 425 36.78 -8.68 -21.80
C ALA B 425 37.96 -7.76 -21.52
N ILE B 426 37.74 -6.67 -20.80
CA ILE B 426 38.83 -5.76 -20.46
C ILE B 426 39.89 -6.49 -19.64
N LEU B 427 39.44 -7.27 -18.65
CA LEU B 427 40.39 -8.04 -17.84
C LEU B 427 41.19 -9.02 -18.72
N ARG B 428 40.52 -9.69 -19.65
CA ARG B 428 41.22 -10.62 -20.53
C ARG B 428 42.26 -9.90 -21.39
N ARG B 429 41.94 -8.70 -21.86
CA ARG B 429 42.87 -7.94 -22.70
C ARG B 429 44.09 -7.51 -21.90
N GLN B 430 43.87 -6.94 -20.71
CA GLN B 430 44.94 -6.27 -19.99
C GLN B 430 45.66 -7.15 -18.99
N GLU B 431 45.10 -8.32 -18.64
CA GLU B 431 45.83 -9.24 -17.78
C GLU B 431 47.09 -9.77 -18.46
N ASP B 432 47.19 -9.68 -19.79
CA ASP B 432 48.41 -10.04 -20.48
C ASP B 432 49.55 -9.08 -20.19
N PHE B 433 49.26 -7.87 -19.74
CA PHE B 433 50.29 -6.89 -19.41
C PHE B 433 50.41 -6.62 -17.92
N TYR B 434 49.38 -6.87 -17.13
CA TYR B 434 49.40 -6.64 -15.69
C TYR B 434 49.12 -7.94 -14.95
N PRO B 435 50.14 -8.58 -14.36
CA PRO B 435 49.90 -9.88 -13.71
C PRO B 435 48.88 -9.83 -12.59
N PHE B 436 48.76 -8.70 -11.87
CA PHE B 436 47.82 -8.64 -10.77
C PHE B 436 46.38 -8.67 -11.27
N LEU B 437 46.13 -8.22 -12.49
CA LEU B 437 44.81 -8.35 -13.07
C LEU B 437 44.50 -9.81 -13.42
N LYS B 438 45.52 -10.59 -13.78
CA LYS B 438 45.31 -12.01 -14.01
C LYS B 438 45.01 -12.75 -12.71
N ASP B 439 45.78 -12.46 -11.66
CA ASP B 439 45.56 -13.13 -10.38
C ASP B 439 44.26 -12.69 -9.73
N ASN B 440 43.80 -11.47 -10.00
CA ASN B 440 42.60 -10.93 -9.39
C ASN B 440 41.43 -10.84 -10.36
N ARG B 441 41.47 -11.56 -11.47
CA ARG B 441 40.40 -11.47 -12.46
C ARG B 441 39.07 -11.92 -11.87
N GLU B 442 39.03 -13.12 -11.28
CA GLU B 442 37.78 -13.61 -10.71
C GLU B 442 37.37 -12.82 -9.47
N LYS B 443 38.35 -12.24 -8.76
CA LYS B 443 38.02 -11.38 -7.63
C LYS B 443 37.28 -10.13 -8.09
N ILE B 444 37.76 -9.51 -9.17
CA ILE B 444 37.14 -8.29 -9.67
C ILE B 444 35.76 -8.59 -10.25
N GLU B 445 35.62 -9.70 -10.98
CA GLU B 445 34.32 -10.09 -11.48
C GLU B 445 33.34 -10.37 -10.36
N LYS B 446 33.84 -10.92 -9.24
CA LYS B 446 32.97 -11.20 -8.09
C LYS B 446 32.45 -9.91 -7.47
N ILE B 447 33.22 -8.83 -7.53
CA ILE B 447 32.75 -7.55 -6.99
C ILE B 447 31.49 -7.10 -7.72
N LEU B 448 31.44 -7.34 -9.03
CA LEU B 448 30.27 -6.93 -9.82
C LEU B 448 29.09 -7.88 -9.60
N THR B 449 29.35 -9.19 -9.65
CA THR B 449 28.24 -10.15 -9.68
C THR B 449 27.67 -10.45 -8.31
N PHE B 450 28.45 -10.32 -7.24
CA PHE B 450 27.99 -10.78 -5.94
C PHE B 450 26.83 -9.94 -5.44
N ARG B 451 25.76 -10.61 -5.04
CA ARG B 451 24.57 -9.97 -4.48
C ARG B 451 24.23 -10.67 -3.18
N ILE B 452 24.08 -9.89 -2.11
CA ILE B 452 23.70 -10.46 -0.82
C ILE B 452 22.32 -11.09 -0.96
N PRO B 453 22.16 -12.37 -0.65
CA PRO B 453 20.83 -12.98 -0.73
C PRO B 453 19.85 -12.29 0.20
N TYR B 454 18.61 -12.13 -0.27
CA TYR B 454 17.58 -11.50 0.54
C TYR B 454 17.24 -12.33 1.78
N TYR B 455 17.50 -13.64 1.74
CA TYR B 455 17.25 -14.51 2.88
C TYR B 455 18.41 -14.55 3.86
N VAL B 456 19.46 -13.77 3.62
CA VAL B 456 20.57 -13.65 4.57
C VAL B 456 20.45 -12.36 5.38
N GLY B 457 20.11 -11.26 4.74
CA GLY B 457 19.89 -10.00 5.44
C GLY B 457 21.18 -9.25 5.71
N PRO B 458 21.09 -8.22 6.54
CA PRO B 458 22.27 -7.39 6.82
C PRO B 458 23.38 -8.20 7.47
N LEU B 459 24.62 -7.93 7.06
CA LEU B 459 25.78 -8.68 7.52
C LEU B 459 26.30 -8.12 8.85
N ALA B 460 25.42 -8.20 9.85
CA ALA B 460 25.64 -7.54 11.13
C ALA B 460 26.48 -8.41 12.07
N ARG B 461 26.81 -7.86 13.22
CA ARG B 461 27.56 -8.56 14.26
C ARG B 461 27.05 -8.14 15.63
N GLY B 462 25.73 -8.27 15.82
CA GLY B 462 25.12 -8.11 17.13
C GLY B 462 24.51 -6.76 17.44
N ASN B 463 24.64 -5.78 16.55
CA ASN B 463 24.13 -4.44 16.81
C ASN B 463 23.09 -4.00 15.79
N SER B 464 22.36 -4.95 15.21
CA SER B 464 21.28 -4.66 14.28
C SER B 464 20.02 -5.37 14.74
N ARG B 465 18.96 -4.61 15.00
CA ARG B 465 17.68 -5.21 15.36
C ARG B 465 16.97 -5.84 14.18
N PHE B 466 17.50 -5.67 12.96
CA PHE B 466 16.90 -6.24 11.76
C PHE B 466 17.57 -7.53 11.32
N ALA B 467 18.73 -7.86 11.87
CA ALA B 467 19.57 -8.93 11.35
C ALA B 467 19.19 -10.28 11.94
N TRP B 468 19.52 -11.34 11.19
CA TRP B 468 19.33 -12.71 11.64
C TRP B 468 20.44 -13.63 11.15
N MET B 469 21.41 -13.13 10.40
CA MET B 469 22.43 -13.97 9.80
C MET B 469 23.37 -14.53 10.86
N THR B 470 23.82 -15.77 10.65
CA THR B 470 24.83 -16.40 11.48
C THR B 470 26.06 -16.72 10.63
N ARG B 471 27.22 -16.73 11.27
CA ARG B 471 28.50 -16.92 10.58
C ARG B 471 29.08 -18.29 10.90
N LYS B 472 29.69 -18.91 9.90
CA LYS B 472 30.49 -20.12 10.15
C LYS B 472 31.78 -19.77 10.89
N SER B 473 32.36 -18.62 10.57
CA SER B 473 33.64 -18.20 11.14
C SER B 473 33.56 -16.74 11.55
N GLU B 474 34.29 -16.39 12.60
CA GLU B 474 34.31 -15.02 13.12
C GLU B 474 35.39 -14.24 12.40
N GLU B 475 35.02 -13.66 11.26
CA GLU B 475 35.94 -12.82 10.50
C GLU B 475 35.13 -11.96 9.54
N THR B 476 35.78 -10.93 9.01
CA THR B 476 35.10 -9.96 8.15
C THR B 476 34.61 -10.63 6.87
N ILE B 477 33.38 -10.30 6.48
CA ILE B 477 32.75 -10.86 5.29
C ILE B 477 33.08 -9.99 4.09
N THR B 478 33.58 -10.62 3.03
CA THR B 478 33.85 -9.96 1.75
C THR B 478 33.03 -10.67 0.67
N PRO B 479 32.90 -10.10 -0.52
CA PRO B 479 32.19 -10.81 -1.60
C PRO B 479 32.85 -12.13 -1.99
N TRP B 480 34.12 -12.33 -1.64
CA TRP B 480 34.86 -13.52 -2.08
C TRP B 480 34.83 -14.66 -1.09
N ASN B 481 34.74 -14.37 0.22
CA ASN B 481 34.67 -15.40 1.24
C ASN B 481 33.26 -15.57 1.80
N PHE B 482 32.26 -15.01 1.13
CA PHE B 482 30.90 -15.02 1.67
C PHE B 482 30.40 -16.44 1.90
N GLU B 483 30.59 -17.32 0.92
CA GLU B 483 30.12 -18.69 1.05
C GLU B 483 30.80 -19.42 2.21
N GLU B 484 32.03 -19.03 2.55
CA GLU B 484 32.78 -19.71 3.58
C GLU B 484 32.60 -19.10 4.97
N VAL B 485 32.33 -17.81 5.05
CA VAL B 485 32.18 -17.15 6.35
C VAL B 485 30.72 -17.15 6.80
N VAL B 486 29.79 -16.94 5.88
CA VAL B 486 28.37 -16.91 6.21
C VAL B 486 27.80 -18.32 6.12
N ASP B 487 27.05 -18.73 7.15
CA ASP B 487 26.30 -19.97 7.13
C ASP B 487 24.99 -19.71 6.39
N LYS B 488 25.02 -19.95 5.07
CA LYS B 488 23.84 -19.65 4.25
C LYS B 488 22.67 -20.54 4.64
N GLY B 489 22.93 -21.82 4.95
CA GLY B 489 21.84 -22.71 5.29
C GLY B 489 21.12 -22.31 6.56
N ALA B 490 21.87 -22.01 7.62
CA ALA B 490 21.26 -21.60 8.87
C ALA B 490 20.58 -20.24 8.73
N SER B 491 21.19 -19.33 7.97
CA SER B 491 20.59 -18.01 7.78
C SER B 491 19.30 -18.09 6.97
N ALA B 492 19.29 -18.90 5.91
CA ALA B 492 18.08 -19.07 5.12
C ALA B 492 16.98 -19.74 5.93
N GLN B 493 17.35 -20.62 6.86
CA GLN B 493 16.36 -21.28 7.71
C GLN B 493 15.82 -20.33 8.77
N SER B 494 16.69 -19.53 9.38
CA SER B 494 16.22 -18.54 10.36
C SER B 494 15.33 -17.49 9.69
N PHE B 495 15.62 -17.15 8.43
CA PHE B 495 14.79 -16.22 7.68
C PHE B 495 13.32 -16.62 7.73
N ILE B 496 13.04 -17.90 7.49
CA ILE B 496 11.65 -18.36 7.50
C ILE B 496 11.20 -18.69 8.91
N GLU B 497 12.09 -19.26 9.73
CA GLU B 497 11.70 -19.76 11.05
C GLU B 497 11.25 -18.62 11.97
N ARG B 498 11.88 -17.44 11.85
CA ARG B 498 11.55 -16.33 12.72
C ARG B 498 10.18 -15.73 12.42
N MET B 499 9.56 -16.10 11.31
CA MET B 499 8.29 -15.50 10.90
C MET B 499 7.11 -16.47 10.87
N THR B 500 7.34 -17.78 10.77
CA THR B 500 6.25 -18.71 10.58
C THR B 500 5.46 -18.92 11.87
N ASN B 501 4.17 -19.23 11.69
CA ASN B 501 3.29 -19.45 12.84
C ASN B 501 3.62 -20.75 13.55
N PHE B 502 3.33 -20.76 14.85
CA PHE B 502 3.24 -21.99 15.63
C PHE B 502 1.77 -22.41 15.69
N ASP B 503 1.56 -23.70 15.86
CA ASP B 503 0.20 -24.24 15.99
C ASP B 503 -0.45 -23.68 17.25
N LYS B 504 -1.56 -22.96 17.09
CA LYS B 504 -2.25 -22.42 18.25
C LYS B 504 -2.70 -23.51 19.21
N ASN B 505 -2.95 -24.71 18.70
CA ASN B 505 -3.36 -25.82 19.57
C ASN B 505 -2.18 -26.43 20.32
N LEU B 506 -1.01 -26.47 19.69
CA LEU B 506 0.22 -26.95 20.33
C LEU B 506 1.29 -25.88 20.12
N PRO B 507 1.34 -24.88 21.01
CA PRO B 507 2.15 -23.68 20.72
C PRO B 507 3.63 -23.94 20.54
N ASN B 508 4.17 -25.05 21.03
CA ASN B 508 5.59 -25.34 20.83
C ASN B 508 5.88 -26.00 19.50
N GLU B 509 4.87 -26.24 18.67
CA GLU B 509 5.02 -26.95 17.40
C GLU B 509 4.81 -26.00 16.24
N LYS B 510 5.77 -25.96 15.33
CA LYS B 510 5.61 -25.19 14.11
C LYS B 510 4.53 -25.81 13.23
N VAL B 511 3.89 -24.96 12.43
CA VAL B 511 2.87 -25.45 11.50
C VAL B 511 3.56 -26.18 10.34
N LEU B 512 2.83 -27.10 9.73
CA LEU B 512 3.34 -27.82 8.58
C LEU B 512 3.36 -26.90 7.36
N PRO B 513 4.20 -27.21 6.37
CA PRO B 513 4.11 -26.51 5.08
C PRO B 513 2.73 -26.71 4.46
N LYS B 514 2.25 -25.67 3.78
CA LYS B 514 0.91 -25.73 3.19
C LYS B 514 0.80 -26.86 2.18
N HIS B 515 1.88 -27.19 1.50
CA HIS B 515 1.88 -28.23 0.47
C HIS B 515 2.42 -29.55 0.99
N SER B 516 2.43 -29.75 2.30
CA SER B 516 2.81 -31.04 2.87
C SER B 516 1.82 -32.12 2.47
N LEU B 517 2.33 -33.32 2.24
CA LEU B 517 1.46 -34.45 1.90
C LEU B 517 0.52 -34.77 3.04
N LEU B 518 1.05 -34.87 4.26
CA LEU B 518 0.21 -35.15 5.42
C LEU B 518 -0.82 -34.07 5.64
N TYR B 519 -0.48 -32.81 5.34
CA TYR B 519 -1.44 -31.72 5.50
C TYR B 519 -2.56 -31.83 4.47
N GLU B 520 -2.21 -32.18 3.23
CA GLU B 520 -3.25 -32.31 2.20
C GLU B 520 -4.08 -33.59 2.40
N TYR B 521 -3.47 -34.65 2.93
CA TYR B 521 -4.26 -35.80 3.38
C TYR B 521 -5.25 -35.38 4.45
N PHE B 522 -4.84 -34.50 5.36
CA PHE B 522 -5.72 -34.02 6.42
C PHE B 522 -6.91 -33.25 5.84
N THR B 523 -6.65 -32.35 4.88
CA THR B 523 -7.72 -31.54 4.31
C THR B 523 -8.71 -32.39 3.52
N VAL B 524 -8.22 -33.43 2.84
CA VAL B 524 -9.11 -34.27 2.05
C VAL B 524 -10.02 -35.09 2.96
N TYR B 525 -9.43 -35.78 3.94
CA TYR B 525 -10.23 -36.63 4.82
C TYR B 525 -11.17 -35.82 5.70
N ASN B 526 -10.79 -34.60 6.08
CA ASN B 526 -11.68 -33.77 6.88
C ASN B 526 -12.92 -33.36 6.11
N GLU B 527 -12.78 -33.15 4.79
CA GLU B 527 -13.94 -32.86 3.95
C GLU B 527 -14.69 -34.13 3.56
N LEU B 528 -13.97 -35.24 3.36
CA LEU B 528 -14.60 -36.48 2.98
C LEU B 528 -15.46 -37.06 4.09
N THR B 529 -15.05 -36.89 5.35
CA THR B 529 -15.72 -37.56 6.46
C THR B 529 -17.12 -37.02 6.73
N LYS B 530 -17.49 -35.88 6.15
CA LYS B 530 -18.82 -35.32 6.34
C LYS B 530 -19.68 -35.43 5.09
N VAL B 531 -19.23 -36.17 4.08
CA VAL B 531 -20.03 -36.40 2.89
C VAL B 531 -21.01 -37.54 3.18
N LYS B 532 -22.28 -37.30 2.92
CA LYS B 532 -23.32 -38.32 3.06
C LYS B 532 -23.85 -38.70 1.68
N TYR B 533 -24.46 -39.88 1.62
CA TYR B 533 -25.04 -40.39 0.39
C TYR B 533 -26.36 -41.09 0.70
N VAL B 534 -27.21 -41.18 -0.31
CA VAL B 534 -28.49 -41.89 -0.19
C VAL B 534 -28.85 -42.45 -1.56
N THR B 535 -29.52 -43.61 -1.55
CA THR B 535 -29.99 -44.23 -2.79
C THR B 535 -31.44 -44.67 -2.65
N GLU B 536 -31.96 -45.40 -3.64
CA GLU B 536 -33.37 -45.74 -3.62
C GLU B 536 -33.72 -46.74 -2.51
N GLY B 537 -32.74 -47.47 -1.99
CA GLY B 537 -33.02 -48.50 -1.01
C GLY B 537 -33.02 -48.04 0.44
N MET B 538 -32.02 -47.25 0.81
CA MET B 538 -31.86 -46.85 2.21
C MET B 538 -32.92 -45.84 2.62
N ARG B 539 -33.30 -45.89 3.89
CA ARG B 539 -34.33 -44.99 4.43
C ARG B 539 -33.78 -43.60 4.68
N LYS B 540 -32.60 -43.50 5.27
CA LYS B 540 -31.97 -42.23 5.59
C LYS B 540 -30.54 -42.20 5.07
N PRO B 541 -30.00 -41.02 4.81
CA PRO B 541 -28.61 -40.93 4.32
C PRO B 541 -27.64 -41.49 5.35
N ALA B 542 -26.45 -41.84 4.85
CA ALA B 542 -25.41 -42.43 5.68
C ALA B 542 -24.06 -41.83 5.35
N PHE B 543 -23.17 -41.85 6.34
CA PHE B 543 -21.79 -41.40 6.16
C PHE B 543 -21.04 -42.35 5.23
N LEU B 544 -19.85 -41.91 4.81
CA LEU B 544 -18.93 -42.79 4.12
C LEU B 544 -18.14 -43.59 5.15
N SER B 545 -18.05 -44.90 4.94
CA SER B 545 -17.29 -45.74 5.84
C SER B 545 -15.79 -45.49 5.68
N GLY B 546 -15.02 -45.94 6.68
CA GLY B 546 -13.58 -45.87 6.56
C GLY B 546 -13.06 -46.64 5.36
N GLU B 547 -13.71 -47.77 5.04
CA GLU B 547 -13.35 -48.51 3.84
C GLU B 547 -13.78 -47.76 2.58
N GLN B 548 -14.89 -47.03 2.64
CA GLN B 548 -15.33 -46.25 1.48
C GLN B 548 -14.42 -45.05 1.25
N LYS B 549 -13.99 -44.38 2.32
CA LYS B 549 -13.11 -43.22 2.16
C LYS B 549 -11.78 -43.61 1.52
N LYS B 550 -11.22 -44.74 1.93
CA LYS B 550 -9.93 -45.17 1.37
C LYS B 550 -10.06 -45.48 -0.11
N ALA B 551 -11.14 -46.17 -0.50
CA ALA B 551 -11.34 -46.48 -1.91
C ALA B 551 -11.56 -45.22 -2.73
N ILE B 552 -12.32 -44.26 -2.19
CA ILE B 552 -12.54 -43.00 -2.90
C ILE B 552 -11.24 -42.22 -3.04
N VAL B 553 -10.43 -42.22 -1.98
CA VAL B 553 -9.14 -41.52 -2.03
C VAL B 553 -8.21 -42.21 -3.03
N ASP B 554 -8.10 -43.54 -2.95
CA ASP B 554 -7.19 -44.27 -3.81
C ASP B 554 -7.55 -44.11 -5.28
N LEU B 555 -8.84 -44.28 -5.61
CA LEU B 555 -9.26 -44.25 -7.01
C LEU B 555 -9.25 -42.84 -7.56
N LEU B 556 -9.99 -41.93 -6.93
CA LEU B 556 -10.21 -40.61 -7.52
C LEU B 556 -9.09 -39.63 -7.17
N PHE B 557 -8.74 -39.52 -5.90
CA PHE B 557 -7.82 -38.48 -5.48
C PHE B 557 -6.39 -38.75 -5.93
N LYS B 558 -6.02 -40.02 -6.07
CA LYS B 558 -4.66 -40.38 -6.47
C LYS B 558 -4.49 -40.51 -7.98
N THR B 559 -5.58 -40.38 -8.75
CA THR B 559 -5.50 -40.37 -10.20
C THR B 559 -5.83 -39.02 -10.81
N ASN B 560 -6.60 -38.18 -10.13
CA ASN B 560 -6.99 -36.88 -10.64
C ASN B 560 -6.60 -35.80 -9.64
N ARG B 561 -6.13 -34.66 -10.14
CA ARG B 561 -5.79 -33.55 -9.27
C ARG B 561 -7.03 -32.99 -8.59
N LYS B 562 -8.14 -32.89 -9.32
CA LYS B 562 -9.41 -32.44 -8.76
C LYS B 562 -10.44 -33.54 -8.93
N VAL B 563 -11.27 -33.73 -7.90
CA VAL B 563 -12.31 -34.75 -7.90
C VAL B 563 -13.65 -34.03 -7.95
N THR B 564 -14.37 -34.21 -9.06
CA THR B 564 -15.68 -33.62 -9.21
C THR B 564 -16.75 -34.50 -8.58
N VAL B 565 -17.86 -33.89 -8.19
CA VAL B 565 -18.98 -34.65 -7.65
C VAL B 565 -19.50 -35.63 -8.70
N LYS B 566 -19.46 -35.24 -9.97
CA LYS B 566 -19.88 -36.15 -11.04
C LYS B 566 -18.97 -37.38 -11.11
N GLN B 567 -17.66 -37.16 -10.96
CA GLN B 567 -16.72 -38.28 -10.90
C GLN B 567 -17.05 -39.23 -9.76
N LEU B 568 -17.27 -38.69 -8.56
CA LEU B 568 -17.60 -39.51 -7.40
C LEU B 568 -18.87 -40.32 -7.63
N LYS B 569 -19.91 -39.68 -8.18
CA LYS B 569 -21.14 -40.41 -8.49
C LYS B 569 -20.92 -41.45 -9.57
N GLU B 570 -20.36 -41.03 -10.71
CA GLU B 570 -20.23 -41.92 -11.86
C GLU B 570 -19.17 -42.99 -11.62
N ASP B 571 -17.93 -42.58 -11.38
CA ASP B 571 -16.82 -43.53 -11.39
C ASP B 571 -16.63 -44.28 -10.07
N TYR B 572 -17.37 -43.94 -9.02
CA TYR B 572 -17.34 -44.73 -7.79
C TYR B 572 -18.73 -45.29 -7.47
N PHE B 573 -19.67 -44.45 -7.03
CA PHE B 573 -20.93 -44.97 -6.52
C PHE B 573 -21.65 -45.86 -7.53
N LYS B 574 -21.55 -45.53 -8.82
CA LYS B 574 -22.19 -46.36 -9.83
C LYS B 574 -21.32 -47.55 -10.22
N LYS B 575 -20.08 -47.28 -10.65
CA LYS B 575 -19.22 -48.29 -11.26
C LYS B 575 -18.52 -49.21 -10.27
N ILE B 576 -18.61 -48.95 -8.96
CA ILE B 576 -18.04 -49.84 -7.97
C ILE B 576 -19.02 -50.26 -6.88
N GLU B 577 -20.07 -49.48 -6.60
CA GLU B 577 -21.04 -49.82 -5.57
C GLU B 577 -22.35 -50.37 -6.13
N GLU B 578 -22.47 -50.47 -7.46
CA GLU B 578 -23.68 -50.97 -8.11
C GLU B 578 -24.90 -50.11 -7.76
N PHE B 579 -24.69 -48.79 -7.72
CA PHE B 579 -25.76 -47.83 -7.48
C PHE B 579 -26.15 -47.20 -8.81
N ASP B 580 -27.35 -47.51 -9.29
CA ASP B 580 -27.81 -46.91 -10.54
C ASP B 580 -27.94 -45.40 -10.41
N SER B 581 -28.21 -44.91 -9.21
CA SER B 581 -28.30 -43.48 -8.94
C SER B 581 -28.04 -43.24 -7.47
N VAL B 582 -27.55 -42.03 -7.15
CA VAL B 582 -27.19 -41.69 -5.79
C VAL B 582 -27.23 -40.17 -5.65
N GLU B 583 -27.63 -39.71 -4.46
CA GLU B 583 -27.61 -38.30 -4.10
C GLU B 583 -26.49 -38.06 -3.09
N ILE B 584 -25.81 -36.93 -3.23
CA ILE B 584 -24.64 -36.62 -2.43
C ILE B 584 -24.86 -35.32 -1.68
N SER B 585 -24.51 -35.29 -0.40
CA SER B 585 -24.54 -34.07 0.40
C SER B 585 -23.20 -33.90 1.10
N GLY B 586 -22.80 -32.63 1.29
CA GLY B 586 -21.55 -32.29 1.92
C GLY B 586 -20.49 -31.79 0.97
N VAL B 587 -20.75 -31.81 -0.33
CA VAL B 587 -19.81 -31.33 -1.33
C VAL B 587 -20.59 -30.93 -2.57
N GLU B 588 -20.17 -29.82 -3.18
CA GLU B 588 -20.86 -29.25 -4.34
C GLU B 588 -19.89 -29.15 -5.50
N ASP B 589 -20.38 -29.52 -6.69
CA ASP B 589 -19.61 -29.46 -7.94
C ASP B 589 -18.36 -30.31 -7.87
N ARG B 590 -17.42 -29.94 -7.00
CA ARG B 590 -16.17 -30.67 -6.85
C ARG B 590 -15.62 -30.41 -5.45
N PHE B 591 -14.73 -31.29 -5.02
CA PHE B 591 -14.13 -31.17 -3.70
C PHE B 591 -13.18 -29.98 -3.63
N ASN B 592 -13.22 -29.27 -2.51
CA ASN B 592 -12.32 -28.13 -2.34
C ASN B 592 -10.89 -28.59 -2.07
N ALA B 593 -10.72 -29.58 -1.21
CA ALA B 593 -9.40 -30.13 -0.94
C ALA B 593 -8.95 -31.07 -2.06
N SER B 594 -7.64 -31.22 -2.18
CA SER B 594 -7.08 -32.05 -3.23
C SER B 594 -5.66 -32.43 -2.85
N LEU B 595 -5.17 -33.53 -3.45
CA LEU B 595 -3.81 -34.01 -3.22
C LEU B 595 -2.89 -33.46 -4.31
N GLY B 596 -2.69 -32.14 -4.25
CA GLY B 596 -1.90 -31.48 -5.27
C GLY B 596 -0.43 -31.87 -5.25
N THR B 597 0.17 -31.93 -4.05
CA THR B 597 1.56 -32.34 -3.94
C THR B 597 1.75 -33.79 -4.34
N TYR B 598 0.76 -34.64 -4.07
CA TYR B 598 0.84 -36.05 -4.46
C TYR B 598 1.01 -36.18 -5.97
N HIS B 599 0.26 -35.40 -6.74
CA HIS B 599 0.36 -35.48 -8.20
C HIS B 599 1.60 -34.75 -8.73
N ASP B 600 2.06 -33.71 -8.03
CA ASP B 600 3.29 -33.05 -8.44
C ASP B 600 4.48 -33.98 -8.34
N LEU B 601 4.57 -34.72 -7.23
CA LEU B 601 5.70 -35.65 -7.05
C LEU B 601 5.54 -36.89 -7.93
N LEU B 602 4.31 -37.31 -8.21
CA LEU B 602 4.09 -38.47 -9.05
C LEU B 602 4.64 -38.26 -10.45
N LYS B 603 4.54 -37.03 -10.97
CA LYS B 603 5.10 -36.73 -12.27
C LYS B 603 6.62 -36.68 -12.23
N ILE B 604 7.20 -36.27 -11.10
CA ILE B 604 8.64 -36.08 -11.02
C ILE B 604 9.35 -37.41 -10.80
N ILE B 605 8.94 -38.16 -9.77
CA ILE B 605 9.65 -39.39 -9.43
C ILE B 605 9.08 -40.62 -10.13
N LYS B 606 7.86 -40.54 -10.67
CA LYS B 606 7.25 -41.59 -11.48
C LYS B 606 7.12 -42.92 -10.73
N ASP B 607 7.17 -42.89 -9.40
CA ASP B 607 7.07 -44.10 -8.58
C ASP B 607 5.84 -43.96 -7.68
N LYS B 608 4.70 -44.48 -8.14
CA LYS B 608 3.48 -44.40 -7.36
C LYS B 608 3.54 -45.31 -6.14
N ASP B 609 4.20 -46.47 -6.25
CA ASP B 609 4.37 -47.33 -5.08
C ASP B 609 5.15 -46.62 -3.99
N PHE B 610 6.17 -45.86 -4.36
CA PHE B 610 6.97 -45.14 -3.37
C PHE B 610 6.11 -44.12 -2.62
N LEU B 611 5.20 -43.45 -3.32
CA LEU B 611 4.38 -42.43 -2.69
C LEU B 611 3.32 -43.05 -1.78
N ASP B 612 2.78 -44.20 -2.16
CA ASP B 612 1.73 -44.86 -1.39
C ASP B 612 2.28 -45.69 -0.24
N ASN B 613 3.60 -45.85 -0.13
CA ASN B 613 4.19 -46.61 0.95
C ASN B 613 4.29 -45.71 2.17
N GLU B 614 3.47 -45.98 3.19
CA GLU B 614 3.43 -45.12 4.36
C GLU B 614 4.73 -45.17 5.17
N GLU B 615 5.59 -46.17 4.94
CA GLU B 615 6.92 -46.17 5.54
C GLU B 615 7.77 -45.01 5.03
N ASN B 616 7.43 -44.45 3.86
CA ASN B 616 8.13 -43.30 3.30
C ASN B 616 7.48 -41.97 3.71
N GLU B 617 6.80 -41.94 4.85
CA GLU B 617 6.10 -40.73 5.26
C GLU B 617 7.05 -39.65 5.76
N ASP B 618 8.04 -40.03 6.57
CA ASP B 618 8.97 -39.04 7.12
C ASP B 618 9.86 -38.44 6.04
N ILE B 619 10.27 -39.25 5.06
CA ILE B 619 11.15 -38.75 4.01
C ILE B 619 10.41 -37.76 3.12
N LEU B 620 9.15 -38.05 2.79
CA LEU B 620 8.40 -37.15 1.93
C LEU B 620 8.08 -35.83 2.62
N GLU B 621 7.81 -35.87 3.94
CA GLU B 621 7.61 -34.64 4.69
C GLU B 621 8.88 -33.82 4.78
N ASP B 622 10.05 -34.48 4.82
CA ASP B 622 11.31 -33.75 4.85
C ASP B 622 11.61 -33.11 3.50
N ILE B 623 11.22 -33.75 2.40
CA ILE B 623 11.46 -33.19 1.07
C ILE B 623 10.61 -31.95 0.86
N VAL B 624 9.31 -32.04 1.16
CA VAL B 624 8.41 -30.90 0.99
C VAL B 624 8.84 -29.76 1.91
N LEU B 625 9.30 -30.10 3.12
CA LEU B 625 9.80 -29.07 4.02
C LEU B 625 11.00 -28.35 3.43
N THR B 626 11.91 -29.10 2.80
CA THR B 626 13.07 -28.49 2.16
C THR B 626 12.64 -27.62 0.97
N LEU B 627 11.73 -28.14 0.13
CA LEU B 627 11.27 -27.40 -1.03
C LEU B 627 10.50 -26.14 -0.64
N THR B 628 9.89 -26.12 0.54
CA THR B 628 9.20 -24.92 1.01
C THR B 628 10.14 -23.95 1.72
N LEU B 629 11.10 -24.47 2.47
CA LEU B 629 11.91 -23.62 3.34
C LEU B 629 12.90 -22.79 2.54
N PHE B 630 13.44 -23.35 1.45
CA PHE B 630 14.54 -22.73 0.73
C PHE B 630 14.11 -22.35 -0.69
N GLU B 631 14.65 -21.24 -1.17
CA GLU B 631 14.38 -20.75 -2.51
C GLU B 631 15.56 -20.92 -3.46
N ASP B 632 16.79 -20.99 -2.93
CA ASP B 632 17.96 -21.22 -3.75
C ASP B 632 18.00 -22.69 -4.17
N ARG B 633 17.87 -22.94 -5.48
CA ARG B 633 17.78 -24.31 -5.96
C ARG B 633 19.08 -25.09 -5.79
N GLU B 634 20.22 -24.41 -5.63
CA GLU B 634 21.44 -25.12 -5.31
C GLU B 634 21.47 -25.57 -3.85
N MET B 635 20.96 -24.73 -2.94
CA MET B 635 20.81 -25.16 -1.55
C MET B 635 19.77 -26.26 -1.42
N ILE B 636 18.72 -26.23 -2.26
CA ILE B 636 17.74 -27.31 -2.28
C ILE B 636 18.41 -28.62 -2.70
N GLU B 637 19.20 -28.57 -3.77
CA GLU B 637 19.89 -29.77 -4.24
C GLU B 637 20.84 -30.31 -3.17
N GLU B 638 21.47 -29.42 -2.40
CA GLU B 638 22.38 -29.86 -1.34
C GLU B 638 21.63 -30.57 -0.23
N ARG B 639 20.40 -30.12 0.08
CA ARG B 639 19.63 -30.75 1.15
C ARG B 639 18.97 -32.04 0.72
N LEU B 640 18.87 -32.29 -0.58
CA LEU B 640 18.33 -33.54 -1.09
C LEU B 640 19.41 -34.59 -1.35
N LYS B 641 20.65 -34.33 -0.90
CA LYS B 641 21.74 -35.27 -1.14
C LYS B 641 21.52 -36.57 -0.38
N THR B 642 20.94 -36.51 0.82
CA THR B 642 20.71 -37.71 1.61
C THR B 642 19.71 -38.66 0.96
N TYR B 643 19.04 -38.23 -0.12
CA TYR B 643 18.06 -39.06 -0.81
C TYR B 643 18.47 -39.32 -2.26
N ALA B 644 19.74 -39.11 -2.58
CA ALA B 644 20.21 -39.28 -3.95
C ALA B 644 20.32 -40.74 -4.37
N HIS B 645 20.11 -41.69 -3.47
CA HIS B 645 20.16 -43.09 -3.82
C HIS B 645 18.80 -43.66 -4.21
N LEU B 646 17.71 -43.07 -3.72
CA LEU B 646 16.39 -43.48 -4.16
C LEU B 646 16.03 -42.91 -5.53
N PHE B 647 16.76 -41.90 -6.00
CA PHE B 647 16.42 -41.17 -7.21
C PHE B 647 17.62 -41.12 -8.15
N ASP B 648 17.35 -41.18 -9.45
CA ASP B 648 18.40 -40.99 -10.43
C ASP B 648 18.69 -39.51 -10.61
N ASP B 649 19.65 -39.18 -11.48
CA ASP B 649 20.05 -37.79 -11.65
C ASP B 649 19.00 -36.98 -12.41
N LYS B 650 18.18 -37.64 -13.24
CA LYS B 650 17.19 -36.92 -14.01
C LYS B 650 16.06 -36.41 -13.12
N VAL B 651 15.56 -37.26 -12.21
CA VAL B 651 14.48 -36.84 -11.34
C VAL B 651 14.96 -35.82 -10.31
N MET B 652 16.22 -35.94 -9.85
CA MET B 652 16.76 -34.96 -8.93
C MET B 652 16.80 -33.57 -9.56
N LYS B 653 17.11 -33.50 -10.85
CA LYS B 653 17.08 -32.21 -11.54
C LYS B 653 15.67 -31.65 -11.61
N GLN B 654 14.66 -32.52 -11.65
CA GLN B 654 13.28 -32.05 -11.65
C GLN B 654 12.76 -31.80 -10.24
N LEU B 655 13.27 -32.53 -9.25
CA LEU B 655 12.79 -32.38 -7.88
C LEU B 655 13.28 -31.08 -7.27
N LYS B 656 14.52 -30.68 -7.55
CA LYS B 656 15.05 -29.45 -6.98
C LYS B 656 14.41 -28.21 -7.60
N ARG B 657 13.73 -28.34 -8.74
CA ARG B 657 13.00 -27.23 -9.34
C ARG B 657 11.59 -27.09 -8.79
N ARG B 658 11.06 -28.14 -8.16
CA ARG B 658 9.71 -28.12 -7.59
C ARG B 658 9.76 -27.36 -6.27
N ARG B 659 9.53 -26.06 -6.34
CA ARG B 659 9.57 -25.20 -5.16
C ARG B 659 8.15 -24.87 -4.70
N TYR B 660 7.97 -24.84 -3.39
CA TYR B 660 6.68 -24.53 -2.78
C TYR B 660 6.81 -23.32 -1.87
N THR B 661 5.70 -22.61 -1.71
CA THR B 661 5.61 -21.49 -0.76
C THR B 661 4.34 -21.62 0.06
N GLY B 662 4.37 -21.05 1.25
CA GLY B 662 3.17 -21.03 2.07
C GLY B 662 3.20 -22.08 3.16
N TRP B 663 2.48 -21.79 4.25
CA TRP B 663 2.47 -22.65 5.41
C TRP B 663 1.03 -22.82 5.88
N GLY B 664 0.74 -24.00 6.44
CA GLY B 664 -0.58 -24.32 6.92
C GLY B 664 -0.86 -23.71 8.28
N ARG B 665 -1.98 -24.14 8.86
CA ARG B 665 -2.44 -23.64 10.14
C ARG B 665 -2.19 -24.58 11.30
N LEU B 666 -1.85 -25.84 11.02
CA LEU B 666 -1.74 -26.87 12.05
C LEU B 666 -0.39 -27.57 11.93
N SER B 667 0.03 -28.17 13.05
CA SER B 667 1.30 -28.87 13.13
C SER B 667 1.12 -30.35 12.76
N ARG B 668 2.24 -30.99 12.43
CA ARG B 668 2.22 -32.42 12.18
C ARG B 668 1.88 -33.20 13.44
N LYS B 669 2.32 -32.69 14.61
CA LYS B 669 2.01 -33.37 15.87
C LYS B 669 0.51 -33.31 16.18
N LEU B 670 -0.19 -32.31 15.66
CA LEU B 670 -1.62 -32.21 15.94
C LEU B 670 -2.43 -33.13 15.03
N ILE B 671 -2.09 -33.20 13.74
CA ILE B 671 -2.92 -33.93 12.80
C ILE B 671 -2.63 -35.43 12.85
N ASN B 672 -1.38 -35.81 13.09
CA ASN B 672 -0.99 -37.20 13.05
C ASN B 672 0.10 -37.48 14.09
N GLY B 673 -0.02 -36.88 15.27
CA GLY B 673 0.96 -37.09 16.31
C GLY B 673 0.36 -37.53 17.63
N ILE B 674 -0.33 -36.61 18.29
CA ILE B 674 -0.97 -36.93 19.57
C ILE B 674 -2.05 -37.98 19.34
N ARG B 675 -2.27 -38.81 20.34
CA ARG B 675 -3.19 -39.94 20.24
C ARG B 675 -4.23 -39.89 21.35
N ASP B 676 -5.46 -40.23 21.01
CA ASP B 676 -6.48 -40.45 22.02
C ASP B 676 -6.08 -41.63 22.90
N LYS B 677 -6.09 -41.41 24.22
CA LYS B 677 -5.53 -42.40 25.14
C LYS B 677 -6.27 -43.73 25.06
N GLN B 678 -7.61 -43.69 24.98
CA GLN B 678 -8.38 -44.92 25.03
C GLN B 678 -8.23 -45.73 23.74
N SER B 679 -8.30 -45.07 22.59
CA SER B 679 -8.24 -45.77 21.31
C SER B 679 -6.84 -45.83 20.71
N GLY B 680 -5.93 -44.96 21.14
CA GLY B 680 -4.61 -44.94 20.56
C GLY B 680 -4.53 -44.38 19.16
N LYS B 681 -5.57 -43.67 18.72
CA LYS B 681 -5.65 -43.16 17.36
C LYS B 681 -5.35 -41.67 17.33
N THR B 682 -4.67 -41.23 16.27
CA THR B 682 -4.42 -39.82 16.06
C THR B 682 -5.66 -39.14 15.49
N ILE B 683 -5.56 -37.83 15.25
CA ILE B 683 -6.67 -37.12 14.63
C ILE B 683 -6.86 -37.59 13.19
N LEU B 684 -5.76 -37.77 12.45
CA LEU B 684 -5.87 -38.26 11.08
C LEU B 684 -6.44 -39.67 11.02
N ASP B 685 -6.16 -40.49 12.04
CA ASP B 685 -6.73 -41.82 12.10
C ASP B 685 -8.25 -41.77 12.21
N PHE B 686 -8.77 -40.90 13.09
CA PHE B 686 -10.21 -40.76 13.23
C PHE B 686 -10.84 -40.21 11.95
N LEU B 687 -10.15 -39.30 11.26
CA LEU B 687 -10.67 -38.79 10.00
C LEU B 687 -10.68 -39.89 8.93
N LYS B 688 -9.72 -40.81 8.98
CA LYS B 688 -9.74 -41.93 8.04
C LYS B 688 -10.89 -42.88 8.33
N SER B 689 -11.18 -43.13 9.61
CA SER B 689 -12.25 -44.05 9.99
C SER B 689 -12.63 -43.79 11.43
N ASP B 690 -13.92 -43.50 11.68
CA ASP B 690 -14.41 -43.24 13.02
C ASP B 690 -15.78 -43.93 13.21
N GLY B 691 -15.76 -45.26 13.15
CA GLY B 691 -16.99 -46.03 13.30
C GLY B 691 -18.09 -45.58 12.36
N PHE B 692 -19.22 -45.15 12.91
CA PHE B 692 -20.28 -44.54 12.13
C PHE B 692 -20.58 -43.11 12.57
N ALA B 693 -19.69 -42.51 13.36
CA ALA B 693 -19.86 -41.12 13.80
C ALA B 693 -19.20 -40.13 12.85
N ASN B 694 -18.03 -40.47 12.32
CA ASN B 694 -17.31 -39.64 11.35
C ASN B 694 -17.13 -38.21 11.86
N ARG B 695 -16.55 -38.10 13.05
CA ARG B 695 -16.30 -36.78 13.64
C ARG B 695 -15.17 -36.09 12.89
N ASN B 696 -15.39 -34.83 12.51
CA ASN B 696 -14.39 -34.07 11.80
C ASN B 696 -13.43 -33.41 12.80
N PHE B 697 -12.54 -32.56 12.31
CA PHE B 697 -11.47 -32.00 13.14
C PHE B 697 -12.04 -31.19 14.30
N MET B 698 -13.06 -30.36 14.04
CA MET B 698 -13.64 -29.56 15.11
C MET B 698 -14.30 -30.42 16.18
N GLN B 699 -15.01 -31.47 15.78
CA GLN B 699 -15.68 -32.32 16.75
C GLN B 699 -14.70 -33.13 17.57
N LEU B 700 -13.57 -33.52 16.97
CA LEU B 700 -12.60 -34.35 17.69
C LEU B 700 -11.94 -33.59 18.83
N ILE B 701 -11.48 -32.37 18.57
CA ILE B 701 -10.79 -31.60 19.61
C ILE B 701 -11.73 -30.95 20.60
N HIS B 702 -13.04 -31.14 20.43
CA HIS B 702 -14.03 -30.64 21.36
C HIS B 702 -14.80 -31.75 22.07
N ASP B 703 -14.58 -33.00 21.69
CA ASP B 703 -15.30 -34.13 22.26
C ASP B 703 -14.73 -34.46 23.65
N ASP B 704 -15.56 -34.30 24.68
CA ASP B 704 -15.11 -34.57 26.04
C ASP B 704 -14.86 -36.04 26.32
N SER B 705 -15.26 -36.94 25.42
CA SER B 705 -14.99 -38.36 25.59
C SER B 705 -13.65 -38.77 24.98
N LEU B 706 -12.86 -37.81 24.50
CA LEU B 706 -11.53 -38.07 23.97
C LEU B 706 -10.51 -37.20 24.69
N THR B 707 -9.25 -37.58 24.57
CA THR B 707 -8.17 -36.87 25.27
C THR B 707 -7.53 -35.78 24.41
N PHE B 708 -8.01 -35.56 23.18
CA PHE B 708 -7.45 -34.48 22.37
C PHE B 708 -7.75 -33.12 22.99
N LYS B 709 -8.92 -32.97 23.60
CA LYS B 709 -9.33 -31.67 24.13
C LYS B 709 -8.48 -31.24 25.32
N GLU B 710 -8.22 -32.16 26.25
CA GLU B 710 -7.45 -31.79 27.44
C GLU B 710 -5.97 -31.65 27.13
N ASP B 711 -5.44 -32.43 26.18
CA ASP B 711 -4.04 -32.29 25.82
C ASP B 711 -3.78 -30.95 25.12
N ILE B 712 -4.75 -30.48 24.33
CA ILE B 712 -4.62 -29.17 23.72
C ILE B 712 -4.74 -28.08 24.78
N GLN B 713 -5.68 -28.24 25.72
CA GLN B 713 -5.78 -27.29 26.82
C GLN B 713 -4.54 -27.32 27.71
N LYS B 714 -3.89 -28.47 27.83
CA LYS B 714 -2.69 -28.56 28.65
C LYS B 714 -1.47 -27.94 27.97
N ALA B 715 -1.53 -27.72 26.66
CA ALA B 715 -0.42 -27.13 25.93
C ALA B 715 -0.46 -25.61 25.90
N GLN B 716 -1.55 -25.00 26.34
CA GLN B 716 -1.68 -23.54 26.32
C GLN B 716 -0.80 -22.90 27.40
N ASP B 722 3.40 -8.58 27.69
CA ASP B 722 3.18 -7.55 26.68
C ASP B 722 2.51 -6.32 27.28
N SER B 723 3.12 -5.16 27.05
CA SER B 723 2.56 -3.92 27.53
C SER B 723 1.34 -3.52 26.69
N LEU B 724 0.64 -2.48 27.14
CA LEU B 724 -0.49 -1.97 26.40
C LEU B 724 -0.06 -1.42 25.04
N HIS B 725 1.08 -0.72 25.00
CA HIS B 725 1.56 -0.15 23.75
C HIS B 725 1.94 -1.25 22.76
N GLU B 726 2.68 -2.25 23.23
CA GLU B 726 3.12 -3.32 22.33
C GLU B 726 1.95 -4.15 21.83
N HIS B 727 0.93 -4.37 22.68
CA HIS B 727 -0.22 -5.14 22.26
C HIS B 727 -0.99 -4.43 21.15
N ILE B 728 -1.18 -3.12 21.29
CA ILE B 728 -1.89 -2.36 20.26
C ILE B 728 -1.07 -2.28 18.98
N ALA B 729 0.25 -2.10 19.11
CA ALA B 729 1.10 -2.01 17.92
C ALA B 729 1.11 -3.32 17.14
N ASN B 730 1.05 -4.45 17.84
CA ASN B 730 1.04 -5.76 17.20
C ASN B 730 -0.31 -6.11 16.60
N LEU B 731 -1.33 -5.27 16.75
CA LEU B 731 -2.62 -5.53 16.14
C LEU B 731 -2.55 -5.31 14.63
N ALA B 732 -3.44 -5.99 13.92
CA ALA B 732 -3.57 -5.80 12.47
C ALA B 732 -4.49 -4.62 12.19
N GLY B 733 -4.11 -3.83 11.20
CA GLY B 733 -4.86 -2.63 10.87
C GLY B 733 -3.94 -1.46 10.60
N SER B 734 -4.48 -0.38 10.05
CA SER B 734 -3.67 0.76 9.68
C SER B 734 -3.04 1.39 10.92
N PRO B 735 -1.73 1.70 10.89
CA PRO B 735 -1.12 2.42 12.03
C PRO B 735 -1.77 3.76 12.33
N ALA B 736 -2.58 4.31 11.40
CA ALA B 736 -3.28 5.55 11.67
C ALA B 736 -4.41 5.34 12.68
N ILE B 737 -5.22 4.29 12.47
CA ILE B 737 -6.29 4.02 13.42
C ILE B 737 -5.72 3.44 14.72
N LYS B 738 -4.56 2.79 14.66
CA LYS B 738 -3.97 2.22 15.87
C LYS B 738 -3.49 3.31 16.81
N LYS B 739 -3.06 4.47 16.28
CA LYS B 739 -2.73 5.59 17.14
C LYS B 739 -3.93 6.06 17.94
N GLY B 740 -5.09 6.18 17.29
CA GLY B 740 -6.29 6.58 17.99
C GLY B 740 -6.78 5.57 19.01
N ILE B 741 -6.43 4.30 18.81
CA ILE B 741 -6.83 3.26 19.76
C ILE B 741 -6.09 3.42 21.08
N LEU B 742 -4.76 3.65 21.01
CA LEU B 742 -4.00 3.84 22.24
C LEU B 742 -4.44 5.11 22.96
N GLN B 743 -4.68 6.20 22.21
CA GLN B 743 -5.14 7.43 22.84
C GLN B 743 -6.52 7.24 23.49
N THR B 744 -7.37 6.42 22.89
CA THR B 744 -8.68 6.14 23.48
C THR B 744 -8.52 5.52 24.86
N VAL B 745 -7.63 4.54 24.99
CA VAL B 745 -7.41 3.90 26.28
C VAL B 745 -6.91 4.92 27.30
N LYS B 746 -6.00 5.79 26.89
CA LYS B 746 -5.48 6.81 27.81
C LYS B 746 -6.55 7.81 28.20
N VAL B 747 -7.45 8.17 27.29
CA VAL B 747 -8.55 9.05 27.64
C VAL B 747 -9.44 8.40 28.69
N VAL B 748 -9.77 7.12 28.50
CA VAL B 748 -10.63 6.41 29.45
C VAL B 748 -9.98 6.37 30.82
N ASP B 749 -8.67 6.07 30.87
CA ASP B 749 -7.97 6.01 32.15
C ASP B 749 -8.04 7.34 32.88
N GLU B 750 -7.92 8.45 32.16
CA GLU B 750 -8.01 9.76 32.80
C GLU B 750 -9.44 10.05 33.23
N LEU B 751 -10.43 9.72 32.40
CA LEU B 751 -11.83 9.96 32.76
C LEU B 751 -12.24 9.17 33.99
N VAL B 752 -11.70 7.96 34.16
CA VAL B 752 -12.00 7.17 35.35
C VAL B 752 -11.44 7.85 36.59
N LYS B 753 -10.20 8.34 36.52
CA LYS B 753 -9.62 9.05 37.65
C LYS B 753 -10.33 10.37 37.92
N VAL B 754 -10.88 11.01 36.89
CA VAL B 754 -11.67 12.21 37.09
C VAL B 754 -12.91 11.90 37.93
N MET B 755 -13.50 10.72 37.72
CA MET B 755 -14.72 10.34 38.43
C MET B 755 -14.39 9.63 39.73
N GLY B 756 -13.26 10.00 40.34
CA GLY B 756 -12.83 9.41 41.60
C GLY B 756 -12.52 7.94 41.54
N ARG B 757 -12.04 7.45 40.39
CA ARG B 757 -11.67 6.05 40.18
C ARG B 757 -12.85 5.09 40.29
N HIS B 758 -14.07 5.62 40.16
CA HIS B 758 -15.25 4.77 40.01
C HIS B 758 -15.41 4.39 38.54
N LYS B 759 -15.66 3.12 38.29
CA LYS B 759 -15.76 2.65 36.92
C LYS B 759 -17.14 3.00 36.34
N PRO B 760 -17.21 3.24 35.03
CA PRO B 760 -18.49 3.57 34.42
C PRO B 760 -19.38 2.34 34.28
N GLU B 761 -20.68 2.60 34.20
CA GLU B 761 -21.62 1.50 33.94
C GLU B 761 -21.44 0.96 32.53
N ASN B 762 -21.33 1.85 31.54
CA ASN B 762 -21.18 1.45 30.15
C ASN B 762 -20.09 2.28 29.50
N ILE B 763 -19.42 1.68 28.52
CA ILE B 763 -18.50 2.38 27.63
C ILE B 763 -18.99 2.11 26.21
N VAL B 764 -19.43 3.16 25.52
CA VAL B 764 -19.93 3.04 24.15
C VAL B 764 -18.86 3.55 23.21
N ILE B 765 -18.42 2.69 22.29
CA ILE B 765 -17.38 3.03 21.33
C ILE B 765 -17.97 2.99 19.93
N GLU B 766 -17.47 3.89 19.08
CA GLU B 766 -17.80 3.93 17.67
C GLU B 766 -16.55 4.30 16.90
N MET B 767 -16.21 3.49 15.89
CA MET B 767 -14.99 3.68 15.12
C MET B 767 -15.33 4.11 13.70
N ALA B 768 -14.58 5.10 13.21
CA ALA B 768 -14.85 5.65 11.87
C ALA B 768 -14.64 4.58 10.81
N ARG B 769 -15.34 4.77 9.69
CA ARG B 769 -15.30 3.80 8.58
C ARG B 769 -13.91 3.69 7.97
N ASN B 780 -3.65 5.43 -6.21
CA ASN B 780 -5.04 5.32 -6.62
C ASN B 780 -5.18 5.56 -8.12
N SER B 781 -4.86 6.78 -8.55
CA SER B 781 -4.98 7.12 -9.97
C SER B 781 -3.98 6.35 -10.82
N ARG B 782 -2.82 6.00 -10.25
CA ARG B 782 -1.84 5.23 -11.01
C ARG B 782 -2.29 3.79 -11.22
N GLU B 783 -2.95 3.21 -10.20
CA GLU B 783 -3.41 1.82 -10.33
C GLU B 783 -4.61 1.71 -11.25
N ARG B 784 -5.45 2.75 -11.31
CA ARG B 784 -6.63 2.69 -12.17
C ARG B 784 -6.24 2.60 -13.64
N MET B 785 -5.28 3.42 -14.06
CA MET B 785 -4.85 3.39 -15.45
C MET B 785 -4.23 2.05 -15.82
N LYS B 786 -3.37 1.52 -14.95
CA LYS B 786 -2.72 0.24 -15.24
C LYS B 786 -3.72 -0.90 -15.25
N ARG B 787 -4.76 -0.83 -14.41
CA ARG B 787 -5.75 -1.90 -14.37
C ARG B 787 -6.63 -1.89 -15.62
N ILE B 788 -6.78 -0.75 -16.27
CA ILE B 788 -7.62 -0.67 -17.47
C ILE B 788 -6.83 -1.05 -18.71
N GLU B 789 -5.56 -0.64 -18.78
CA GLU B 789 -4.74 -0.98 -19.95
C GLU B 789 -4.56 -2.48 -20.10
N GLU B 790 -4.37 -3.19 -18.99
CA GLU B 790 -4.27 -4.64 -19.05
C GLU B 790 -5.61 -5.30 -19.32
N GLY B 791 -6.70 -4.69 -18.85
CA GLY B 791 -8.02 -5.27 -19.06
C GLY B 791 -8.43 -5.28 -20.51
N ILE B 792 -8.28 -4.15 -21.19
CA ILE B 792 -8.63 -4.09 -22.61
C ILE B 792 -7.67 -4.89 -23.47
N LYS B 793 -6.46 -5.15 -22.97
CA LYS B 793 -5.52 -5.99 -23.70
C LYS B 793 -6.02 -7.43 -23.76
N GLU B 794 -6.38 -7.99 -22.60
CA GLU B 794 -6.98 -9.33 -22.59
C GLU B 794 -8.33 -9.32 -23.29
N LEU B 795 -9.04 -8.19 -23.25
CA LEU B 795 -10.31 -8.06 -23.96
C LEU B 795 -10.11 -7.91 -25.46
N GLY B 796 -8.93 -7.48 -25.90
CA GLY B 796 -8.69 -7.26 -27.32
C GLY B 796 -9.31 -6.00 -27.88
N SER B 797 -9.93 -5.19 -27.03
CA SER B 797 -10.60 -3.98 -27.48
C SER B 797 -9.60 -2.86 -27.76
N GLN B 798 -9.98 -1.96 -28.67
CA GLN B 798 -9.19 -0.79 -29.01
C GLN B 798 -9.83 0.50 -28.48
N ILE B 799 -10.62 0.38 -27.39
CA ILE B 799 -11.30 1.55 -26.86
C ILE B 799 -10.30 2.53 -26.26
N LEU B 800 -9.17 2.04 -25.74
CA LEU B 800 -8.14 2.94 -25.23
C LEU B 800 -7.47 3.69 -26.39
N LYS B 801 -7.29 3.02 -27.52
CA LYS B 801 -6.74 3.68 -28.70
C LYS B 801 -7.78 4.55 -29.39
N GLU B 802 -9.06 4.16 -29.33
CA GLU B 802 -10.11 4.95 -29.97
C GLU B 802 -10.37 6.24 -29.21
N HIS B 803 -10.44 6.17 -27.88
CA HIS B 803 -10.70 7.35 -27.04
C HIS B 803 -9.77 7.32 -25.85
N PRO B 804 -8.51 7.79 -26.02
CA PRO B 804 -7.55 7.86 -24.92
C PRO B 804 -7.98 8.85 -23.84
N ASN B 807 -5.19 9.88 -17.21
CA ASN B 807 -4.93 9.26 -15.91
C ASN B 807 -5.74 9.92 -14.81
N THR B 808 -5.55 11.23 -14.65
CA THR B 808 -6.30 11.98 -13.64
C THR B 808 -7.79 12.06 -13.96
N GLN B 809 -8.17 11.87 -15.23
CA GLN B 809 -9.58 11.86 -15.60
C GLN B 809 -10.31 10.67 -15.00
N LEU B 810 -9.59 9.61 -14.64
CA LEU B 810 -10.22 8.43 -14.04
C LEU B 810 -10.62 8.66 -12.59
N GLN B 811 -10.32 9.82 -12.01
CA GLN B 811 -10.89 10.17 -10.71
C GLN B 811 -12.40 10.30 -10.80
N ASN B 812 -12.92 10.61 -11.99
CA ASN B 812 -14.35 10.60 -12.22
C ASN B 812 -14.88 9.18 -12.13
N GLU B 813 -15.95 9.00 -11.34
CA GLU B 813 -16.47 7.66 -11.11
C GLU B 813 -17.09 7.06 -12.36
N LYS B 814 -17.87 7.86 -13.10
CA LYS B 814 -18.56 7.35 -14.27
C LYS B 814 -17.58 6.99 -15.38
N LEU B 815 -16.60 7.84 -15.64
CA LEU B 815 -15.61 7.56 -16.69
C LEU B 815 -14.77 6.34 -16.34
N TYR B 816 -14.54 6.10 -15.04
CA TYR B 816 -13.81 4.89 -14.64
C TYR B 816 -14.64 3.65 -14.91
N LEU B 817 -15.94 3.68 -14.56
CA LEU B 817 -16.81 2.55 -14.87
C LEU B 817 -16.98 2.39 -16.37
N TYR B 818 -16.89 3.47 -17.14
CA TYR B 818 -17.04 3.39 -18.59
C TYR B 818 -15.96 2.50 -19.20
N TYR B 819 -14.71 2.73 -18.81
CA TYR B 819 -13.61 1.96 -19.39
C TYR B 819 -13.50 0.57 -18.78
N LEU B 820 -13.88 0.41 -17.51
CA LEU B 820 -13.90 -0.92 -16.91
C LEU B 820 -14.94 -1.83 -17.56
N GLN B 821 -15.93 -1.24 -18.25
CA GLN B 821 -16.96 -2.00 -18.94
C GLN B 821 -16.81 -1.94 -20.45
N ASN B 822 -15.64 -1.50 -20.95
CA ASN B 822 -15.35 -1.46 -22.38
C ASN B 822 -16.37 -0.59 -23.13
N GLY B 823 -16.83 0.47 -22.48
CA GLY B 823 -17.79 1.37 -23.09
C GLY B 823 -19.12 0.73 -23.42
N ARG B 824 -19.59 -0.18 -22.57
CA ARG B 824 -20.81 -0.93 -22.82
C ARG B 824 -21.67 -0.97 -21.56
N ASP B 825 -22.98 -1.03 -21.78
CA ASP B 825 -23.91 -1.14 -20.66
C ASP B 825 -23.81 -2.52 -20.02
N MET B 826 -23.85 -2.54 -18.68
CA MET B 826 -23.73 -3.78 -17.93
C MET B 826 -25.04 -4.56 -17.86
N TYR B 827 -26.17 -3.92 -18.14
CA TYR B 827 -27.48 -4.55 -17.95
C TYR B 827 -28.23 -4.83 -19.24
N VAL B 828 -27.86 -4.19 -20.36
CA VAL B 828 -28.67 -4.25 -21.56
C VAL B 828 -27.92 -4.80 -22.77
N ASP B 829 -26.58 -4.80 -22.76
CA ASP B 829 -25.76 -5.10 -23.94
C ASP B 829 -26.03 -4.08 -25.04
N GLN B 830 -25.52 -2.88 -24.80
CA GLN B 830 -25.62 -1.78 -25.75
C GLN B 830 -24.47 -0.82 -25.48
N GLU B 831 -24.06 -0.12 -26.54
CA GLU B 831 -22.93 0.78 -26.43
C GLU B 831 -23.28 1.99 -25.56
N LEU B 832 -22.24 2.60 -25.00
CA LEU B 832 -22.38 3.77 -24.13
C LEU B 832 -21.72 4.96 -24.80
N ASP B 833 -22.46 6.07 -24.88
CA ASP B 833 -21.91 7.32 -25.41
C ASP B 833 -21.07 7.99 -24.33
N ILE B 834 -19.77 8.14 -24.60
CA ILE B 834 -18.87 8.68 -23.60
C ILE B 834 -19.15 10.15 -23.30
N ASN B 835 -19.82 10.86 -24.20
CA ASN B 835 -20.19 12.25 -23.98
C ASN B 835 -21.60 12.40 -23.42
N ARG B 836 -22.20 11.31 -22.97
CA ARG B 836 -23.53 11.32 -22.35
C ARG B 836 -23.50 10.58 -21.02
N LEU B 837 -22.39 10.71 -20.28
CA LEU B 837 -22.27 10.02 -19.01
C LEU B 837 -23.20 10.62 -17.95
N SER B 838 -23.53 11.92 -18.07
CA SER B 838 -24.45 12.53 -17.12
C SER B 838 -25.86 11.96 -17.27
N ASP B 839 -26.23 11.50 -18.47
CA ASP B 839 -27.54 10.90 -18.66
C ASP B 839 -27.63 9.50 -18.08
N TYR B 840 -26.50 8.88 -17.77
CA TYR B 840 -26.47 7.51 -17.27
C TYR B 840 -26.54 7.48 -15.75
N ASP B 841 -26.68 6.28 -15.20
CA ASP B 841 -26.81 6.08 -13.76
C ASP B 841 -25.75 5.11 -13.27
N VAL B 842 -25.18 5.42 -12.11
CA VAL B 842 -24.28 4.51 -11.40
C VAL B 842 -25.14 3.74 -10.40
N ASP B 843 -25.49 2.50 -10.75
CA ASP B 843 -26.38 1.69 -9.95
C ASP B 843 -25.60 0.69 -9.11
N ALA B 844 -26.10 0.42 -7.91
CA ALA B 844 -25.48 -0.53 -7.02
C ALA B 844 -25.95 -1.95 -7.35
N ILE B 845 -25.00 -2.87 -7.47
CA ILE B 845 -25.34 -4.28 -7.74
C ILE B 845 -26.21 -4.82 -6.62
N VAL B 846 -25.66 -4.85 -5.40
CA VAL B 846 -26.45 -5.08 -4.20
C VAL B 846 -26.99 -3.72 -3.73
N PRO B 847 -28.29 -3.56 -3.59
CA PRO B 847 -28.85 -2.23 -3.31
C PRO B 847 -28.27 -1.63 -2.03
N GLN B 848 -28.07 -0.31 -2.06
CA GLN B 848 -27.47 0.39 -0.93
C GLN B 848 -28.37 0.37 0.30
N SER B 849 -29.65 0.02 0.15
CA SER B 849 -30.53 -0.08 1.30
C SER B 849 -30.13 -1.23 2.22
N PHE B 850 -29.47 -2.26 1.67
CA PHE B 850 -29.01 -3.40 2.45
C PHE B 850 -27.53 -3.34 2.78
N LEU B 851 -26.69 -3.08 1.78
CA LEU B 851 -25.24 -3.04 1.95
C LEU B 851 -24.74 -1.65 1.57
N LYS B 852 -24.03 -1.00 2.50
CA LYS B 852 -23.45 0.32 2.24
C LYS B 852 -22.05 0.13 1.66
N ASP B 853 -22.02 -0.27 0.39
CA ASP B 853 -20.79 -0.51 -0.35
C ASP B 853 -20.71 0.52 -1.48
N ASP B 854 -19.82 1.49 -1.33
CA ASP B 854 -19.63 2.55 -2.32
C ASP B 854 -18.45 2.28 -3.25
N SER B 855 -17.88 1.08 -3.21
CA SER B 855 -16.71 0.76 -4.01
C SER B 855 -17.12 0.32 -5.41
N ILE B 856 -16.10 0.19 -6.28
CA ILE B 856 -16.34 -0.23 -7.66
C ILE B 856 -16.89 -1.65 -7.71
N ASP B 857 -16.50 -2.49 -6.73
CA ASP B 857 -16.98 -3.87 -6.67
C ASP B 857 -18.50 -3.97 -6.54
N ASN B 858 -19.19 -2.88 -6.21
CA ASN B 858 -20.64 -2.91 -6.05
C ASN B 858 -21.32 -1.83 -6.90
N LYS B 859 -20.67 -1.36 -7.96
CA LYS B 859 -21.24 -0.31 -8.80
C LYS B 859 -21.01 -0.65 -10.27
N VAL B 860 -22.00 -0.31 -11.10
CA VAL B 860 -21.91 -0.46 -12.55
C VAL B 860 -22.47 0.79 -13.19
N LEU B 861 -22.17 0.96 -14.47
CA LEU B 861 -22.67 2.09 -15.26
C LEU B 861 -23.68 1.57 -16.27
N THR B 862 -24.88 2.12 -16.24
CA THR B 862 -25.96 1.68 -17.11
C THR B 862 -26.72 2.89 -17.62
N ARG B 863 -27.49 2.68 -18.70
CA ARG B 863 -28.29 3.76 -19.27
C ARG B 863 -29.29 4.29 -18.26
N SER B 864 -29.95 3.41 -17.53
CA SER B 864 -30.91 3.80 -16.51
C SER B 864 -31.00 2.71 -15.47
N ASP B 865 -31.21 3.12 -14.22
CA ASP B 865 -31.29 2.15 -13.13
C ASP B 865 -32.50 1.23 -13.25
N LYS B 866 -33.45 1.53 -14.13
CA LYS B 866 -34.57 0.63 -14.35
C LYS B 866 -34.18 -0.62 -15.12
N ASN B 867 -33.01 -0.62 -15.77
CA ASN B 867 -32.56 -1.78 -16.52
C ASN B 867 -32.18 -2.95 -15.62
N ARG B 868 -31.87 -2.68 -14.36
CA ARG B 868 -31.50 -3.75 -13.43
C ARG B 868 -32.68 -4.65 -13.09
N GLY B 869 -33.90 -4.16 -13.23
CA GLY B 869 -35.06 -4.91 -12.79
C GLY B 869 -35.74 -4.25 -11.60
N LYS B 870 -36.07 -5.05 -10.58
CA LYS B 870 -36.68 -4.49 -9.37
C LYS B 870 -35.64 -3.75 -8.54
N SER B 871 -36.14 -2.92 -7.61
CA SER B 871 -35.25 -2.10 -6.80
C SER B 871 -34.72 -2.83 -5.58
N ASP B 872 -35.43 -3.87 -5.12
CA ASP B 872 -35.07 -4.50 -3.85
C ASP B 872 -33.95 -5.52 -4.01
N ASN B 873 -34.00 -6.35 -5.05
CA ASN B 873 -33.14 -7.53 -5.13
C ASN B 873 -31.99 -7.30 -6.11
N VAL B 874 -31.14 -8.33 -6.20
CA VAL B 874 -30.05 -8.44 -7.17
C VAL B 874 -30.63 -8.27 -8.57
N PRO B 875 -29.88 -7.72 -9.55
CA PRO B 875 -30.36 -7.68 -10.94
C PRO B 875 -31.11 -8.93 -11.36
N SER B 876 -32.22 -8.75 -12.09
CA SER B 876 -33.18 -9.82 -12.31
C SER B 876 -32.58 -10.95 -13.15
N GLU B 877 -33.33 -12.06 -13.22
CA GLU B 877 -32.86 -13.23 -13.96
C GLU B 877 -32.67 -12.91 -15.44
N GLU B 878 -33.62 -12.17 -16.04
CA GLU B 878 -33.53 -11.85 -17.46
C GLU B 878 -32.26 -11.07 -17.76
N VAL B 879 -31.79 -10.24 -16.83
CA VAL B 879 -30.55 -9.52 -17.04
C VAL B 879 -29.36 -10.46 -16.97
N VAL B 880 -29.36 -11.38 -16.01
CA VAL B 880 -28.23 -12.27 -15.82
C VAL B 880 -28.10 -13.23 -17.01
N LYS B 881 -29.21 -13.76 -17.50
CA LYS B 881 -29.15 -14.68 -18.63
C LYS B 881 -28.63 -14.00 -19.89
N LYS B 882 -28.87 -12.70 -20.04
CA LYS B 882 -28.44 -11.99 -21.24
C LYS B 882 -27.03 -11.46 -21.13
N MET B 883 -26.56 -11.16 -19.91
CA MET B 883 -25.30 -10.46 -19.73
C MET B 883 -24.21 -11.29 -19.05
N LYS B 884 -24.51 -12.52 -18.63
CA LYS B 884 -23.51 -13.32 -17.92
C LYS B 884 -22.28 -13.56 -18.78
N ASN B 885 -22.49 -13.85 -20.07
CA ASN B 885 -21.36 -14.07 -20.97
C ASN B 885 -20.47 -12.84 -21.04
N TYR B 886 -21.09 -11.65 -21.12
CA TYR B 886 -20.31 -10.41 -21.12
C TYR B 886 -19.58 -10.20 -19.80
N TRP B 887 -20.18 -10.65 -18.69
CA TRP B 887 -19.55 -10.48 -17.40
C TRP B 887 -18.36 -11.42 -17.22
N ARG B 888 -18.39 -12.59 -17.86
CA ARG B 888 -17.27 -13.52 -17.74
C ARG B 888 -16.03 -12.98 -18.44
N GLN B 889 -16.21 -12.34 -19.60
CA GLN B 889 -15.06 -11.77 -20.30
C GLN B 889 -14.44 -10.63 -19.50
N LEU B 890 -15.27 -9.80 -18.86
CA LEU B 890 -14.74 -8.76 -17.99
C LEU B 890 -14.05 -9.35 -16.77
N LEU B 891 -14.53 -10.50 -16.29
CA LEU B 891 -13.88 -11.16 -15.15
C LEU B 891 -12.50 -11.69 -15.54
N ASN B 892 -12.40 -12.33 -16.70
CA ASN B 892 -11.11 -12.85 -17.15
C ASN B 892 -10.11 -11.71 -17.42
N ALA B 893 -10.60 -10.54 -17.82
CA ALA B 893 -9.75 -9.39 -18.06
C ALA B 893 -9.41 -8.61 -16.80
N LYS B 894 -9.78 -9.13 -15.63
CA LYS B 894 -9.54 -8.48 -14.33
C LYS B 894 -10.19 -7.11 -14.23
N LEU B 895 -11.20 -6.85 -15.07
CA LEU B 895 -11.95 -5.59 -15.00
C LEU B 895 -13.06 -5.62 -13.96
N ILE B 896 -13.50 -6.82 -13.55
CA ILE B 896 -14.37 -6.98 -12.40
C ILE B 896 -13.81 -8.10 -11.54
N THR B 897 -13.96 -7.97 -10.23
CA THR B 897 -13.45 -8.98 -9.32
C THR B 897 -14.39 -10.19 -9.29
N GLN B 898 -13.90 -11.27 -8.66
CA GLN B 898 -14.73 -12.46 -8.51
C GLN B 898 -15.96 -12.17 -7.66
N ARG B 899 -15.81 -11.33 -6.63
CA ARG B 899 -16.95 -10.94 -5.82
C ARG B 899 -17.96 -10.13 -6.63
N LYS B 900 -17.47 -9.25 -7.50
CA LYS B 900 -18.37 -8.46 -8.34
C LYS B 900 -19.12 -9.35 -9.32
N PHE B 901 -18.45 -10.34 -9.90
CA PHE B 901 -19.11 -11.27 -10.81
C PHE B 901 -20.13 -12.14 -10.08
N ASP B 902 -19.80 -12.55 -8.85
CA ASP B 902 -20.67 -13.46 -8.11
C ASP B 902 -21.99 -12.79 -7.75
N ASN B 903 -21.94 -11.54 -7.29
CA ASN B 903 -23.16 -10.84 -6.89
C ASN B 903 -23.96 -10.33 -8.09
N LEU B 904 -23.33 -10.19 -9.25
CA LEU B 904 -24.09 -9.85 -10.45
C LEU B 904 -24.89 -11.04 -10.95
N THR B 905 -24.33 -12.24 -10.84
CA THR B 905 -24.98 -13.47 -11.28
C THR B 905 -25.75 -14.15 -10.16
N LYS B 906 -26.01 -13.45 -9.06
CA LYS B 906 -26.66 -14.09 -7.91
C LYS B 906 -28.13 -14.43 -8.18
N ALA B 907 -28.75 -13.81 -9.19
CA ALA B 907 -30.17 -14.07 -9.45
C ALA B 907 -30.41 -15.52 -9.85
N GLU B 908 -29.50 -16.10 -10.65
CA GLU B 908 -29.67 -17.48 -11.06
C GLU B 908 -29.52 -18.45 -9.89
N ARG B 909 -28.92 -18.01 -8.78
CA ARG B 909 -28.82 -18.80 -7.57
C ARG B 909 -29.95 -18.51 -6.58
N GLY B 910 -31.03 -17.89 -7.04
CA GLY B 910 -32.17 -17.58 -6.21
C GLY B 910 -32.26 -16.13 -5.77
N GLY B 911 -31.18 -15.38 -5.88
CA GLY B 911 -31.20 -13.99 -5.45
C GLY B 911 -31.09 -13.85 -3.95
N LEU B 912 -31.50 -12.68 -3.46
CA LEU B 912 -31.45 -12.37 -2.03
C LEU B 912 -32.57 -13.10 -1.30
N SER B 913 -32.21 -13.96 -0.35
CA SER B 913 -33.20 -14.62 0.47
C SER B 913 -33.70 -13.68 1.56
N GLU B 914 -34.79 -14.07 2.22
CA GLU B 914 -35.35 -13.23 3.27
C GLU B 914 -34.41 -13.15 4.48
N LEU B 915 -33.64 -14.20 4.74
CA LEU B 915 -32.63 -14.14 5.80
C LEU B 915 -31.47 -13.24 5.39
N ASP B 916 -31.17 -13.17 4.09
CA ASP B 916 -30.08 -12.30 3.63
C ASP B 916 -30.40 -10.84 3.89
N LYS B 917 -31.62 -10.41 3.53
CA LYS B 917 -32.01 -9.02 3.75
C LYS B 917 -31.96 -8.65 5.23
N ALA B 918 -32.36 -9.58 6.10
CA ALA B 918 -32.25 -9.33 7.53
C ALA B 918 -30.80 -9.32 7.99
N GLY B 919 -29.97 -10.20 7.41
CA GLY B 919 -28.56 -10.22 7.77
C GLY B 919 -27.84 -8.95 7.38
N PHE B 920 -28.16 -8.40 6.20
CA PHE B 920 -27.58 -7.12 5.80
C PHE B 920 -28.02 -6.01 6.75
N ILE B 921 -29.29 -6.05 7.18
CA ILE B 921 -29.80 -4.99 8.05
C ILE B 921 -29.31 -5.13 9.48
N LYS B 922 -28.93 -6.35 9.90
CA LYS B 922 -28.24 -6.47 11.19
C LYS B 922 -26.80 -6.00 11.08
N ARG B 923 -26.18 -6.16 9.91
CA ARG B 923 -24.81 -5.70 9.72
C ARG B 923 -24.73 -4.18 9.75
N GLN B 924 -25.82 -3.48 9.44
CA GLN B 924 -25.83 -2.02 9.52
C GLN B 924 -25.77 -1.53 10.96
N LEU B 925 -26.18 -2.36 11.92
CA LEU B 925 -26.19 -1.98 13.34
C LEU B 925 -25.05 -2.62 14.12
N VAL B 926 -24.78 -3.90 13.91
CA VAL B 926 -23.77 -4.62 14.67
C VAL B 926 -22.43 -4.48 13.96
N GLU B 927 -21.43 -3.98 14.70
CA GLU B 927 -20.09 -3.85 14.15
C GLU B 927 -19.43 -5.22 14.05
N THR B 928 -18.79 -5.49 12.91
CA THR B 928 -18.18 -6.79 12.66
C THR B 928 -16.66 -6.74 12.49
N ARG B 929 -16.07 -5.56 12.33
CA ARG B 929 -14.64 -5.47 12.08
C ARG B 929 -13.84 -6.03 13.24
N GLN B 930 -12.77 -6.76 12.92
CA GLN B 930 -11.93 -7.35 13.95
C GLN B 930 -11.20 -6.28 14.75
N ILE B 931 -10.80 -5.18 14.10
CA ILE B 931 -10.06 -4.13 14.80
C ILE B 931 -10.94 -3.47 15.87
N THR B 932 -12.23 -3.32 15.60
CA THR B 932 -13.12 -2.73 16.59
C THR B 932 -13.37 -3.70 17.74
N LYS B 933 -13.42 -5.01 17.45
CA LYS B 933 -13.55 -5.99 18.52
C LYS B 933 -12.34 -5.98 19.45
N HIS B 934 -11.15 -5.71 18.91
CA HIS B 934 -9.96 -5.63 19.77
C HIS B 934 -10.05 -4.45 20.73
N VAL B 935 -10.54 -3.31 20.25
CA VAL B 935 -10.71 -2.16 21.13
C VAL B 935 -11.70 -2.48 22.25
N ALA B 936 -12.80 -3.17 21.90
CA ALA B 936 -13.77 -3.54 22.92
C ALA B 936 -13.18 -4.53 23.92
N GLN B 937 -12.39 -5.50 23.43
CA GLN B 937 -11.77 -6.46 24.32
C GLN B 937 -10.74 -5.78 25.23
N ILE B 938 -9.97 -4.84 24.69
CA ILE B 938 -8.96 -4.14 25.49
C ILE B 938 -9.61 -3.34 26.61
N LEU B 939 -10.68 -2.61 26.29
CA LEU B 939 -11.40 -1.87 27.31
C LEU B 939 -12.08 -2.80 28.30
N ASP B 940 -12.67 -3.91 27.82
CA ASP B 940 -13.35 -4.83 28.72
C ASP B 940 -12.38 -5.50 29.68
N SER B 941 -11.20 -5.89 29.18
CA SER B 941 -10.23 -6.55 30.05
C SER B 941 -9.57 -5.57 31.00
N ARG B 942 -9.53 -4.28 30.66
CA ARG B 942 -8.97 -3.29 31.57
C ARG B 942 -9.97 -2.86 32.63
N MET B 943 -11.26 -2.90 32.31
CA MET B 943 -12.29 -2.46 33.26
C MET B 943 -12.73 -3.58 34.20
N ASN B 944 -12.87 -4.80 33.69
CA ASN B 944 -13.42 -5.91 34.47
C ASN B 944 -12.29 -6.83 34.90
N THR B 945 -11.85 -6.67 36.16
CA THR B 945 -10.74 -7.43 36.70
C THR B 945 -11.07 -8.22 37.96
N LYS B 946 -12.18 -7.93 38.64
CA LYS B 946 -12.53 -8.66 39.85
C LYS B 946 -13.24 -9.97 39.48
N TYR B 947 -13.23 -10.90 40.44
CA TYR B 947 -13.76 -12.23 40.20
C TYR B 947 -14.75 -12.63 41.29
N ASP B 948 -15.53 -13.67 40.99
CA ASP B 948 -16.60 -14.16 41.84
C ASP B 948 -16.06 -14.97 43.02
N GLU B 949 -16.98 -15.36 43.90
CA GLU B 949 -16.69 -16.41 44.87
C GLU B 949 -16.50 -17.76 44.19
N ASN B 950 -16.95 -17.89 42.94
CA ASN B 950 -16.79 -19.10 42.14
C ASN B 950 -15.74 -18.93 41.06
N ASP B 951 -14.86 -17.94 41.20
CA ASP B 951 -13.79 -17.67 40.23
C ASP B 951 -14.34 -17.34 38.85
N LYS B 952 -15.43 -16.57 38.81
CA LYS B 952 -16.04 -16.12 37.56
C LYS B 952 -15.90 -14.61 37.43
N LEU B 953 -15.71 -14.16 36.19
CA LEU B 953 -15.46 -12.75 35.93
C LEU B 953 -16.69 -11.92 36.30
N ILE B 954 -16.46 -10.84 37.04
CA ILE B 954 -17.52 -9.89 37.38
C ILE B 954 -17.48 -8.78 36.34
N ARG B 955 -18.48 -8.76 35.46
CA ARG B 955 -18.56 -7.72 34.43
C ARG B 955 -19.18 -6.49 35.06
N GLU B 956 -18.32 -5.60 35.57
CA GLU B 956 -18.78 -4.34 36.13
C GLU B 956 -19.15 -3.34 35.03
N VAL B 957 -18.44 -3.36 33.91
CA VAL B 957 -18.60 -2.38 32.85
C VAL B 957 -18.99 -3.11 31.57
N LYS B 958 -20.09 -2.66 30.95
CA LYS B 958 -20.48 -3.14 29.63
C LYS B 958 -19.81 -2.28 28.57
N VAL B 959 -19.10 -2.93 27.65
CA VAL B 959 -18.46 -2.25 26.53
C VAL B 959 -19.36 -2.41 25.31
N ILE B 960 -20.00 -1.32 24.91
CA ILE B 960 -20.98 -1.32 23.82
C ILE B 960 -20.33 -0.77 22.57
N THR B 961 -20.56 -1.44 21.44
CA THR B 961 -20.03 -1.01 20.15
C THR B 961 -21.19 -0.65 19.23
N LEU B 962 -21.16 0.56 18.69
CA LEU B 962 -22.18 1.04 17.77
C LEU B 962 -21.54 1.41 16.44
N LYS B 963 -22.32 1.32 15.37
CA LYS B 963 -21.90 1.82 14.08
C LYS B 963 -22.35 3.26 13.91
N SER B 964 -21.65 3.97 13.01
CA SER B 964 -21.89 5.40 12.84
C SER B 964 -23.29 5.70 12.34
N LYS B 965 -23.91 4.78 11.59
CA LYS B 965 -25.22 5.04 11.02
C LYS B 965 -26.28 5.23 12.08
N LEU B 966 -26.10 4.60 13.25
CA LEU B 966 -27.10 4.70 14.31
C LEU B 966 -27.20 6.12 14.84
N VAL B 967 -26.05 6.74 15.12
CA VAL B 967 -26.05 8.14 15.55
C VAL B 967 -26.30 9.07 14.37
N SER B 968 -25.82 8.71 13.18
CA SER B 968 -26.06 9.52 12.00
C SER B 968 -27.57 9.67 11.73
N ASP B 969 -28.32 8.57 11.82
CA ASP B 969 -29.76 8.63 11.65
C ASP B 969 -30.43 9.35 12.81
N PHE B 970 -29.90 9.20 14.02
CA PHE B 970 -30.47 9.89 15.17
C PHE B 970 -30.34 11.39 15.03
N ARG B 971 -29.21 11.87 14.52
CA ARG B 971 -29.02 13.30 14.30
C ARG B 971 -30.06 13.85 13.32
N LYS B 972 -30.28 13.13 12.21
CA LYS B 972 -31.15 13.63 11.16
C LYS B 972 -32.62 13.49 11.51
N ASP B 973 -32.99 12.49 12.31
CA ASP B 973 -34.38 12.32 12.70
C ASP B 973 -34.85 13.45 13.61
N PHE B 974 -33.97 13.94 14.48
CA PHE B 974 -34.33 14.92 15.49
C PHE B 974 -33.60 16.24 15.33
N GLN B 975 -33.00 16.46 14.16
CA GLN B 975 -32.39 17.75 13.80
C GLN B 975 -31.26 18.12 14.76
N PHE B 976 -30.45 17.14 15.12
CA PHE B 976 -29.18 17.39 15.82
C PHE B 976 -28.05 17.43 14.79
N TYR B 977 -28.20 18.35 13.84
CA TYR B 977 -27.39 18.34 12.63
C TYR B 977 -25.91 18.61 12.92
N LYS B 978 -25.08 18.15 12.00
CA LYS B 978 -23.62 18.23 12.11
C LYS B 978 -23.05 18.97 10.92
N VAL B 979 -22.22 19.97 11.19
CA VAL B 979 -21.46 20.68 10.16
C VAL B 979 -20.00 20.62 10.57
N ARG B 980 -19.23 19.78 9.88
CA ARG B 980 -17.86 19.49 10.31
C ARG B 980 -16.94 20.69 10.13
N GLU B 981 -17.25 21.58 9.19
CA GLU B 981 -16.35 22.68 8.87
C GLU B 981 -16.40 23.81 9.89
N ILE B 982 -17.40 23.84 10.77
CA ILE B 982 -17.53 24.95 11.71
C ILE B 982 -16.44 24.90 12.76
N ASN B 983 -16.25 23.74 13.39
CA ASN B 983 -15.22 23.57 14.41
C ASN B 983 -15.01 22.06 14.61
N ASN B 984 -14.30 21.70 15.66
CA ASN B 984 -14.03 20.31 15.98
C ASN B 984 -14.99 19.74 17.02
N TYR B 985 -16.06 20.48 17.37
CA TYR B 985 -16.97 20.01 18.41
C TYR B 985 -17.71 18.74 17.99
N HIS B 986 -17.91 18.53 16.70
CA HIS B 986 -18.72 17.40 16.24
C HIS B 986 -18.12 16.07 16.67
N HIS B 987 -16.79 16.00 16.84
CA HIS B 987 -16.18 14.79 17.37
C HIS B 987 -16.66 14.53 18.79
N ALA B 988 -16.65 15.57 19.63
CA ALA B 988 -17.13 15.41 21.01
C ALA B 988 -18.62 15.12 21.03
N HIS B 989 -19.39 15.80 20.19
CA HIS B 989 -20.84 15.57 20.16
C HIS B 989 -21.17 14.17 19.70
N ASP B 990 -20.43 13.63 18.74
CA ASP B 990 -20.64 12.24 18.33
C ASP B 990 -20.43 11.29 19.49
N ALA B 991 -19.39 11.53 20.31
CA ALA B 991 -19.16 10.67 21.47
C ALA B 991 -20.29 10.78 22.48
N TYR B 992 -20.81 12.00 22.69
CA TYR B 992 -21.94 12.17 23.59
C TYR B 992 -23.17 11.41 23.08
N LEU B 993 -23.45 11.53 21.78
CA LEU B 993 -24.61 10.85 21.21
C LEU B 993 -24.42 9.33 21.20
N ASN B 994 -23.19 8.86 21.04
CA ASN B 994 -22.92 7.43 21.15
C ASN B 994 -23.34 6.91 22.53
N ALA B 995 -22.96 7.62 23.59
CA ALA B 995 -23.30 7.19 24.93
C ALA B 995 -24.81 7.23 25.17
N VAL B 996 -25.47 8.28 24.70
CA VAL B 996 -26.92 8.41 24.90
C VAL B 996 -27.66 7.32 24.15
N VAL B 997 -27.40 7.19 22.85
CA VAL B 997 -28.11 6.19 22.05
C VAL B 997 -27.77 4.79 22.54
N GLY B 998 -26.49 4.51 22.80
CA GLY B 998 -26.09 3.17 23.19
C GLY B 998 -26.69 2.72 24.50
N THR B 999 -26.62 3.58 25.52
CA THR B 999 -27.17 3.20 26.83
C THR B 999 -28.69 3.11 26.79
N ALA B 1000 -29.35 3.99 26.03
CA ALA B 1000 -30.79 3.92 25.92
C ALA B 1000 -31.24 2.66 25.19
N LEU B 1001 -30.50 2.26 24.15
CA LEU B 1001 -30.85 1.07 23.40
C LEU B 1001 -30.70 -0.18 24.25
N ILE B 1002 -29.64 -0.25 25.05
CA ILE B 1002 -29.42 -1.42 25.91
C ILE B 1002 -30.42 -1.42 27.06
N LYS B 1003 -30.74 -0.25 27.61
CA LYS B 1003 -31.73 -0.18 28.68
C LYS B 1003 -33.13 -0.53 28.18
N LYS B 1004 -33.44 -0.18 26.92
CA LYS B 1004 -34.76 -0.49 26.40
C LYS B 1004 -34.89 -1.96 26.04
N TYR B 1005 -33.84 -2.55 25.46
CA TYR B 1005 -33.86 -3.94 24.99
C TYR B 1005 -32.63 -4.66 25.52
N PRO B 1006 -32.70 -5.19 26.75
CA PRO B 1006 -31.53 -5.90 27.31
C PRO B 1006 -31.16 -7.16 26.55
N LYS B 1007 -32.09 -7.76 25.81
CA LYS B 1007 -31.78 -8.95 25.05
C LYS B 1007 -30.78 -8.67 23.93
N LEU B 1008 -30.61 -7.40 23.55
CA LEU B 1008 -29.64 -7.03 22.53
C LEU B 1008 -28.22 -6.95 23.05
N GLU B 1009 -27.98 -7.25 24.34
CA GLU B 1009 -26.62 -7.20 24.86
C GLU B 1009 -25.74 -8.26 24.21
N SER B 1010 -26.31 -9.38 23.76
CA SER B 1010 -25.53 -10.38 23.07
C SER B 1010 -24.96 -9.88 21.75
N GLU B 1011 -25.55 -8.83 21.18
CA GLU B 1011 -25.11 -8.30 19.89
C GLU B 1011 -24.24 -7.05 20.03
N PHE B 1012 -24.46 -6.23 21.05
CA PHE B 1012 -23.77 -4.96 21.17
C PHE B 1012 -22.75 -4.90 22.32
N VAL B 1013 -22.86 -5.78 23.31
CA VAL B 1013 -21.97 -5.76 24.47
C VAL B 1013 -20.94 -6.87 24.30
N TYR B 1014 -19.67 -6.53 24.55
CA TYR B 1014 -18.61 -7.51 24.43
C TYR B 1014 -18.69 -8.53 25.56
N GLY B 1015 -18.37 -9.78 25.24
CA GLY B 1015 -18.30 -10.83 26.24
C GLY B 1015 -19.55 -11.69 26.25
N ASP B 1016 -19.39 -12.90 26.79
CA ASP B 1016 -20.48 -13.86 26.94
C ASP B 1016 -21.20 -14.12 25.63
N GLY B 1034 -40.81 -16.48 8.09
CA GLY B 1034 -41.28 -16.41 9.47
C GLY B 1034 -40.34 -15.65 10.38
N LYS B 1035 -39.35 -16.35 10.92
CA LYS B 1035 -38.37 -15.70 11.80
C LYS B 1035 -37.47 -14.76 11.02
N ALA B 1036 -37.28 -15.00 9.72
CA ALA B 1036 -36.46 -14.12 8.91
C ALA B 1036 -37.14 -12.78 8.67
N THR B 1037 -38.42 -12.81 8.31
CA THR B 1037 -39.17 -11.57 8.11
C THR B 1037 -39.33 -10.79 9.42
N ALA B 1038 -39.56 -11.51 10.52
CA ALA B 1038 -39.69 -10.85 11.82
C ALA B 1038 -38.39 -10.17 12.21
N LYS B 1039 -37.27 -10.88 12.09
CA LYS B 1039 -35.97 -10.29 12.40
C LYS B 1039 -35.65 -9.13 11.47
N TYR B 1040 -36.16 -9.17 10.24
CA TYR B 1040 -35.98 -8.04 9.33
C TYR B 1040 -36.72 -6.81 9.84
N PHE B 1041 -38.00 -6.97 10.18
CA PHE B 1041 -38.77 -5.84 10.69
C PHE B 1041 -38.31 -5.42 12.09
N PHE B 1042 -37.86 -6.38 12.90
CA PHE B 1042 -37.38 -6.06 14.24
C PHE B 1042 -36.14 -5.19 14.18
N TYR B 1043 -35.15 -5.59 13.39
CA TYR B 1043 -33.93 -4.80 13.25
C TYR B 1043 -34.16 -3.52 12.45
N SER B 1044 -35.23 -3.45 11.68
CA SER B 1044 -35.50 -2.25 10.87
C SER B 1044 -36.16 -1.14 11.68
N ASN B 1045 -36.83 -1.47 12.78
CA ASN B 1045 -37.55 -0.49 13.59
C ASN B 1045 -37.05 -0.47 15.03
N ILE B 1046 -35.79 -0.86 15.23
CA ILE B 1046 -35.24 -0.96 16.58
C ILE B 1046 -35.13 0.40 17.25
N MET B 1047 -35.05 1.48 16.47
CA MET B 1047 -34.89 2.84 16.99
C MET B 1047 -36.19 3.61 17.02
N ASN B 1048 -37.34 2.95 16.83
CA ASN B 1048 -38.61 3.65 16.78
C ASN B 1048 -39.07 4.12 18.15
N PHE B 1049 -38.51 3.58 19.23
CA PHE B 1049 -38.98 3.96 20.57
C PHE B 1049 -38.64 5.39 20.93
N PHE B 1050 -37.77 6.07 20.18
CA PHE B 1050 -37.51 7.47 20.43
C PHE B 1050 -38.62 8.37 19.92
N LYS B 1051 -39.37 7.92 18.92
CA LYS B 1051 -40.35 8.75 18.25
C LYS B 1051 -41.72 8.65 18.92
N THR B 1052 -42.54 9.69 18.71
CA THR B 1052 -43.92 9.70 19.17
C THR B 1052 -44.87 9.16 18.10
N GLU B 1053 -44.61 9.47 16.83
CA GLU B 1053 -45.38 8.96 15.71
C GLU B 1053 -44.43 8.38 14.68
N ILE B 1054 -44.79 7.22 14.13
CA ILE B 1054 -43.95 6.50 13.19
C ILE B 1054 -44.78 6.15 11.96
N THR B 1055 -44.32 6.56 10.79
CA THR B 1055 -44.87 6.11 9.51
C THR B 1055 -44.02 4.94 9.05
N LEU B 1056 -44.60 3.74 9.06
CA LEU B 1056 -43.85 2.53 8.78
C LEU B 1056 -43.59 2.36 7.29
N ALA B 1057 -42.74 1.37 6.98
CA ALA B 1057 -42.51 1.01 5.58
C ALA B 1057 -43.75 0.40 4.95
N ASN B 1058 -44.57 -0.29 5.75
CA ASN B 1058 -45.83 -0.82 5.26
C ASN B 1058 -46.88 0.26 5.03
N GLY B 1059 -46.61 1.49 5.44
CA GLY B 1059 -47.55 2.59 5.28
C GLY B 1059 -48.44 2.82 6.48
N GLU B 1060 -48.54 1.87 7.40
CA GLU B 1060 -49.39 2.03 8.58
C GLU B 1060 -48.72 2.93 9.60
N ILE B 1061 -49.53 3.80 10.21
CA ILE B 1061 -49.05 4.77 11.19
C ILE B 1061 -49.16 4.17 12.59
N ARG B 1062 -48.08 4.28 13.36
CA ARG B 1062 -48.06 3.81 14.74
C ARG B 1062 -47.80 5.00 15.67
N LYS B 1063 -48.27 4.88 16.90
CA LYS B 1063 -48.14 5.94 17.90
C LYS B 1063 -47.54 5.36 19.18
N ARG B 1064 -46.63 6.13 19.79
CA ARG B 1064 -45.97 5.75 21.02
C ARG B 1064 -46.12 6.86 22.06
N PRO B 1065 -46.21 6.51 23.34
CA PRO B 1065 -46.41 7.54 24.37
C PRO B 1065 -45.20 8.43 24.59
N LEU B 1066 -45.31 9.35 25.56
CA LEU B 1066 -44.25 10.32 25.79
C LEU B 1066 -43.03 9.67 26.47
N ILE B 1067 -43.27 8.76 27.41
CA ILE B 1067 -42.22 8.19 28.23
C ILE B 1067 -42.10 6.70 27.93
N GLU B 1068 -40.88 6.25 27.65
CA GLU B 1068 -40.58 4.86 27.33
C GLU B 1068 -40.00 4.15 28.54
N THR B 1069 -40.42 2.90 28.74
CA THR B 1069 -39.95 2.08 29.84
C THR B 1069 -39.42 0.76 29.30
N ASN B 1070 -38.71 0.03 30.17
CA ASN B 1070 -38.29 -1.32 29.87
C ASN B 1070 -39.40 -2.29 30.25
N GLY B 1071 -39.53 -3.36 29.48
CA GLY B 1071 -40.61 -4.32 29.66
C GLY B 1071 -40.73 -4.91 31.05
N GLU B 1072 -39.76 -5.73 31.45
CA GLU B 1072 -39.83 -6.38 32.75
C GLU B 1072 -39.45 -5.45 33.88
N THR B 1073 -38.54 -4.51 33.64
CA THR B 1073 -38.04 -3.65 34.72
C THR B 1073 -39.08 -2.60 35.11
N GLY B 1074 -39.64 -1.91 34.12
CA GLY B 1074 -40.44 -0.73 34.38
C GLY B 1074 -39.66 0.54 34.55
N GLU B 1075 -38.34 0.48 34.54
CA GLU B 1075 -37.51 1.67 34.67
C GLU B 1075 -37.68 2.57 33.45
N ILE B 1076 -37.53 3.87 33.67
CA ILE B 1076 -37.74 4.86 32.62
C ILE B 1076 -36.52 4.88 31.71
N VAL B 1077 -36.72 4.59 30.43
CA VAL B 1077 -35.63 4.59 29.45
C VAL B 1077 -35.49 5.95 28.79
N TRP B 1078 -36.59 6.50 28.26
CA TRP B 1078 -36.54 7.74 27.50
C TRP B 1078 -37.81 8.54 27.77
N ASP B 1079 -37.62 9.82 28.09
CA ASP B 1079 -38.73 10.75 28.31
C ASP B 1079 -38.68 11.76 27.17
N LYS B 1080 -39.52 11.54 26.15
CA LYS B 1080 -39.55 12.45 25.02
C LYS B 1080 -40.01 13.86 25.41
N GLY B 1081 -40.43 14.06 26.66
CA GLY B 1081 -40.81 15.38 27.12
C GLY B 1081 -39.67 16.26 27.58
N ARG B 1082 -38.52 15.68 27.93
CA ARG B 1082 -37.41 16.48 28.43
C ARG B 1082 -36.04 15.88 28.13
N ASP B 1083 -36.00 14.67 27.56
CA ASP B 1083 -34.70 14.09 27.21
C ASP B 1083 -34.13 14.67 25.92
N PHE B 1084 -34.99 15.05 24.97
CA PHE B 1084 -34.50 15.73 23.77
C PHE B 1084 -33.95 17.10 24.12
N ALA B 1085 -34.63 17.84 25.02
CA ALA B 1085 -34.12 19.12 25.47
C ALA B 1085 -32.78 18.97 26.18
N THR B 1086 -32.57 17.84 26.86
CA THR B 1086 -31.27 17.57 27.46
C THR B 1086 -30.19 17.45 26.41
N VAL B 1087 -30.48 16.74 25.31
CA VAL B 1087 -29.51 16.61 24.23
C VAL B 1087 -29.25 17.97 23.60
N ARG B 1088 -30.29 18.78 23.42
CA ARG B 1088 -30.12 20.10 22.84
C ARG B 1088 -29.26 20.99 23.74
N LYS B 1089 -29.46 20.88 25.06
CA LYS B 1089 -28.66 21.68 25.99
C LYS B 1089 -27.19 21.26 25.96
N VAL B 1090 -26.93 19.95 25.82
CA VAL B 1090 -25.56 19.47 25.79
C VAL B 1090 -24.85 19.93 24.51
N LEU B 1091 -25.49 19.76 23.36
CA LEU B 1091 -24.85 20.09 22.09
C LEU B 1091 -24.66 21.59 21.91
N SER B 1092 -25.41 22.42 22.64
CA SER B 1092 -25.28 23.86 22.53
C SER B 1092 -24.29 24.45 23.52
N MET B 1093 -23.70 23.63 24.39
CA MET B 1093 -22.74 24.14 25.36
C MET B 1093 -21.49 24.66 24.66
N PRO B 1094 -21.10 25.92 24.88
CA PRO B 1094 -19.93 26.45 24.16
C PRO B 1094 -18.61 25.89 24.66
N GLN B 1095 -18.51 25.54 25.94
CA GLN B 1095 -17.24 25.10 26.52
C GLN B 1095 -17.07 23.61 26.27
N VAL B 1096 -16.24 23.28 25.28
CA VAL B 1096 -15.91 21.90 24.94
C VAL B 1096 -14.39 21.78 24.93
N ASN B 1097 -13.87 20.72 25.55
CA ASN B 1097 -12.43 20.56 25.75
C ASN B 1097 -11.79 19.99 24.48
N ILE B 1098 -11.46 20.86 23.54
CA ILE B 1098 -10.73 20.48 22.34
C ILE B 1098 -9.24 20.62 22.64
N VAL B 1099 -8.50 19.53 22.46
CA VAL B 1099 -7.08 19.48 22.78
C VAL B 1099 -6.33 18.96 21.56
N LYS B 1100 -5.38 19.74 21.06
CA LYS B 1100 -4.48 19.30 19.99
C LYS B 1100 -3.22 18.75 20.63
N LYS B 1101 -3.00 17.44 20.46
CA LYS B 1101 -1.88 16.73 21.06
C LYS B 1101 -0.54 17.35 20.68
N THR B 1102 0.17 17.93 21.66
CA THR B 1102 1.49 18.46 21.40
C THR B 1102 2.45 17.30 21.15
N GLU B 1103 3.31 17.46 20.15
CA GLU B 1103 4.18 16.37 19.71
C GLU B 1103 5.53 16.93 19.28
N VAL B 1104 6.60 16.26 19.71
CA VAL B 1104 7.93 16.52 19.18
C VAL B 1104 7.97 16.07 17.72
N GLN B 1105 8.58 16.88 16.86
CA GLN B 1105 8.66 16.56 15.45
C GLN B 1105 9.87 15.68 15.17
N THR B 1106 9.67 14.62 14.41
CA THR B 1106 10.70 13.66 14.06
C THR B 1106 10.74 13.50 12.54
N GLY B 1107 11.73 12.74 12.07
CA GLY B 1107 11.87 12.44 10.67
C GLY B 1107 13.11 13.07 10.06
N GLY B 1108 13.01 13.43 8.78
CA GLY B 1108 14.16 13.95 8.08
C GLY B 1108 14.65 15.27 8.64
N PHE B 1109 15.96 15.48 8.51
CA PHE B 1109 16.58 16.69 9.06
C PHE B 1109 16.02 17.95 8.41
N SER B 1110 15.82 17.92 7.10
CA SER B 1110 15.42 19.10 6.35
C SER B 1110 14.83 18.65 5.02
N LYS B 1111 14.56 19.61 4.14
CA LYS B 1111 14.25 19.27 2.76
C LYS B 1111 15.46 18.63 2.10
N GLU B 1112 15.20 17.75 1.13
CA GLU B 1112 16.25 16.90 0.59
C GLU B 1112 16.96 17.51 -0.63
N SER B 1113 16.35 18.48 -1.30
CA SER B 1113 16.93 19.01 -2.53
C SER B 1113 18.26 19.69 -2.25
N ILE B 1114 19.27 19.36 -3.05
CA ILE B 1114 20.59 19.96 -2.92
C ILE B 1114 20.60 21.19 -3.82
N LEU B 1115 20.47 22.38 -3.21
CA LEU B 1115 20.39 23.60 -3.98
C LEU B 1115 21.78 24.15 -4.31
N PRO B 1116 21.90 24.92 -5.40
CA PRO B 1116 23.20 25.49 -5.75
C PRO B 1116 23.70 26.45 -4.67
N LYS B 1117 24.98 26.76 -4.75
CA LYS B 1117 25.58 27.68 -3.79
C LYS B 1117 24.93 29.05 -3.88
N ARG B 1118 24.73 29.66 -2.72
CA ARG B 1118 24.24 31.03 -2.63
C ARG B 1118 24.96 31.72 -1.48
N ASN B 1119 25.22 33.01 -1.66
CA ASN B 1119 25.88 33.77 -0.59
C ASN B 1119 24.99 33.90 0.64
N SER B 1120 23.68 33.75 0.49
CA SER B 1120 22.80 33.69 1.65
C SER B 1120 23.18 32.51 2.53
N ASP B 1121 23.20 32.73 3.83
CA ASP B 1121 23.65 31.74 4.79
C ASP B 1121 22.52 30.85 5.31
N LYS B 1122 21.42 30.74 4.57
CA LYS B 1122 20.36 29.81 4.94
C LYS B 1122 20.71 28.37 4.63
N LEU B 1123 21.66 28.15 3.73
CA LEU B 1123 22.00 26.79 3.30
C LEU B 1123 22.70 26.02 4.41
N ILE B 1124 22.42 24.72 4.47
CA ILE B 1124 23.00 23.82 5.46
C ILE B 1124 24.05 22.96 4.77
N ALA B 1125 25.21 22.81 5.42
CA ALA B 1125 26.30 22.04 4.85
C ALA B 1125 25.88 20.58 4.67
N ARG B 1126 26.27 20.00 3.53
CA ARG B 1126 25.94 18.61 3.22
C ARG B 1126 26.96 17.65 3.82
N LYS B 1127 28.17 18.12 4.09
CA LYS B 1127 29.17 17.40 4.85
C LYS B 1127 29.85 18.40 5.77
N LYS B 1128 30.64 17.89 6.73
CA LYS B 1128 31.19 18.73 7.78
C LYS B 1128 32.05 19.86 7.21
N ASP B 1129 32.82 19.57 6.15
CA ASP B 1129 33.77 20.54 5.61
C ASP B 1129 33.34 21.06 4.23
N TRP B 1130 32.07 20.96 3.90
CA TRP B 1130 31.55 21.45 2.61
C TRP B 1130 30.79 22.74 2.88
N ASP B 1131 31.52 23.85 2.88
CA ASP B 1131 30.93 25.17 3.07
C ASP B 1131 29.87 25.42 2.01
N PRO B 1132 28.61 25.65 2.40
CA PRO B 1132 27.55 25.80 1.39
C PRO B 1132 27.70 27.04 0.53
N LYS B 1133 28.51 28.02 0.94
CA LYS B 1133 28.79 29.14 0.07
C LYS B 1133 29.66 28.74 -1.12
N LYS B 1134 30.33 27.59 -1.03
CA LYS B 1134 31.10 27.04 -2.14
C LYS B 1134 30.43 25.84 -2.81
N TYR B 1135 29.69 25.03 -2.06
CA TYR B 1135 29.20 23.75 -2.55
C TYR B 1135 27.69 23.61 -2.52
N GLY B 1136 26.96 24.61 -2.05
CA GLY B 1136 25.52 24.45 -1.93
C GLY B 1136 25.16 23.58 -0.73
N GLY B 1137 23.86 23.32 -0.62
CA GLY B 1137 23.39 22.50 0.49
C GLY B 1137 21.88 22.48 0.60
N PHE B 1138 21.40 22.26 1.81
CA PHE B 1138 19.98 22.07 2.11
C PHE B 1138 19.37 23.34 2.67
N VAL B 1139 18.03 23.42 2.57
CA VAL B 1139 17.26 24.50 3.16
C VAL B 1139 16.19 23.90 4.07
N SER B 1140 15.59 24.77 4.89
CA SER B 1140 14.40 24.51 5.68
C SER B 1140 14.58 23.29 6.58
N PRO B 1141 15.35 23.40 7.66
CA PRO B 1141 15.41 22.31 8.63
C PRO B 1141 14.13 22.23 9.45
N THR B 1142 13.82 21.01 9.90
CA THR B 1142 12.63 20.79 10.71
C THR B 1142 12.97 20.98 12.19
N VAL B 1143 12.20 21.81 12.87
CA VAL B 1143 12.38 22.02 14.30
C VAL B 1143 11.75 20.84 15.04
N ALA B 1144 12.55 20.15 15.84
CA ALA B 1144 12.01 19.09 16.68
C ALA B 1144 11.12 19.65 17.77
N TYR B 1145 11.63 20.63 18.51
CA TYR B 1145 10.85 21.36 19.50
C TYR B 1145 11.56 22.68 19.78
N SER B 1146 10.83 23.61 20.39
CA SER B 1146 11.39 24.90 20.78
C SER B 1146 11.69 24.90 22.27
N VAL B 1147 12.62 25.77 22.65
CA VAL B 1147 13.00 25.95 24.05
C VAL B 1147 12.96 27.43 24.39
N LEU B 1148 12.37 27.75 25.54
CA LEU B 1148 12.40 29.10 26.07
C LEU B 1148 13.76 29.35 26.72
N VAL B 1149 14.42 30.43 26.31
CA VAL B 1149 15.77 30.75 26.76
C VAL B 1149 15.73 32.12 27.43
N VAL B 1150 16.13 32.16 28.71
CA VAL B 1150 16.32 33.39 29.44
C VAL B 1150 17.80 33.50 29.76
N ALA B 1151 18.48 34.43 29.12
CA ALA B 1151 19.93 34.53 29.23
C ALA B 1151 20.38 35.90 28.76
N LYS B 1152 21.67 36.04 28.46
CA LYS B 1152 22.24 37.26 27.92
C LYS B 1152 22.97 36.93 26.62
N VAL B 1153 23.00 37.92 25.72
CA VAL B 1153 23.74 37.80 24.47
C VAL B 1153 24.62 39.03 24.29
N GLU B 1154 25.67 38.86 23.50
CA GLU B 1154 26.58 39.95 23.19
C GLU B 1154 25.97 40.83 22.12
N LYS B 1155 25.98 42.15 22.35
CA LYS B 1155 25.40 43.11 21.42
C LYS B 1155 26.45 44.13 21.01
N GLY B 1156 26.48 44.42 19.71
CA GLY B 1156 27.36 45.46 19.17
C GLY B 1156 28.80 45.01 19.07
N LYS B 1157 29.64 45.95 18.60
CA LYS B 1157 31.06 45.66 18.47
C LYS B 1157 31.70 45.42 19.83
N SER B 1158 31.31 46.19 20.84
CA SER B 1158 31.88 46.02 22.18
C SER B 1158 31.38 44.75 22.87
N LYS B 1159 30.37 44.09 22.31
CA LYS B 1159 29.82 42.85 22.85
C LYS B 1159 29.24 43.06 24.26
N LYS B 1160 28.45 44.11 24.41
CA LYS B 1160 27.73 44.34 25.64
C LYS B 1160 26.77 43.18 25.92
N LEU B 1161 26.70 42.78 27.18
CA LEU B 1161 25.77 41.73 27.58
C LEU B 1161 24.38 42.33 27.76
N LYS B 1162 23.39 41.70 27.11
CA LYS B 1162 22.02 42.22 27.05
C LYS B 1162 21.06 41.10 27.42
N SER B 1163 20.28 41.32 28.48
CA SER B 1163 19.31 40.31 28.91
C SER B 1163 18.26 40.10 27.83
N VAL B 1164 18.01 38.82 27.50
CA VAL B 1164 17.05 38.46 26.47
C VAL B 1164 16.19 37.31 26.96
N LYS B 1165 15.00 37.22 26.37
CA LYS B 1165 14.11 36.06 26.53
C LYS B 1165 13.64 35.69 25.14
N GLU B 1166 14.03 34.51 24.66
CA GLU B 1166 13.82 34.15 23.26
C GLU B 1166 13.29 32.73 23.15
N LEU B 1167 12.71 32.43 21.99
CA LEU B 1167 12.26 31.10 21.62
C LEU B 1167 13.23 30.56 20.57
N LEU B 1168 14.00 29.54 20.95
CA LEU B 1168 14.99 28.94 20.08
C LEU B 1168 14.48 27.60 19.57
N GLY B 1169 14.51 27.42 18.25
CA GLY B 1169 14.12 26.15 17.67
C GLY B 1169 15.27 25.15 17.67
N ILE B 1170 15.06 24.01 18.31
CA ILE B 1170 16.03 22.92 18.30
C ILE B 1170 15.69 22.01 17.13
N THR B 1171 16.53 22.00 16.10
CA THR B 1171 16.26 21.20 14.93
C THR B 1171 16.42 19.71 15.25
N ILE B 1172 15.87 18.89 14.36
CA ILE B 1172 15.98 17.44 14.52
C ILE B 1172 17.46 17.02 14.53
N MET B 1173 18.26 17.63 13.66
CA MET B 1173 19.68 17.30 13.63
C MET B 1173 20.39 17.74 14.89
N GLU B 1174 19.95 18.85 15.50
CA GLU B 1174 20.61 19.39 16.68
C GLU B 1174 20.17 18.72 17.98
N ARG B 1175 19.11 17.90 17.96
CA ARG B 1175 18.45 17.48 19.19
C ARG B 1175 19.39 16.70 20.10
N SER B 1176 20.12 15.73 19.55
CA SER B 1176 20.97 14.87 20.37
C SER B 1176 22.04 15.67 21.10
N SER B 1177 22.71 16.60 20.41
CA SER B 1177 23.74 17.39 21.06
C SER B 1177 23.15 18.34 22.11
N PHE B 1178 21.99 18.93 21.81
CA PHE B 1178 21.33 19.80 22.78
C PHE B 1178 20.99 19.03 24.05
N GLU B 1179 20.36 17.86 23.91
CA GLU B 1179 19.94 17.13 25.10
C GLU B 1179 21.12 16.56 25.88
N LYS B 1180 22.23 16.27 25.19
CA LYS B 1180 23.41 15.75 25.89
C LYS B 1180 23.99 16.78 26.84
N ASN B 1181 24.05 18.05 26.42
CA ASN B 1181 24.51 19.12 27.29
C ASN B 1181 23.81 20.41 26.86
N PRO B 1182 22.68 20.74 27.49
CA PRO B 1182 21.94 21.94 27.06
C PRO B 1182 22.72 23.24 27.23
N ILE B 1183 23.40 23.42 28.36
CA ILE B 1183 24.09 24.69 28.61
C ILE B 1183 25.23 24.87 27.61
N ASP B 1184 26.02 23.82 27.37
CA ASP B 1184 27.09 23.93 26.38
C ASP B 1184 26.55 24.20 24.99
N PHE B 1185 25.40 23.60 24.65
CA PHE B 1185 24.78 23.84 23.35
C PHE B 1185 24.32 25.30 23.24
N LEU B 1186 23.67 25.80 24.28
CA LEU B 1186 23.18 27.18 24.24
C LEU B 1186 24.32 28.18 24.24
N GLU B 1187 25.37 27.92 25.02
CA GLU B 1187 26.53 28.81 25.01
C GLU B 1187 27.21 28.83 23.65
N ALA B 1188 27.21 27.69 22.95
CA ALA B 1188 27.76 27.67 21.59
C ALA B 1188 26.90 28.48 20.63
N LYS B 1189 25.61 28.63 20.93
CA LYS B 1189 24.73 29.47 20.13
C LYS B 1189 24.92 30.96 20.40
N GLY B 1190 25.66 31.32 21.45
CA GLY B 1190 25.90 32.71 21.78
C GLY B 1190 25.28 33.16 23.09
N TYR B 1191 24.47 32.33 23.74
CA TYR B 1191 23.85 32.71 24.99
C TYR B 1191 24.85 32.61 26.14
N LYS B 1192 24.77 33.55 27.08
CA LYS B 1192 25.58 33.54 28.28
C LYS B 1192 24.69 33.66 29.51
N GLU B 1193 25.17 33.08 30.61
CA GLU B 1193 24.47 33.13 31.89
C GLU B 1193 23.02 32.66 31.75
N VAL B 1194 22.86 31.48 31.15
CA VAL B 1194 21.53 30.93 30.93
C VAL B 1194 20.92 30.55 32.26
N LYS B 1195 19.67 30.97 32.48
CA LYS B 1195 18.89 30.48 33.61
C LYS B 1195 18.46 29.05 33.33
N LYS B 1196 19.25 28.08 33.77
CA LYS B 1196 19.03 26.69 33.39
C LYS B 1196 17.69 26.18 33.89
N ASP B 1197 17.25 26.62 35.07
CA ASP B 1197 15.99 26.16 35.63
C ASP B 1197 14.78 26.78 34.94
N LEU B 1198 14.98 27.81 34.12
CA LEU B 1198 13.89 28.45 33.40
C LEU B 1198 13.73 27.95 31.97
N ILE B 1199 14.53 26.96 31.57
CA ILE B 1199 14.39 26.40 30.23
C ILE B 1199 13.12 25.56 30.17
N ILE B 1200 12.26 25.87 29.21
CA ILE B 1200 11.01 25.16 29.00
C ILE B 1200 11.04 24.51 27.63
N LYS B 1201 10.79 23.19 27.60
CA LYS B 1201 10.70 22.46 26.34
C LYS B 1201 9.29 22.65 25.76
N LEU B 1202 9.22 23.18 24.54
CA LEU B 1202 7.94 23.58 23.93
C LEU B 1202 7.77 22.87 22.60
N PRO B 1203 7.19 21.67 22.59
CA PRO B 1203 6.97 20.96 21.32
C PRO B 1203 5.92 21.64 20.45
N LYS B 1204 5.73 21.11 19.24
CA LYS B 1204 4.74 21.69 18.33
C LYS B 1204 3.35 21.62 18.94
N TYR B 1205 2.57 22.68 18.71
CA TYR B 1205 1.20 22.86 19.18
C TYR B 1205 1.12 23.28 20.66
N SER B 1206 2.24 23.69 21.25
CA SER B 1206 2.20 24.24 22.61
C SER B 1206 1.24 25.43 22.67
N LEU B 1207 0.42 25.45 23.71
CA LEU B 1207 -0.75 26.32 23.78
C LEU B 1207 -0.44 27.56 24.61
N PHE B 1208 -0.80 28.73 24.07
CA PHE B 1208 -0.64 30.01 24.75
C PHE B 1208 -1.93 30.80 24.68
N GLU B 1209 -2.27 31.48 25.78
CA GLU B 1209 -3.41 32.40 25.80
C GLU B 1209 -2.90 33.82 25.99
N LEU B 1210 -3.41 34.75 25.18
CA LEU B 1210 -3.01 36.15 25.32
C LEU B 1210 -4.17 36.98 25.86
N GLU B 1211 -4.49 38.06 25.14
CA GLU B 1211 -5.52 38.97 25.60
C GLU B 1211 -6.86 38.58 24.99
N ASN B 1212 -7.92 38.88 25.74
CA ASN B 1212 -9.30 38.69 25.32
C ASN B 1212 -9.61 37.25 24.93
N GLY B 1213 -9.03 36.29 25.65
CA GLY B 1213 -9.26 34.90 25.32
C GLY B 1213 -8.58 34.41 24.06
N ARG B 1214 -7.83 35.27 23.38
CA ARG B 1214 -7.13 34.86 22.17
C ARG B 1214 -6.05 33.84 22.49
N LYS B 1215 -5.98 32.79 21.67
CA LYS B 1215 -5.04 31.69 21.89
C LYS B 1215 -4.22 31.46 20.63
N ARG B 1216 -2.98 31.01 20.83
CA ARG B 1216 -2.06 30.67 19.75
C ARG B 1216 -1.39 29.34 20.06
N MET B 1217 -1.15 28.55 19.02
CA MET B 1217 -0.39 27.31 19.13
C MET B 1217 0.93 27.45 18.37
N LEU B 1218 1.97 26.82 18.91
CA LEU B 1218 3.25 26.81 18.22
C LEU B 1218 3.17 25.95 16.96
N ALA B 1219 3.38 26.57 15.80
CA ALA B 1219 3.65 25.80 14.59
C ALA B 1219 5.11 25.42 14.52
N SER B 1220 5.97 26.19 15.19
CA SER B 1220 7.41 25.99 15.24
C SER B 1220 7.98 27.02 16.21
N ALA B 1221 9.27 27.34 16.05
CA ALA B 1221 9.86 28.42 16.82
C ALA B 1221 9.60 29.78 16.20
N ARG B 1222 9.13 29.84 14.95
CA ARG B 1222 9.03 31.10 14.22
C ARG B 1222 7.65 31.36 13.64
N GLU B 1223 6.67 30.48 13.89
CA GLU B 1223 5.33 30.66 13.37
C GLU B 1223 4.31 30.13 14.36
N LEU B 1224 3.15 30.77 14.41
CA LEU B 1224 2.06 30.38 15.29
C LEU B 1224 0.87 29.89 14.48
N GLN B 1225 0.04 29.09 15.12
CA GLN B 1225 -1.24 28.64 14.58
C GLN B 1225 -2.39 29.21 15.40
N LYS B 1226 -3.57 29.19 14.81
CA LYS B 1226 -4.77 29.63 15.52
C LYS B 1226 -5.10 28.64 16.65
N GLY B 1227 -5.43 29.19 17.82
CA GLY B 1227 -5.63 28.37 19.00
C GLY B 1227 -7.05 28.36 19.55
N ASN B 1228 -7.95 29.13 18.94
CA ASN B 1228 -9.31 29.27 19.44
C ASN B 1228 -10.30 28.45 18.59
N GLU B 1229 -11.44 28.13 19.19
CA GLU B 1229 -12.53 27.46 18.52
C GLU B 1229 -13.75 28.38 18.50
N LEU B 1230 -14.42 28.44 17.34
CA LEU B 1230 -15.61 29.27 17.18
C LEU B 1230 -16.83 28.42 17.52
N ALA B 1231 -17.41 28.65 18.70
CA ALA B 1231 -18.60 27.95 19.13
C ALA B 1231 -19.82 28.64 18.54
N LEU B 1232 -20.23 28.21 17.37
CA LEU B 1232 -21.39 28.79 16.72
C LEU B 1232 -22.67 28.23 17.34
N PRO B 1233 -23.64 29.07 17.68
CA PRO B 1233 -24.87 28.58 18.30
C PRO B 1233 -25.58 27.54 17.43
N SER B 1234 -26.40 26.73 18.11
CA SER B 1234 -27.00 25.57 17.45
C SER B 1234 -27.98 25.99 16.37
N LYS B 1235 -28.73 27.08 16.59
CA LYS B 1235 -29.70 27.52 15.59
C LYS B 1235 -29.03 27.87 14.27
N TYR B 1236 -27.79 28.35 14.31
CA TYR B 1236 -27.06 28.63 13.08
C TYR B 1236 -26.49 27.37 12.44
N VAL B 1237 -26.11 26.39 13.26
CA VAL B 1237 -25.60 25.13 12.72
C VAL B 1237 -26.69 24.40 11.94
N ASN B 1238 -27.87 24.27 12.56
CA ASN B 1238 -28.98 23.58 11.89
C ASN B 1238 -29.44 24.35 10.66
N PHE B 1239 -29.44 25.68 10.73
CA PHE B 1239 -29.81 26.48 9.57
C PHE B 1239 -28.82 26.31 8.43
N LEU B 1240 -27.52 26.27 8.76
CA LEU B 1240 -26.51 26.07 7.72
C LEU B 1240 -26.61 24.69 7.09
N TYR B 1241 -26.98 23.67 7.87
CA TYR B 1241 -27.16 22.34 7.30
C TYR B 1241 -28.34 22.30 6.35
N LEU B 1242 -29.49 22.83 6.77
CA LEU B 1242 -30.68 22.76 5.94
C LEU B 1242 -30.57 23.66 4.72
N ALA B 1243 -29.98 24.84 4.87
CA ALA B 1243 -29.88 25.77 3.74
C ALA B 1243 -28.91 25.26 2.69
N SER B 1244 -27.81 24.63 3.11
CA SER B 1244 -26.86 24.04 2.17
C SER B 1244 -27.39 22.75 1.55
N HIS B 1245 -28.31 22.07 2.23
CA HIS B 1245 -28.97 20.89 1.68
C HIS B 1245 -30.38 21.20 1.18
N TYR B 1246 -30.66 22.47 0.87
CA TYR B 1246 -32.01 22.87 0.50
C TYR B 1246 -32.48 22.16 -0.77
N GLU B 1247 -31.59 22.02 -1.75
CA GLU B 1247 -31.97 21.33 -2.99
C GLU B 1247 -32.21 19.84 -2.73
N LYS B 1248 -31.44 19.25 -1.82
CA LYS B 1248 -31.60 17.84 -1.48
C LYS B 1248 -32.49 17.66 -0.26
N PRO B 1253 -39.59 13.46 0.85
CA PRO B 1253 -40.67 13.37 1.85
C PRO B 1253 -41.54 14.62 1.89
N GLU B 1254 -42.79 14.46 2.36
CA GLU B 1254 -43.71 15.60 2.41
C GLU B 1254 -43.26 16.62 3.46
N ASP B 1255 -42.57 16.18 4.50
CA ASP B 1255 -42.11 17.07 5.55
C ASP B 1255 -40.90 17.91 5.12
N ASN B 1256 -40.38 17.70 3.92
CA ASN B 1256 -39.27 18.53 3.43
C ASN B 1256 -39.71 19.96 3.16
N GLU B 1257 -41.02 20.20 2.98
CA GLU B 1257 -41.50 21.57 2.80
C GLU B 1257 -41.39 22.37 4.08
N GLN B 1258 -41.55 21.72 5.23
CA GLN B 1258 -41.42 22.43 6.51
C GLN B 1258 -39.98 22.87 6.75
N LYS B 1259 -39.01 22.06 6.31
CA LYS B 1259 -37.61 22.46 6.44
C LYS B 1259 -37.24 23.55 5.45
N GLN B 1260 -37.88 23.55 4.27
CA GLN B 1260 -37.57 24.58 3.29
C GLN B 1260 -38.14 25.93 3.70
N LEU B 1261 -39.31 25.94 4.32
CA LEU B 1261 -39.89 27.20 4.79
C LEU B 1261 -39.11 27.79 5.95
N PHE B 1262 -38.50 26.93 6.78
CA PHE B 1262 -37.68 27.42 7.89
C PHE B 1262 -36.50 28.24 7.38
N VAL B 1263 -36.00 27.94 6.18
CA VAL B 1263 -34.83 28.64 5.66
C VAL B 1263 -35.20 30.07 5.26
N GLU B 1264 -36.29 30.22 4.50
CA GLU B 1264 -36.70 31.56 4.08
C GLU B 1264 -37.12 32.41 5.27
N GLN B 1265 -37.76 31.80 6.28
CA GLN B 1265 -38.15 32.54 7.46
C GLN B 1265 -36.95 32.98 8.29
N HIS B 1266 -35.76 32.40 8.05
CA HIS B 1266 -34.56 32.74 8.79
C HIS B 1266 -33.41 33.05 7.84
N LYS B 1267 -33.72 33.70 6.72
CA LYS B 1267 -32.67 34.19 5.83
C LYS B 1267 -31.82 35.26 6.49
N HIS B 1268 -32.35 35.91 7.53
CA HIS B 1268 -31.59 36.88 8.30
C HIS B 1268 -30.47 36.23 9.10
N TYR B 1269 -30.47 34.91 9.27
CA TYR B 1269 -29.38 34.23 9.94
C TYR B 1269 -28.06 34.39 9.20
N LEU B 1270 -28.10 34.63 7.88
CA LEU B 1270 -26.87 34.85 7.13
C LEU B 1270 -26.10 36.04 7.68
N ASP B 1271 -26.79 37.17 7.89
CA ASP B 1271 -26.15 38.34 8.48
C ASP B 1271 -25.66 38.04 9.89
N GLU B 1272 -26.45 37.32 10.68
CA GLU B 1272 -26.07 37.03 12.05
C GLU B 1272 -24.89 36.07 12.12
N ILE B 1273 -24.77 35.17 11.14
CA ILE B 1273 -23.61 34.27 11.11
C ILE B 1273 -22.35 35.04 10.72
N ILE B 1274 -22.48 35.95 9.75
CA ILE B 1274 -21.35 36.81 9.38
C ILE B 1274 -20.91 37.64 10.57
N GLU B 1275 -21.87 38.17 11.35
CA GLU B 1275 -21.53 38.96 12.53
C GLU B 1275 -20.81 38.12 13.56
N GLN B 1276 -21.21 36.86 13.73
CA GLN B 1276 -20.50 35.96 14.64
C GLN B 1276 -19.07 35.74 14.18
N ILE B 1277 -18.87 35.55 12.88
CA ILE B 1277 -17.52 35.36 12.36
C ILE B 1277 -16.70 36.63 12.51
N SER B 1278 -17.32 37.79 12.28
CA SER B 1278 -16.59 39.06 12.36
C SER B 1278 -16.15 39.34 13.79
N GLU B 1279 -17.06 39.22 14.75
CA GLU B 1279 -16.70 39.44 16.15
C GLU B 1279 -15.63 38.46 16.61
N PHE B 1280 -15.77 37.19 16.23
CA PHE B 1280 -14.75 36.20 16.57
C PHE B 1280 -13.42 36.54 15.94
N SER B 1281 -13.42 36.95 14.66
CA SER B 1281 -12.18 37.28 13.98
C SER B 1281 -11.53 38.51 14.59
N LYS B 1282 -12.32 39.55 14.87
CA LYS B 1282 -11.78 40.77 15.47
C LYS B 1282 -11.20 40.50 16.85
N ARG B 1283 -11.67 39.45 17.53
CA ARG B 1283 -11.22 39.16 18.88
C ARG B 1283 -9.98 38.29 18.91
N VAL B 1284 -9.91 37.24 18.08
CA VAL B 1284 -8.84 36.26 18.20
C VAL B 1284 -8.08 36.01 16.90
N ILE B 1285 -8.63 36.30 15.72
CA ILE B 1285 -7.94 35.95 14.49
C ILE B 1285 -6.95 37.06 14.10
N LEU B 1286 -7.38 38.32 14.17
CA LEU B 1286 -6.53 39.48 13.91
C LEU B 1286 -5.95 39.44 12.49
N ALA B 1287 -6.83 39.29 11.50
CA ALA B 1287 -6.46 39.32 10.09
C ALA B 1287 -7.39 40.30 9.38
N ASP B 1288 -7.18 41.60 9.66
CA ASP B 1288 -8.12 42.62 9.22
C ASP B 1288 -8.21 42.68 7.70
N ALA B 1289 -7.09 42.47 7.00
CA ALA B 1289 -7.11 42.52 5.54
C ALA B 1289 -8.02 41.43 4.98
N ASN B 1290 -7.92 40.22 5.51
CA ASN B 1290 -8.75 39.12 5.02
C ASN B 1290 -10.19 39.26 5.46
N LEU B 1291 -10.44 39.81 6.66
CA LEU B 1291 -11.82 39.99 7.10
C LEU B 1291 -12.54 41.03 6.24
N ASP B 1292 -11.85 42.14 5.92
CA ASP B 1292 -12.45 43.12 5.03
C ASP B 1292 -12.76 42.52 3.67
N LYS B 1293 -11.86 41.67 3.15
CA LYS B 1293 -12.13 40.99 1.89
C LYS B 1293 -13.27 39.99 2.02
N VAL B 1294 -13.42 39.37 3.19
CA VAL B 1294 -14.53 38.45 3.41
C VAL B 1294 -15.86 39.20 3.44
N LEU B 1295 -15.93 40.27 4.23
CA LEU B 1295 -17.16 41.05 4.30
C LEU B 1295 -17.50 41.65 2.94
N SER B 1296 -16.49 42.10 2.20
CA SER B 1296 -16.73 42.65 0.87
C SER B 1296 -17.22 41.56 -0.09
N ALA B 1297 -16.72 40.34 0.06
CA ALA B 1297 -17.17 39.25 -0.79
C ALA B 1297 -18.58 38.81 -0.43
N TYR B 1298 -18.96 38.91 0.85
CA TYR B 1298 -20.31 38.53 1.26
C TYR B 1298 -21.34 39.52 0.73
N ASN B 1299 -21.01 40.81 0.72
CA ASN B 1299 -21.95 41.82 0.25
C ASN B 1299 -22.20 41.71 -1.25
N LYS B 1300 -21.21 41.21 -2.01
CA LYS B 1300 -21.35 41.15 -3.45
C LYS B 1300 -22.29 40.03 -3.91
N HIS B 1301 -22.62 39.08 -3.03
CA HIS B 1301 -23.45 37.94 -3.39
C HIS B 1301 -24.67 37.83 -2.49
N ARG B 1302 -25.16 38.95 -1.96
CA ARG B 1302 -26.33 38.90 -1.09
C ARG B 1302 -27.61 38.61 -1.86
N ASP B 1303 -27.60 38.75 -3.19
CA ASP B 1303 -28.75 38.41 -4.02
C ASP B 1303 -28.66 37.00 -4.58
N LYS B 1304 -27.56 36.29 -4.34
CA LYS B 1304 -27.44 34.89 -4.75
C LYS B 1304 -28.46 34.04 -3.98
N PRO B 1305 -28.79 32.87 -4.51
CA PRO B 1305 -29.71 31.99 -3.79
C PRO B 1305 -29.18 31.64 -2.40
N ILE B 1306 -30.12 31.42 -1.48
CA ILE B 1306 -29.76 31.14 -0.09
C ILE B 1306 -28.94 29.85 0.01
N ARG B 1307 -29.23 28.88 -0.86
CA ARG B 1307 -28.44 27.65 -0.86
C ARG B 1307 -26.97 27.95 -1.15
N GLU B 1308 -26.70 28.75 -2.18
CA GLU B 1308 -25.33 29.05 -2.55
C GLU B 1308 -24.62 29.86 -1.47
N GLN B 1309 -25.32 30.82 -0.86
CA GLN B 1309 -24.69 31.63 0.18
C GLN B 1309 -24.35 30.78 1.40
N ALA B 1310 -25.23 29.83 1.77
CA ALA B 1310 -24.94 28.98 2.91
C ALA B 1310 -23.76 28.07 2.63
N GLU B 1311 -23.63 27.57 1.40
CA GLU B 1311 -22.49 26.71 1.06
C GLU B 1311 -21.17 27.46 1.16
N ASN B 1312 -21.14 28.70 0.68
CA ASN B 1312 -19.91 29.48 0.70
C ASN B 1312 -19.62 30.08 2.08
N ILE B 1313 -20.66 30.32 2.88
CA ILE B 1313 -20.44 30.73 4.26
C ILE B 1313 -19.73 29.63 5.05
N ILE B 1314 -20.05 28.37 4.73
CA ILE B 1314 -19.33 27.25 5.34
C ILE B 1314 -17.85 27.31 5.02
N HIS B 1315 -17.48 27.80 3.84
CA HIS B 1315 -16.07 27.98 3.50
C HIS B 1315 -15.41 29.03 4.38
N LEU B 1316 -16.17 30.05 4.80
CA LEU B 1316 -15.60 31.14 5.59
C LEU B 1316 -15.05 30.67 6.93
N PHE B 1317 -15.51 29.53 7.44
CA PHE B 1317 -15.01 29.05 8.72
C PHE B 1317 -13.56 28.61 8.65
N THR B 1318 -13.02 28.40 7.45
CA THR B 1318 -11.57 28.19 7.32
C THR B 1318 -10.79 29.35 7.92
N LEU B 1319 -11.32 30.57 7.81
CA LEU B 1319 -10.66 31.72 8.42
C LEU B 1319 -10.56 31.55 9.94
N THR B 1320 -11.57 30.95 10.56
CA THR B 1320 -11.68 30.88 12.00
C THR B 1320 -11.30 29.51 12.57
N ASN B 1321 -11.05 28.52 11.73
CA ASN B 1321 -10.76 27.17 12.21
C ASN B 1321 -9.55 27.15 13.13
N LEU B 1322 -9.54 26.18 14.03
CA LEU B 1322 -8.35 25.90 14.83
C LEU B 1322 -7.24 25.38 13.94
N GLY B 1323 -6.00 25.77 14.26
CA GLY B 1323 -4.84 25.22 13.57
C GLY B 1323 -4.15 26.16 12.61
N ALA B 1324 -3.47 25.59 11.60
CA ALA B 1324 -2.71 26.33 10.61
C ALA B 1324 -3.66 27.07 9.65
N PRO B 1325 -3.38 28.34 9.35
CA PRO B 1325 -4.19 29.06 8.38
C PRO B 1325 -4.12 28.40 7.00
N ALA B 1326 -5.22 28.52 6.26
CA ALA B 1326 -5.30 27.92 4.93
C ALA B 1326 -6.15 28.82 4.04
N ALA B 1327 -5.88 28.75 2.74
CA ALA B 1327 -6.65 29.52 1.78
C ALA B 1327 -8.06 28.97 1.64
N PHE B 1328 -8.99 29.84 1.26
CA PHE B 1328 -10.37 29.43 1.03
C PHE B 1328 -11.01 30.39 0.03
N LYS B 1329 -12.14 29.97 -0.51
CA LYS B 1329 -12.85 30.72 -1.54
C LYS B 1329 -14.29 30.99 -1.10
N TYR B 1330 -14.72 32.24 -1.23
CA TYR B 1330 -16.12 32.62 -1.07
C TYR B 1330 -16.63 33.04 -2.44
N PHE B 1331 -17.41 32.16 -3.07
CA PHE B 1331 -17.84 32.31 -4.47
C PHE B 1331 -16.58 32.35 -5.32
N ASP B 1332 -16.33 33.43 -6.07
CA ASP B 1332 -15.15 33.51 -6.92
C ASP B 1332 -13.98 34.22 -6.28
N THR B 1333 -14.14 34.74 -5.06
CA THR B 1333 -13.07 35.44 -4.38
C THR B 1333 -12.23 34.46 -3.59
N THR B 1334 -10.91 34.52 -3.78
CA THR B 1334 -9.96 33.69 -3.06
C THR B 1334 -9.30 34.52 -1.96
N ILE B 1335 -9.34 34.01 -0.73
CA ILE B 1335 -8.72 34.67 0.41
C ILE B 1335 -7.49 33.84 0.79
N ASP B 1336 -6.31 34.35 0.46
CA ASP B 1336 -5.08 33.67 0.82
C ASP B 1336 -4.86 33.73 2.32
N ARG B 1337 -4.16 32.72 2.84
CA ARG B 1337 -4.00 32.57 4.28
C ARG B 1337 -3.19 33.72 4.86
N LYS B 1338 -3.59 34.15 6.05
CA LYS B 1338 -2.81 35.09 6.86
C LYS B 1338 -2.06 34.28 7.90
N GLU B 1339 -0.75 34.14 7.71
CA GLU B 1339 0.07 33.39 8.65
C GLU B 1339 0.60 34.29 9.76
N TYR B 1340 0.86 33.69 10.91
CA TYR B 1340 1.40 34.37 12.08
C TYR B 1340 2.88 33.99 12.18
N ARG B 1341 3.70 34.66 11.39
CA ARG B 1341 5.12 34.32 11.28
C ARG B 1341 5.96 35.13 12.28
N SER B 1342 5.53 35.13 13.53
CA SER B 1342 6.26 35.74 14.64
C SER B 1342 5.77 35.09 15.92
N THR B 1343 6.71 34.71 16.78
CA THR B 1343 6.39 34.07 18.05
C THR B 1343 6.76 34.92 19.25
N LYS B 1344 7.09 36.19 19.04
CA LYS B 1344 7.54 37.03 20.15
C LYS B 1344 6.46 37.21 21.19
N GLU B 1345 5.20 37.37 20.76
CA GLU B 1345 4.13 37.72 21.69
C GLU B 1345 3.86 36.63 22.71
N VAL B 1346 4.16 35.36 22.40
CA VAL B 1346 3.91 34.30 23.37
C VAL B 1346 4.92 34.28 24.50
N LEU B 1347 6.05 35.00 24.34
CA LEU B 1347 7.08 35.01 25.37
C LEU B 1347 6.64 35.74 26.64
N ASP B 1348 5.59 36.56 26.56
CA ASP B 1348 5.03 37.22 27.73
C ASP B 1348 3.57 36.84 27.96
N ALA B 1349 3.10 35.77 27.32
CA ALA B 1349 1.71 35.34 27.42
C ALA B 1349 1.60 34.27 28.50
N THR B 1350 0.50 33.51 28.50
CA THR B 1350 0.25 32.46 29.48
C THR B 1350 0.39 31.11 28.79
N LEU B 1351 1.42 30.36 29.16
CA LEU B 1351 1.60 29.00 28.66
C LEU B 1351 0.63 28.06 29.36
N ILE B 1352 -0.04 27.21 28.59
CA ILE B 1352 -1.05 26.30 29.11
C ILE B 1352 -0.61 24.87 28.82
N HIS B 1353 -0.26 24.13 29.87
CA HIS B 1353 -0.02 22.69 29.77
C HIS B 1353 -1.33 21.97 30.07
N GLN B 1354 -1.82 21.20 29.10
CA GLN B 1354 -3.08 20.49 29.22
C GLN B 1354 -2.84 18.99 29.35
N SER B 1355 -3.65 18.34 30.18
CA SER B 1355 -3.67 16.88 30.21
C SER B 1355 -4.33 16.37 28.92
N ILE B 1356 -4.46 15.04 28.81
CA ILE B 1356 -4.93 14.47 27.56
C ILE B 1356 -6.37 14.87 27.28
N THR B 1357 -7.19 14.98 28.33
CA THR B 1357 -8.57 15.42 28.19
C THR B 1357 -8.72 16.94 28.22
N GLY B 1358 -7.66 17.66 28.56
CA GLY B 1358 -7.74 19.10 28.78
C GLY B 1358 -8.38 19.50 30.08
N LEU B 1359 -8.75 18.55 30.93
CA LEU B 1359 -9.41 18.87 32.20
C LEU B 1359 -8.42 19.38 33.25
N TYR B 1360 -7.19 18.87 33.23
CA TYR B 1360 -6.14 19.30 34.15
C TYR B 1360 -5.21 20.26 33.44
N GLU B 1361 -4.99 21.44 34.04
CA GLU B 1361 -4.22 22.50 33.42
C GLU B 1361 -3.17 23.03 34.38
N THR B 1362 -2.00 23.33 33.84
CA THR B 1362 -0.97 24.09 34.53
C THR B 1362 -0.68 25.33 33.69
N ARG B 1363 -0.95 26.51 34.25
CA ARG B 1363 -0.83 27.77 33.53
C ARG B 1363 0.36 28.54 34.07
N ILE B 1364 1.25 28.96 33.17
CA ILE B 1364 2.48 29.66 33.53
C ILE B 1364 2.44 31.05 32.89
N ASP B 1365 2.46 32.08 33.72
CA ASP B 1365 2.52 33.46 33.26
C ASP B 1365 3.98 33.77 32.91
N LEU B 1366 4.29 33.75 31.61
CA LEU B 1366 5.67 33.97 31.18
C LEU B 1366 6.12 35.42 31.32
N SER B 1367 5.19 36.36 31.50
CA SER B 1367 5.57 37.75 31.68
C SER B 1367 6.39 37.95 32.95
N GLN B 1368 6.26 37.04 33.92
CA GLN B 1368 7.06 37.10 35.14
C GLN B 1368 8.48 36.60 34.94
N LEU B 1369 8.77 35.93 33.82
CA LEU B 1369 10.11 35.44 33.54
C LEU B 1369 10.90 36.46 32.75
N GLY B 1370 12.20 36.54 33.04
CA GLY B 1370 13.08 37.47 32.35
C GLY B 1370 13.70 38.50 33.28
K K E . 7.18 10.53 15.80
K K F . -1.11 17.31 26.33
K K G . 23.46 12.63 -15.85
MG MG H . 26.96 7.29 4.44
MG MG I . 24.23 9.99 -12.52
MG MG J . 20.21 2.62 -6.68
C1 EDO K . 14.95 2.70 14.59
O1 EDO K . 14.87 1.49 15.36
C2 EDO K . 13.63 2.91 13.84
O2 EDO K . 13.44 1.86 12.87
C ACT L . 9.92 11.54 20.95
O ACT L . 10.56 12.23 20.12
OXT ACT L . 9.67 10.36 20.60
CH3 ACT L . 9.50 12.07 22.28
K K M . 10.55 -22.35 -1.23
K K N . 18.20 18.91 -18.17
K K O . 20.60 20.44 -14.69
K K P . 4.99 12.68 11.66
K K Q . 44.86 24.22 -3.72
K K R . -1.69 -9.50 -42.09
K K S . -17.02 -26.79 -3.94
C1 EDO T . 19.70 12.41 15.66
O1 EDO T . 18.49 12.69 14.93
C2 EDO T . 20.47 13.71 15.88
O2 EDO T . 19.72 14.58 16.74
C1 EDO U . -9.92 40.81 11.66
O1 EDO U . -9.71 39.58 12.37
C2 EDO U . -9.82 41.99 12.62
O2 EDO U . -8.51 42.04 13.20
C1 EDO V . 14.61 27.62 12.91
O1 EDO V . 13.89 27.81 14.13
C2 EDO V . 15.67 26.54 13.09
O2 EDO V . 16.46 26.85 14.24
C1 EDO W . 24.33 2.88 -17.62
O1 EDO W . 23.20 2.05 -17.40
C2 EDO W . 25.58 2.16 -17.13
O2 EDO W . 26.68 2.48 -17.99
#